data_1S7W
#
_entry.id   1S7W
#
_cell.length_a   92.245
_cell.length_b   123.302
_cell.length_c   99.299
_cell.angle_alpha   90.00
_cell.angle_beta   103.13
_cell.angle_gamma   90.00
#
_symmetry.space_group_name_H-M   'P 1 21 1'
#
loop_
_entity.id
_entity.type
_entity.pdbx_description
1 polymer 'H-2 class I histocompatibility antigen, D-B alpha chain'
2 polymer Beta-2-microglobulin
3 polymer 'Glycoprotein 9-residue peptide'
4 water water
#
loop_
_entity_poly.entity_id
_entity_poly.type
_entity_poly.pdbx_seq_one_letter_code
_entity_poly.pdbx_strand_id
1 'polypeptide(L)'
;GPHSMRYFETAVSRPGLEEPRYISVGYVDNKEFVRFDSDAENPRYEPRAPWMEQEGPEYWERETQKAKGQEQWFRVSLRN
LLGYYNQSAGGSHTLQQMSGCDLGSDWRLLRGYLQFAYEGRDYIALNEDLKTWTAADMAAQITRRKWEQSGAAEHYKAYL
EGECVEWLHRYLKNGNATLLRTDSPKAHVTHHPRSKGEVTLRCWALGFYPADITLTWQLNGEELTQDMELVETRPAGDGT
FQKWASVVVPLGKEQNYTCRVYHEGLPEPLTLRWEPPPSTDSYMVIVAVLGVLGAMAIIGAVVAFVMKRRRNTGGKGGDY
ALAPGSQSSEMSLRDCKA
;
A,D,G,J
2 'polypeptide(L)'
;IQKTPQIQVYSRHPPENGKPNILNCYVTQFHPPHIEIQMLKNGKKIPKVEMSDMSFSKDWSFYILAHTEFTPTETDTYAC
RVKHDSMAEPKTVYWDRDM
;
B,E,H,K
3 'polypeptide(L)' KALYNFATM C,F,I,L
#
# COMPACT_ATOMS: atom_id res chain seq x y z
N GLY A 1 -17.69 31.31 -49.60
CA GLY A 1 -16.31 31.14 -50.13
C GLY A 1 -15.30 31.40 -49.04
N PRO A 2 -15.61 32.34 -48.13
CA PRO A 2 -14.71 32.72 -47.05
C PRO A 2 -14.64 31.69 -45.90
N HIS A 3 -13.61 31.80 -45.09
CA HIS A 3 -13.29 30.82 -44.06
C HIS A 3 -12.66 31.51 -42.87
N SER A 4 -12.69 30.85 -41.73
CA SER A 4 -12.11 31.42 -40.51
C SER A 4 -11.62 30.35 -39.57
N MET A 5 -10.69 30.72 -38.69
CA MET A 5 -10.36 29.91 -37.53
C MET A 5 -10.39 30.79 -36.27
N ARG A 6 -10.93 30.23 -35.19
CA ARG A 6 -10.90 30.84 -33.89
C ARG A 6 -10.65 29.84 -32.75
N TYR A 7 -9.68 30.15 -31.90
CA TYR A 7 -9.60 29.83 -30.46
C TYR A 7 -10.19 30.88 -29.46
N PHE A 8 -11.12 30.37 -28.64
CA PHE A 8 -11.82 31.12 -27.61
C PHE A 8 -11.38 30.52 -26.29
N GLU A 9 -10.72 31.33 -25.47
CA GLU A 9 -10.01 30.86 -24.29
C GLU A 9 -10.57 31.58 -23.08
N THR A 10 -10.72 30.83 -21.99
CA THR A 10 -11.32 31.34 -20.76
C THR A 10 -10.61 30.78 -19.55
N ALA A 11 -10.35 31.62 -18.55
CA ALA A 11 -9.91 31.17 -17.24
C ALA A 11 -10.76 31.79 -16.17
N VAL A 12 -11.13 31.03 -15.14
CA VAL A 12 -12.07 31.51 -14.13
C VAL A 12 -11.54 31.24 -12.71
N SER A 13 -11.34 32.26 -11.92
CA SER A 13 -10.95 32.12 -10.54
C SER A 13 -12.22 32.24 -9.71
N ARG A 14 -12.29 31.43 -8.66
CA ARG A 14 -13.38 31.45 -7.69
C ARG A 14 -12.79 31.49 -6.27
N PRO A 15 -13.52 32.07 -5.31
CA PRO A 15 -12.96 32.45 -3.98
C PRO A 15 -12.02 31.45 -3.32
N GLY A 16 -12.45 30.21 -3.16
CA GLY A 16 -11.69 29.24 -2.41
C GLY A 16 -10.72 28.41 -3.22
N LEU A 17 -11.03 28.18 -4.51
CA LEU A 17 -10.32 27.15 -5.28
C LEU A 17 -8.87 27.55 -5.56
N GLU A 18 -7.94 26.69 -5.13
CA GLU A 18 -6.52 26.89 -5.34
C GLU A 18 -6.16 27.46 -6.73
N GLU A 19 -6.53 26.74 -7.80
CA GLU A 19 -6.16 27.19 -9.14
C GLU A 19 -7.40 27.47 -10.02
N PRO A 20 -7.28 28.38 -10.97
CA PRO A 20 -8.43 28.70 -11.83
C PRO A 20 -8.71 27.60 -12.85
N ARG A 21 -9.95 27.57 -13.33
CA ARG A 21 -10.33 26.65 -14.40
C ARG A 21 -10.08 27.30 -15.77
N TYR A 22 -9.34 26.61 -16.64
CA TYR A 22 -9.02 27.10 -17.98
C TYR A 22 -9.64 26.20 -19.07
N ILE A 23 -10.34 26.83 -20.00
CA ILE A 23 -11.01 26.16 -21.10
C ILE A 23 -10.69 26.86 -22.40
N SER A 24 -10.45 26.05 -23.44
CA SER A 24 -10.11 26.54 -24.74
C SER A 24 -10.91 25.77 -25.77
N VAL A 25 -11.48 26.51 -26.70
CA VAL A 25 -12.28 25.93 -27.75
C VAL A 25 -11.82 26.52 -29.05
N GLY A 26 -11.53 25.63 -29.99
CA GLY A 26 -11.16 26.02 -31.32
C GLY A 26 -12.30 25.76 -32.27
N TYR A 27 -12.39 26.62 -33.29
CA TYR A 27 -13.44 26.64 -34.27
C TYR A 27 -12.79 26.82 -35.65
N VAL A 28 -13.22 26.01 -36.62
CA VAL A 28 -13.00 26.28 -38.05
C VAL A 28 -14.37 26.58 -38.70
N ASP A 29 -14.44 27.62 -39.53
CA ASP A 29 -15.70 28.17 -40.05
C ASP A 29 -16.86 28.18 -39.04
N ASN A 30 -16.58 28.60 -37.81
CA ASN A 30 -17.57 28.73 -36.73
C ASN A 30 -18.15 27.43 -36.20
N LYS A 31 -17.52 26.32 -36.53
CA LYS A 31 -17.90 25.03 -35.99
C LYS A 31 -16.78 24.56 -35.08
N GLU A 32 -17.14 24.14 -33.87
CA GLU A 32 -16.19 23.65 -32.89
C GLU A 32 -15.42 22.44 -33.45
N PHE A 33 -14.10 22.42 -33.31
CA PHE A 33 -13.32 21.25 -33.77
C PHE A 33 -12.31 20.72 -32.79
N VAL A 34 -11.96 21.50 -31.77
CA VAL A 34 -11.11 21.03 -30.69
C VAL A 34 -11.49 21.67 -29.36
N ARG A 35 -11.13 21.01 -28.26
CA ARG A 35 -11.41 21.53 -26.91
C ARG A 35 -10.44 21.00 -25.85
N PHE A 36 -10.07 21.87 -24.92
CA PHE A 36 -9.25 21.52 -23.76
C PHE A 36 -9.95 22.06 -22.57
N ASP A 37 -9.99 21.29 -21.49
CA ASP A 37 -10.62 21.69 -20.26
C ASP A 37 -9.79 21.19 -19.07
N SER A 38 -9.31 22.10 -18.23
CA SER A 38 -8.43 21.71 -17.12
C SER A 38 -9.14 21.00 -15.95
N ASP A 39 -10.47 21.01 -15.95
CA ASP A 39 -11.29 20.22 -15.02
C ASP A 39 -11.30 18.72 -15.36
N ALA A 40 -11.08 18.37 -16.63
CA ALA A 40 -11.09 16.95 -17.05
C ALA A 40 -10.07 16.10 -16.29
N GLU A 41 -10.35 14.80 -16.23
CA GLU A 41 -9.56 13.84 -15.43
C GLU A 41 -8.04 13.99 -15.71
N ASN A 42 -7.70 13.98 -16.98
CA ASN A 42 -6.33 14.00 -17.48
C ASN A 42 -6.41 14.98 -18.66
N PRO A 43 -6.26 16.28 -18.41
CA PRO A 43 -6.63 17.28 -19.41
C PRO A 43 -5.78 17.23 -20.67
N ARG A 44 -6.46 17.23 -21.82
CA ARG A 44 -5.82 17.35 -23.12
C ARG A 44 -6.77 18.00 -24.11
N TYR A 45 -6.21 18.41 -25.23
CA TYR A 45 -7.01 18.81 -26.37
C TYR A 45 -7.62 17.53 -26.96
N GLU A 46 -8.92 17.57 -27.21
CA GLU A 46 -9.66 16.44 -27.76
C GLU A 46 -10.25 16.89 -29.06
N PRO A 47 -10.40 15.98 -30.01
CA PRO A 47 -11.09 16.31 -31.24
C PRO A 47 -12.57 16.50 -30.97
N ARG A 48 -13.21 17.36 -31.74
CA ARG A 48 -14.62 17.65 -31.51
C ARG A 48 -15.49 17.57 -32.77
N ALA A 49 -14.86 17.26 -33.90
CA ALA A 49 -15.54 16.76 -35.08
C ALA A 49 -14.80 15.52 -35.57
N PRO A 50 -15.52 14.56 -36.13
CA PRO A 50 -14.89 13.34 -36.69
C PRO A 50 -13.72 13.58 -37.67
N TRP A 51 -13.72 14.67 -38.41
CA TRP A 51 -12.64 14.90 -39.40
C TRP A 51 -11.26 15.17 -38.77
N MET A 52 -11.22 15.50 -37.47
CA MET A 52 -9.97 15.78 -36.77
C MET A 52 -9.24 14.52 -36.27
N GLU A 53 -9.87 13.35 -36.33
CA GLU A 53 -9.20 12.11 -35.90
C GLU A 53 -8.05 11.67 -36.81
N GLN A 54 -7.92 12.25 -38.00
CA GLN A 54 -6.76 11.95 -38.88
C GLN A 54 -5.39 12.35 -38.28
N GLU A 55 -5.38 13.37 -37.42
CA GLU A 55 -4.16 13.86 -36.79
C GLU A 55 -3.64 12.83 -35.79
N GLY A 56 -2.36 12.52 -35.91
CA GLY A 56 -1.74 11.51 -35.07
C GLY A 56 -1.40 12.07 -33.72
N PRO A 57 -0.82 11.23 -32.88
CA PRO A 57 -0.57 11.59 -31.47
C PRO A 57 0.39 12.78 -31.29
N GLU A 58 1.41 12.95 -32.15
CA GLU A 58 2.28 14.17 -32.10
C GLU A 58 1.55 15.52 -32.25
N TYR A 59 0.49 15.57 -33.04
CA TYR A 59 -0.36 16.72 -33.07
C TYR A 59 -1.01 16.98 -31.71
N TRP A 60 -1.62 15.95 -31.10
CA TRP A 60 -2.35 16.16 -29.84
C TRP A 60 -1.41 16.49 -28.69
N GLU A 61 -0.26 15.84 -28.62
CA GLU A 61 0.67 16.04 -27.51
C GLU A 61 1.16 17.50 -27.51
N ARG A 62 1.45 18.05 -28.68
CA ARG A 62 1.92 19.42 -28.83
C ARG A 62 0.83 20.42 -28.49
N GLU A 63 -0.36 20.23 -29.06
CA GLU A 63 -1.49 21.10 -28.72
C GLU A 63 -1.80 21.12 -27.23
N THR A 64 -1.70 19.96 -26.57
CA THR A 64 -2.00 19.86 -25.13
C THR A 64 -1.02 20.69 -24.31
N GLN A 65 0.26 20.62 -24.69
CA GLN A 65 1.33 21.37 -24.01
C GLN A 65 1.12 22.83 -24.23
N LYS A 66 0.68 23.23 -25.42
CA LYS A 66 0.36 24.63 -25.66
C LYS A 66 -0.77 25.07 -24.73
N ALA A 67 -1.78 24.23 -24.58
CA ALA A 67 -2.85 24.50 -23.67
C ALA A 67 -2.34 24.65 -22.24
N LYS A 68 -1.42 23.79 -21.79
CA LYS A 68 -0.96 23.87 -20.42
C LYS A 68 -0.19 25.16 -20.22
N GLY A 69 0.55 25.58 -21.24
CA GLY A 69 1.25 26.84 -21.19
C GLY A 69 0.28 28.02 -21.07
N GLN A 70 -0.75 28.06 -21.91
CA GLN A 70 -1.80 29.10 -21.85
C GLN A 70 -2.42 29.18 -20.46
N GLU A 71 -2.72 28.01 -19.89
CA GLU A 71 -3.31 27.96 -18.56
C GLU A 71 -2.34 28.60 -17.56
N GLN A 72 -1.04 28.36 -17.71
CA GLN A 72 -0.05 29.05 -16.85
C GLN A 72 -0.09 30.57 -17.09
N TRP A 73 -0.21 30.98 -18.34
CA TRP A 73 -0.28 32.39 -18.73
C TRP A 73 -1.53 33.08 -18.14
N PHE A 74 -2.68 32.40 -18.22
CA PHE A 74 -3.95 32.93 -17.71
C PHE A 74 -3.87 33.01 -16.20
N ARG A 75 -3.21 32.06 -15.58
CA ARG A 75 -3.02 32.05 -14.15
C ARG A 75 -2.26 33.31 -13.69
N VAL A 76 -1.12 33.60 -14.33
CA VAL A 76 -0.30 34.72 -13.90
C VAL A 76 -1.04 36.03 -14.22
N SER A 77 -1.76 36.07 -15.33
CA SER A 77 -2.40 37.30 -15.79
C SER A 77 -3.57 37.64 -14.89
N LEU A 78 -4.32 36.60 -14.51
CA LEU A 78 -5.42 36.77 -13.58
C LEU A 78 -4.86 37.45 -12.31
N ARG A 79 -3.72 36.97 -11.87
CA ARG A 79 -3.10 37.43 -10.65
C ARG A 79 -2.69 38.89 -10.79
N ASN A 80 -2.01 39.22 -11.89
CA ASN A 80 -1.58 40.57 -12.16
C ASN A 80 -2.76 41.54 -12.28
N LEU A 81 -3.86 41.12 -12.91
CA LEU A 81 -5.05 41.97 -13.03
C LEU A 81 -5.70 42.29 -11.70
N LEU A 82 -5.67 41.32 -10.81
CA LEU A 82 -6.17 41.51 -9.46
C LEU A 82 -5.54 42.74 -8.84
N GLY A 83 -4.20 42.77 -8.86
CA GLY A 83 -3.44 43.95 -8.45
C GLY A 83 -3.69 45.22 -9.27
N TYR A 84 -3.76 45.11 -10.60
CA TYR A 84 -4.00 46.30 -11.41
C TYR A 84 -5.30 46.98 -11.00
N TYR A 85 -6.31 46.22 -10.56
CA TYR A 85 -7.62 46.77 -10.30
C TYR A 85 -7.88 46.90 -8.79
N ASN A 86 -6.84 46.75 -7.99
CA ASN A 86 -6.94 46.83 -6.52
C ASN A 86 -8.18 46.04 -6.01
N GLN A 87 -8.33 44.83 -6.53
CA GLN A 87 -9.40 43.91 -6.16
C GLN A 87 -8.78 43.10 -5.09
N SER A 88 -9.52 42.82 -4.04
CA SER A 88 -8.90 42.03 -3.00
C SER A 88 -9.25 40.56 -3.27
N ALA A 89 -8.90 39.69 -2.32
CA ALA A 89 -9.14 38.26 -2.43
C ALA A 89 -10.58 37.96 -2.08
N GLY A 90 -11.09 36.83 -2.55
CA GLY A 90 -12.42 36.35 -2.16
C GLY A 90 -13.52 36.69 -3.16
N GLY A 91 -13.12 37.10 -4.36
CA GLY A 91 -14.05 37.39 -5.45
C GLY A 91 -13.90 36.34 -6.55
N SER A 92 -14.73 36.48 -7.58
CA SER A 92 -14.65 35.62 -8.74
C SER A 92 -14.25 36.45 -9.91
N HIS A 93 -13.42 35.91 -10.78
CA HIS A 93 -12.86 36.67 -11.88
C HIS A 93 -12.71 35.89 -13.18
N THR A 94 -12.82 36.59 -14.29
CA THR A 94 -12.84 35.99 -15.59
C THR A 94 -11.85 36.66 -16.51
N LEU A 95 -11.14 35.84 -17.27
CA LEU A 95 -10.26 36.32 -18.32
C LEU A 95 -10.55 35.52 -19.59
N GLN A 96 -10.74 36.21 -20.70
CA GLN A 96 -11.09 35.59 -21.96
C GLN A 96 -10.25 36.17 -23.08
N GLN A 97 -10.09 35.39 -24.13
CA GLN A 97 -9.23 35.69 -25.25
C GLN A 97 -9.91 35.13 -26.50
N MET A 98 -9.83 35.92 -27.57
CA MET A 98 -10.27 35.48 -28.85
C MET A 98 -9.09 35.48 -29.85
N SER A 99 -9.34 34.63 -30.84
N SER A 99 -9.33 34.65 -30.86
CA SER A 99 -8.33 33.91 -31.65
CA SER A 99 -8.33 33.91 -31.65
C SER A 99 -7.52 34.78 -32.59
C SER A 99 -7.51 34.76 -32.59
N GLY A 100 -7.70 34.45 -33.89
CA GLY A 100 -6.87 34.87 -34.98
C GLY A 100 -7.44 35.15 -36.35
N CYS A 101 -7.92 34.23 -37.20
CA CYS A 101 -7.99 34.62 -38.66
C CYS A 101 -9.17 34.35 -39.56
N ASP A 102 -9.38 35.29 -40.50
CA ASP A 102 -10.36 35.24 -41.57
C ASP A 102 -9.68 35.23 -42.95
N LEU A 103 -10.00 34.24 -43.78
CA LEU A 103 -9.59 34.23 -45.19
C LEU A 103 -10.74 34.59 -46.12
N GLY A 104 -10.39 35.15 -47.28
CA GLY A 104 -11.32 35.36 -48.36
C GLY A 104 -11.50 34.11 -49.18
N SER A 105 -12.31 34.21 -50.23
CA SER A 105 -12.56 33.11 -51.16
C SER A 105 -11.28 32.57 -51.78
N ASP A 106 -10.31 33.46 -52.01
CA ASP A 106 -9.00 33.08 -52.56
C ASP A 106 -8.05 32.44 -51.52
N TRP A 107 -8.56 32.25 -50.32
CA TRP A 107 -7.82 31.62 -49.21
C TRP A 107 -6.67 32.49 -48.64
N ARG A 108 -6.64 33.78 -49.00
CA ARG A 108 -5.67 34.72 -48.44
C ARG A 108 -6.21 35.46 -47.22
N LEU A 109 -5.30 35.88 -46.36
CA LEU A 109 -5.66 36.56 -45.13
C LEU A 109 -6.39 37.86 -45.39
N LEU A 110 -7.60 37.96 -44.85
CA LEU A 110 -8.40 39.17 -44.84
C LEU A 110 -8.11 39.97 -43.59
N ARG A 111 -8.02 39.26 -42.46
CA ARG A 111 -7.90 39.91 -41.15
C ARG A 111 -7.44 38.97 -40.04
N GLY A 112 -6.63 39.51 -39.14
CA GLY A 112 -6.24 38.87 -37.91
C GLY A 112 -6.96 39.49 -36.72
N TYR A 113 -7.31 38.67 -35.72
CA TYR A 113 -8.02 39.08 -34.52
C TYR A 113 -7.23 38.66 -33.31
N LEU A 114 -7.18 39.54 -32.32
CA LEU A 114 -6.61 39.16 -31.03
C LEU A 114 -7.20 40.12 -30.03
N GLN A 115 -8.06 39.60 -29.17
CA GLN A 115 -8.77 40.42 -28.19
C GLN A 115 -8.81 39.73 -26.83
N PHE A 116 -8.75 40.54 -25.77
CA PHE A 116 -8.85 40.05 -24.42
C PHE A 116 -9.93 40.83 -23.66
N ALA A 117 -10.68 40.11 -22.83
CA ALA A 117 -11.63 40.69 -21.90
C ALA A 117 -11.36 40.27 -20.43
N TYR A 118 -11.56 41.22 -19.51
CA TYR A 118 -11.55 40.95 -18.07
C TYR A 118 -12.88 41.30 -17.49
N GLU A 119 -13.43 40.39 -16.69
CA GLU A 119 -14.78 40.46 -16.16
C GLU A 119 -15.80 40.74 -17.27
N GLY A 120 -15.58 40.16 -18.46
CA GLY A 120 -16.52 40.19 -19.56
C GLY A 120 -16.49 41.49 -20.33
N ARG A 121 -15.38 42.23 -20.19
CA ARG A 121 -15.27 43.63 -20.59
C ARG A 121 -13.96 43.80 -21.36
N ASP A 122 -14.02 44.52 -22.49
CA ASP A 122 -12.85 44.74 -23.33
C ASP A 122 -11.68 45.18 -22.45
N TYR A 123 -10.55 44.49 -22.50
CA TYR A 123 -9.36 44.86 -21.72
C TYR A 123 -8.29 45.39 -22.66
N ILE A 124 -7.86 44.55 -23.61
CA ILE A 124 -6.90 44.98 -24.61
C ILE A 124 -7.09 44.22 -25.93
N ALA A 125 -6.79 44.86 -27.05
CA ALA A 125 -6.93 44.21 -28.35
C ALA A 125 -5.91 44.74 -29.35
N LEU A 126 -5.38 43.83 -30.13
CA LEU A 126 -4.52 44.14 -31.24
C LEU A 126 -5.36 44.73 -32.35
N ASN A 127 -4.97 45.91 -32.84
CA ASN A 127 -5.67 46.56 -33.96
C ASN A 127 -5.42 45.80 -35.24
N GLU A 128 -6.16 46.14 -36.29
CA GLU A 128 -6.19 45.40 -37.54
C GLU A 128 -4.87 45.52 -38.32
N ASP A 129 -4.12 46.60 -38.12
CA ASP A 129 -2.73 46.74 -38.58
C ASP A 129 -1.78 45.68 -37.97
N LEU A 130 -2.21 45.00 -36.92
CA LEU A 130 -1.42 43.96 -36.21
C LEU A 130 -0.09 44.50 -35.66
N LYS A 131 -0.11 45.78 -35.25
CA LYS A 131 1.06 46.51 -34.85
C LYS A 131 0.83 47.39 -33.62
N THR A 132 -0.38 47.94 -33.49
CA THR A 132 -0.72 48.79 -32.37
C THR A 132 -1.83 48.15 -31.58
N TRP A 133 -2.00 48.63 -30.35
CA TRP A 133 -2.93 48.05 -29.37
C TRP A 133 -3.98 49.08 -28.99
N THR A 134 -5.20 48.62 -28.71
CA THR A 134 -6.24 49.44 -28.16
C THR A 134 -6.52 48.96 -26.74
N ALA A 135 -6.38 49.86 -25.78
CA ALA A 135 -6.69 49.59 -24.41
C ALA A 135 -7.37 50.80 -23.79
N ALA A 136 -8.63 50.65 -23.40
CA ALA A 136 -9.38 51.79 -22.94
C ALA A 136 -9.11 52.03 -21.45
N ASP A 137 -9.19 51.01 -20.61
CA ASP A 137 -9.13 51.18 -19.15
C ASP A 137 -7.80 51.74 -18.69
N MET A 138 -7.82 52.57 -17.65
CA MET A 138 -6.60 53.13 -17.11
C MET A 138 -5.71 51.99 -16.63
N ALA A 139 -6.30 50.98 -16.02
CA ALA A 139 -5.57 49.81 -15.56
C ALA A 139 -4.95 49.05 -16.74
N ALA A 140 -5.60 49.02 -17.87
CA ALA A 140 -5.06 48.29 -19.01
C ALA A 140 -3.80 48.95 -19.60
N GLN A 141 -3.53 50.20 -19.23
CA GLN A 141 -2.45 50.94 -19.86
C GLN A 141 -1.11 50.29 -19.44
N ILE A 142 -1.10 49.67 -18.27
CA ILE A 142 0.09 48.97 -17.75
C ILE A 142 0.47 47.78 -18.66
N THR A 143 -0.51 46.97 -19.02
CA THR A 143 -0.31 45.92 -19.98
C THR A 143 0.10 46.47 -21.36
N ARG A 144 -0.55 47.55 -21.80
CA ARG A 144 -0.27 48.12 -23.12
C ARG A 144 1.18 48.58 -23.23
N ARG A 145 1.69 49.23 -22.19
CA ARG A 145 3.09 49.67 -22.18
C ARG A 145 4.01 48.46 -22.17
N LYS A 146 3.75 47.51 -21.28
CA LYS A 146 4.62 46.36 -21.13
C LYS A 146 4.71 45.61 -22.48
N TRP A 147 3.58 45.48 -23.17
CA TRP A 147 3.50 44.79 -24.46
C TRP A 147 4.06 45.59 -25.65
N GLU A 148 3.97 46.91 -25.60
CA GLU A 148 4.66 47.74 -26.58
C GLU A 148 6.20 47.66 -26.44
N GLN A 149 6.66 47.52 -25.20
CA GLN A 149 8.09 47.54 -24.88
C GLN A 149 8.78 46.28 -25.37
N SER A 150 8.09 45.14 -25.27
CA SER A 150 8.64 43.82 -25.54
C SER A 150 8.35 43.28 -26.96
N GLY A 151 7.70 44.11 -27.79
CA GLY A 151 7.36 43.75 -29.17
C GLY A 151 6.38 42.58 -29.27
N ALA A 152 5.43 42.53 -28.34
CA ALA A 152 4.42 41.47 -28.36
C ALA A 152 3.64 41.43 -29.68
N ALA A 153 3.32 42.60 -30.22
CA ALA A 153 2.55 42.64 -31.46
C ALA A 153 3.20 41.81 -32.54
N GLU A 154 4.53 41.83 -32.63
CA GLU A 154 5.24 41.06 -33.67
C GLU A 154 5.04 39.55 -33.53
N HIS A 155 5.05 39.07 -32.32
CA HIS A 155 4.85 37.64 -32.05
C HIS A 155 3.46 37.24 -32.54
N TYR A 156 2.45 37.95 -32.07
CA TYR A 156 1.07 37.68 -32.48
C TYR A 156 0.79 37.88 -33.99
N LYS A 157 1.44 38.88 -34.60
CA LYS A 157 1.36 39.14 -36.04
C LYS A 157 1.93 37.97 -36.85
N ALA A 158 3.03 37.39 -36.38
CA ALA A 158 3.64 36.24 -37.04
C ALA A 158 2.73 35.03 -36.98
N TYR A 159 2.20 34.70 -35.80
CA TYR A 159 1.19 33.64 -35.68
C TYR A 159 0.03 33.88 -36.64
N LEU A 160 -0.49 35.10 -36.65
CA LEU A 160 -1.74 35.38 -37.33
C LEU A 160 -1.63 35.27 -38.84
N GLU A 161 -0.54 35.80 -39.40
CA GLU A 161 -0.22 35.73 -40.83
C GLU A 161 0.37 34.39 -41.28
N GLY A 162 0.91 33.64 -40.33
CA GLY A 162 1.71 32.45 -40.61
C GLY A 162 0.94 31.20 -40.21
N GLU A 163 1.17 30.69 -39.01
CA GLU A 163 0.57 29.43 -38.58
C GLU A 163 -0.94 29.43 -38.76
N CYS A 164 -1.61 30.51 -38.35
CA CYS A 164 -3.07 30.54 -38.43
C CYS A 164 -3.61 30.31 -39.84
N VAL A 165 -2.94 30.89 -40.83
CA VAL A 165 -3.32 30.71 -42.22
C VAL A 165 -2.95 29.30 -42.69
N GLU A 166 -1.68 28.95 -42.56
CA GLU A 166 -1.14 27.63 -42.96
C GLU A 166 -1.96 26.45 -42.44
N TRP A 167 -2.27 26.47 -41.14
CA TRP A 167 -2.97 25.35 -40.51
C TRP A 167 -4.45 25.36 -40.84
N LEU A 168 -5.04 26.54 -41.09
CA LEU A 168 -6.42 26.61 -41.55
C LEU A 168 -6.54 26.06 -42.97
N HIS A 169 -5.58 26.36 -43.83
CA HIS A 169 -5.51 25.76 -45.17
C HIS A 169 -5.56 24.23 -45.07
N ARG A 170 -4.69 23.68 -44.24
CA ARG A 170 -4.59 22.25 -43.98
C ARG A 170 -5.92 21.65 -43.44
N TYR A 171 -6.53 22.31 -42.48
CA TYR A 171 -7.76 21.84 -41.86
C TYR A 171 -8.91 21.78 -42.87
N LEU A 172 -8.93 22.75 -43.78
CA LEU A 172 -9.96 22.87 -44.80
C LEU A 172 -9.85 21.78 -45.86
N LYS A 173 -8.62 21.39 -46.18
CA LYS A 173 -8.40 20.26 -47.09
C LYS A 173 -8.82 18.93 -46.44
N ASN A 174 -8.73 18.86 -45.10
CA ASN A 174 -9.00 17.63 -44.34
C ASN A 174 -10.50 17.31 -44.11
N GLY A 175 -11.33 18.33 -43.89
CA GLY A 175 -12.74 18.11 -43.66
C GLY A 175 -13.58 18.72 -44.77
N ASN A 176 -13.40 18.22 -46.00
CA ASN A 176 -13.81 18.92 -47.23
C ASN A 176 -15.32 18.92 -47.57
N ALA A 177 -16.04 17.85 -47.20
CA ALA A 177 -17.52 17.74 -47.33
C ALA A 177 -18.29 17.94 -45.99
N THR A 178 -17.57 17.93 -44.85
CA THR A 178 -18.14 18.17 -43.51
C THR A 178 -18.43 19.67 -43.24
N LEU A 179 -17.61 20.56 -43.83
CA LEU A 179 -17.74 22.01 -43.67
C LEU A 179 -17.99 22.81 -44.97
N LEU A 180 -18.20 22.11 -46.08
CA LEU A 180 -18.68 22.72 -47.34
C LEU A 180 -20.16 22.31 -47.52
N ARG A 181 -20.98 22.69 -46.53
CA ARG A 181 -22.41 22.36 -46.50
C ARG A 181 -23.22 23.49 -45.82
N THR A 182 -24.39 23.77 -46.40
CA THR A 182 -25.39 24.64 -45.79
C THR A 182 -26.78 24.03 -45.99
N ASP A 183 -27.57 23.99 -44.92
CA ASP A 183 -28.95 23.52 -44.94
C ASP A 183 -29.90 24.68 -45.12
N SER A 184 -30.84 24.52 -46.04
CA SER A 184 -31.78 25.59 -46.31
C SER A 184 -32.91 25.57 -45.30
N PRO A 185 -33.47 26.73 -44.98
CA PRO A 185 -34.66 26.78 -44.13
C PRO A 185 -35.87 26.27 -44.88
N LYS A 186 -36.58 25.37 -44.25
CA LYS A 186 -37.95 25.04 -44.64
C LYS A 186 -38.81 25.96 -43.81
N ALA A 187 -39.73 26.65 -44.45
CA ALA A 187 -40.51 27.69 -43.79
C ALA A 187 -41.98 27.40 -43.92
N HIS A 188 -42.75 27.76 -42.89
CA HIS A 188 -44.22 27.65 -42.95
C HIS A 188 -44.86 28.73 -42.10
N VAL A 189 -46.11 29.07 -42.36
CA VAL A 189 -46.84 30.06 -41.52
C VAL A 189 -47.96 29.39 -40.72
N THR A 190 -48.05 29.73 -39.42
CA THR A 190 -49.17 29.28 -38.55
C THR A 190 -50.05 30.44 -38.11
N HIS A 191 -51.25 30.10 -37.65
CA HIS A 191 -52.33 31.07 -37.43
C HIS A 191 -52.85 30.93 -36.01
N HIS A 192 -53.03 32.06 -35.32
CA HIS A 192 -53.45 32.02 -33.91
C HIS A 192 -54.54 33.04 -33.60
N PRO A 193 -55.80 32.61 -33.61
CA PRO A 193 -56.90 33.49 -33.21
C PRO A 193 -56.57 34.13 -31.86
N ARG A 194 -56.51 35.46 -31.83
CA ARG A 194 -56.19 36.21 -30.63
C ARG A 194 -57.29 37.27 -30.40
N SER A 195 -57.35 37.83 -29.19
CA SER A 195 -58.50 38.69 -28.78
C SER A 195 -59.17 39.38 -29.97
N LYS A 196 -60.51 39.31 -29.97
CA LYS A 196 -61.32 39.45 -31.19
C LYS A 196 -61.11 40.71 -32.05
N GLY A 197 -61.30 40.48 -33.37
CA GLY A 197 -60.92 41.46 -34.38
C GLY A 197 -59.53 41.23 -34.94
N GLU A 198 -58.63 40.65 -34.13
CA GLU A 198 -57.20 40.50 -34.48
C GLU A 198 -56.69 39.05 -34.43
N VAL A 199 -55.51 38.82 -35.05
CA VAL A 199 -54.84 37.50 -35.08
C VAL A 199 -53.34 37.64 -35.36
N THR A 200 -52.57 36.65 -34.89
CA THR A 200 -51.11 36.62 -35.07
C THR A 200 -50.73 35.61 -36.15
N LEU A 201 -50.05 36.09 -37.18
CA LEU A 201 -49.40 35.21 -38.14
C LEU A 201 -47.96 35.01 -37.67
N ARG A 202 -47.55 33.75 -37.54
CA ARG A 202 -46.21 33.41 -37.08
C ARG A 202 -45.48 32.68 -38.19
N CYS A 203 -44.43 33.30 -38.72
CA CYS A 203 -43.59 32.72 -39.77
C CYS A 203 -42.41 31.99 -39.21
N TRP A 204 -42.34 30.69 -39.51
CA TRP A 204 -41.35 29.79 -38.91
C TRP A 204 -40.30 29.42 -39.94
N ALA A 205 -39.04 29.37 -39.55
CA ALA A 205 -38.01 28.79 -40.37
C ALA A 205 -37.28 27.75 -39.53
N LEU A 206 -37.21 26.56 -40.11
CA LEU A 206 -36.72 25.37 -39.42
C LEU A 206 -35.67 24.69 -40.27
N GLY A 207 -34.73 24.05 -39.55
CA GLY A 207 -33.77 23.09 -40.10
C GLY A 207 -32.58 23.66 -40.86
N PHE A 208 -32.24 24.91 -40.59
CA PHE A 208 -31.26 25.62 -41.39
C PHE A 208 -29.90 25.77 -40.72
N TYR A 209 -28.85 25.76 -41.54
CA TYR A 209 -27.47 26.04 -41.12
C TYR A 209 -26.77 26.81 -42.24
N PRO A 210 -25.95 27.82 -41.93
CA PRO A 210 -25.70 28.35 -40.58
C PRO A 210 -26.82 29.21 -40.03
N ALA A 211 -26.60 29.74 -38.84
CA ALA A 211 -27.59 30.46 -38.07
C ALA A 211 -28.13 31.74 -38.71
N ASP A 212 -27.27 32.48 -39.40
CA ASP A 212 -27.68 33.77 -39.97
C ASP A 212 -28.88 33.64 -40.90
N ILE A 213 -29.90 34.42 -40.59
CA ILE A 213 -31.17 34.38 -41.33
C ILE A 213 -31.98 35.64 -41.03
N THR A 214 -32.91 35.98 -41.92
CA THR A 214 -33.78 37.14 -41.71
C THR A 214 -35.22 36.81 -42.10
N LEU A 215 -36.17 37.16 -41.25
CA LEU A 215 -37.56 36.97 -41.55
C LEU A 215 -38.22 38.34 -41.59
N THR A 216 -38.88 38.67 -42.70
CA THR A 216 -39.63 39.92 -42.81
C THR A 216 -41.11 39.68 -43.08
N TRP A 217 -41.90 40.71 -42.81
CA TRP A 217 -43.31 40.70 -43.16
C TRP A 217 -43.64 41.96 -44.00
N GLN A 218 -44.47 41.80 -45.03
CA GLN A 218 -44.96 42.95 -45.78
C GLN A 218 -46.47 42.97 -45.71
N LEU A 219 -47.04 44.17 -45.53
CA LEU A 219 -48.49 44.37 -45.61
C LEU A 219 -48.81 44.63 -47.07
N ASN A 220 -48.69 43.58 -47.91
CA ASN A 220 -48.74 43.74 -49.36
C ASN A 220 -47.66 44.73 -49.82
N GLY A 221 -46.97 45.31 -48.84
CA GLY A 221 -46.38 46.62 -48.98
C GLY A 221 -44.89 46.58 -49.15
N GLU A 222 -44.17 46.92 -48.08
CA GLU A 222 -42.73 47.10 -48.17
C GLU A 222 -41.95 47.11 -46.84
N GLU A 223 -42.60 46.76 -45.73
CA GLU A 223 -42.02 47.01 -44.41
C GLU A 223 -43.01 46.74 -43.31
N LEU A 224 -42.53 46.14 -42.23
CA LEU A 224 -43.31 46.04 -41.00
C LEU A 224 -42.39 45.79 -39.79
N THR A 225 -42.31 46.78 -38.91
CA THR A 225 -41.74 46.60 -37.56
C THR A 225 -42.76 46.97 -36.45
N GLN A 226 -43.92 47.51 -36.83
CA GLN A 226 -44.97 47.86 -35.87
C GLN A 226 -45.64 46.56 -35.39
N ASP A 227 -45.48 46.30 -34.10
CA ASP A 227 -45.63 44.98 -33.46
C ASP A 227 -45.27 43.76 -34.34
N MET A 228 -44.07 43.80 -34.93
CA MET A 228 -43.40 42.59 -35.40
C MET A 228 -42.61 42.07 -34.20
N GLU A 229 -43.01 40.95 -33.60
CA GLU A 229 -42.12 40.28 -32.64
C GLU A 229 -41.36 39.18 -33.34
N LEU A 230 -40.17 38.91 -32.83
CA LEU A 230 -39.38 37.77 -33.25
C LEU A 230 -38.74 37.11 -32.03
N VAL A 231 -38.09 35.98 -32.28
CA VAL A 231 -37.23 35.37 -31.28
C VAL A 231 -35.79 35.40 -31.82
N GLU A 232 -34.83 35.46 -30.92
CA GLU A 232 -33.45 35.27 -31.33
C GLU A 232 -33.33 33.86 -31.99
N THR A 233 -32.50 33.75 -33.00
CA THR A 233 -32.19 32.43 -33.55
C THR A 233 -31.69 31.48 -32.46
N ARG A 234 -32.16 30.23 -32.51
CA ARG A 234 -31.95 29.25 -31.48
C ARG A 234 -31.48 27.93 -32.11
N PRO A 235 -30.62 27.22 -31.42
CA PRO A 235 -30.21 25.90 -31.89
C PRO A 235 -31.28 24.85 -31.66
N ALA A 236 -31.54 24.00 -32.65
CA ALA A 236 -32.45 22.88 -32.47
C ALA A 236 -31.84 21.80 -31.61
N GLY A 237 -30.52 21.76 -31.55
CA GLY A 237 -29.79 20.74 -30.83
C GLY A 237 -29.17 19.65 -31.70
N ASP A 238 -29.47 19.64 -33.01
CA ASP A 238 -28.96 18.65 -33.99
C ASP A 238 -27.97 19.28 -34.99
N GLY A 239 -27.49 20.49 -34.68
CA GLY A 239 -26.66 21.27 -35.58
C GLY A 239 -27.39 22.31 -36.45
N THR A 240 -28.72 22.27 -36.51
CA THR A 240 -29.53 23.20 -37.32
C THR A 240 -30.13 24.22 -36.34
N PHE A 241 -30.75 25.26 -36.89
CA PHE A 241 -31.29 26.35 -36.10
C PHE A 241 -32.75 26.59 -36.44
N GLN A 242 -33.38 27.48 -35.69
CA GLN A 242 -34.82 27.75 -35.73
C GLN A 242 -35.05 29.23 -35.48
N LYS A 243 -36.05 29.81 -36.14
CA LYS A 243 -36.45 31.19 -35.83
C LYS A 243 -37.88 31.40 -36.28
N TRP A 244 -38.63 32.24 -35.54
CA TRP A 244 -39.89 32.76 -36.05
C TRP A 244 -39.93 34.27 -35.94
N ALA A 245 -40.78 34.88 -36.77
CA ALA A 245 -41.13 36.28 -36.64
C ALA A 245 -42.63 36.33 -36.81
N SER A 246 -43.30 37.16 -36.02
CA SER A 246 -44.75 37.23 -36.04
C SER A 246 -45.24 38.65 -36.22
N VAL A 247 -46.45 38.77 -36.71
CA VAL A 247 -47.06 40.06 -36.94
C VAL A 247 -48.57 40.00 -36.64
N VAL A 248 -49.10 41.08 -36.07
CA VAL A 248 -50.52 41.16 -35.68
C VAL A 248 -51.37 41.84 -36.77
N VAL A 249 -52.57 41.31 -37.01
CA VAL A 249 -53.27 41.46 -38.29
C VAL A 249 -54.81 41.44 -38.10
N PRO A 250 -55.57 42.12 -38.96
CA PRO A 250 -57.03 41.93 -38.97
C PRO A 250 -57.46 40.53 -39.46
N LEU A 251 -58.36 39.86 -38.73
CA LEU A 251 -58.92 38.57 -39.17
C LEU A 251 -59.81 38.81 -40.37
N GLY A 252 -59.70 37.95 -41.37
CA GLY A 252 -60.37 38.12 -42.64
C GLY A 252 -59.41 38.65 -43.70
N LYS A 253 -58.62 39.66 -43.33
CA LYS A 253 -57.73 40.33 -44.28
C LYS A 253 -56.28 39.83 -44.18
N GLU A 254 -56.10 38.55 -43.81
CA GLU A 254 -54.76 37.99 -43.59
C GLU A 254 -54.12 37.44 -44.86
N GLN A 255 -54.88 37.33 -45.93
CA GLN A 255 -54.37 36.79 -47.19
C GLN A 255 -53.50 37.77 -47.98
N ASN A 256 -53.42 39.02 -47.54
CA ASN A 256 -52.51 39.98 -48.18
C ASN A 256 -51.23 40.25 -47.37
N TYR A 257 -50.92 39.34 -46.44
CA TYR A 257 -49.69 39.43 -45.66
C TYR A 257 -48.71 38.37 -46.14
N THR A 258 -47.46 38.76 -46.36
CA THR A 258 -46.44 37.92 -46.96
C THR A 258 -45.19 37.85 -46.08
N CYS A 259 -44.67 36.64 -45.87
CA CYS A 259 -43.43 36.46 -45.12
C CYS A 259 -42.31 36.14 -46.07
N ARG A 260 -41.11 36.63 -45.75
CA ARG A 260 -39.94 36.46 -46.61
C ARG A 260 -38.80 35.90 -45.77
N VAL A 261 -38.17 34.83 -46.24
CA VAL A 261 -37.08 34.19 -45.52
C VAL A 261 -35.81 34.30 -46.34
N TYR A 262 -34.78 34.93 -45.77
CA TYR A 262 -33.52 35.20 -46.44
C TYR A 262 -32.42 34.36 -45.79
N HIS A 263 -31.85 33.43 -46.54
CA HIS A 263 -30.80 32.57 -46.00
C HIS A 263 -29.77 32.28 -47.07
N GLU A 264 -28.53 32.09 -46.66
CA GLU A 264 -27.45 31.93 -47.63
C GLU A 264 -27.52 30.65 -48.43
N GLY A 265 -28.26 29.67 -47.95
CA GLY A 265 -28.43 28.41 -48.63
C GLY A 265 -29.50 28.49 -49.71
N LEU A 266 -30.36 29.51 -49.64
CA LEU A 266 -31.43 29.70 -50.61
C LEU A 266 -30.92 30.23 -51.96
N PRO A 267 -31.51 29.72 -53.04
CA PRO A 267 -31.22 30.24 -54.39
C PRO A 267 -31.77 31.66 -54.54
N GLU A 268 -32.97 31.85 -54.01
CA GLU A 268 -33.55 33.18 -53.80
C GLU A 268 -34.43 33.20 -52.55
N PRO A 269 -34.73 34.38 -52.03
CA PRO A 269 -35.54 34.47 -50.82
C PRO A 269 -36.86 33.69 -50.96
N LEU A 270 -37.18 32.91 -49.93
CA LEU A 270 -38.48 32.27 -49.82
C LEU A 270 -39.60 33.29 -49.61
N THR A 271 -40.76 32.97 -50.16
CA THR A 271 -41.97 33.78 -50.02
C THR A 271 -43.14 32.83 -49.74
N LEU A 272 -43.87 33.08 -48.67
CA LEU A 272 -45.11 32.33 -48.43
C LEU A 272 -46.05 33.11 -47.56
N ARG A 273 -47.31 32.66 -47.53
CA ARG A 273 -48.34 33.31 -46.74
C ARG A 273 -49.17 32.25 -45.98
N TRP A 274 -50.11 32.70 -45.14
CA TRP A 274 -51.01 31.77 -44.46
C TRP A 274 -51.80 30.98 -45.51
N GLU A 275 -51.77 29.65 -45.40
CA GLU A 275 -52.47 28.77 -46.33
C GLU A 275 -53.48 27.93 -45.55
N PRO A 276 -54.75 28.34 -45.57
CA PRO A 276 -55.78 27.67 -44.76
C PRO A 276 -56.04 26.22 -45.18
N ILE B 1 -18.82 43.01 -14.06
CA ILE B 1 -20.28 43.17 -13.73
C ILE B 1 -21.24 42.20 -14.49
N GLN B 2 -22.40 42.01 -13.91
CA GLN B 2 -23.28 40.91 -14.26
C GLN B 2 -24.05 41.25 -15.54
N LYS B 3 -24.27 40.23 -16.38
CA LYS B 3 -25.16 40.35 -17.54
C LYS B 3 -26.27 39.32 -17.36
N THR B 4 -27.52 39.75 -17.44
CA THR B 4 -28.63 38.86 -17.12
C THR B 4 -29.03 37.90 -18.26
N PRO B 5 -29.27 36.64 -17.93
CA PRO B 5 -29.52 35.62 -18.93
C PRO B 5 -30.87 35.74 -19.63
N GLN B 6 -30.86 35.43 -20.91
CA GLN B 6 -32.01 35.44 -21.78
C GLN B 6 -32.33 33.98 -21.99
N ILE B 7 -33.61 33.63 -21.95
CA ILE B 7 -34.03 32.24 -21.92
C ILE B 7 -35.11 31.95 -22.93
N GLN B 8 -34.93 30.85 -23.69
CA GLN B 8 -35.98 30.28 -24.51
C GLN B 8 -36.19 28.83 -24.18
N VAL B 9 -37.45 28.42 -24.22
CA VAL B 9 -37.83 27.03 -24.07
C VAL B 9 -38.69 26.68 -25.27
N TYR B 10 -38.35 25.57 -25.94
CA TYR B 10 -38.91 25.21 -27.25
C TYR B 10 -38.55 23.76 -27.51
N SER B 11 -39.24 23.10 -28.43
CA SER B 11 -38.96 21.72 -28.77
C SER B 11 -38.03 21.66 -29.98
N ARG B 12 -37.24 20.59 -30.07
CA ARG B 12 -36.40 20.41 -31.25
C ARG B 12 -37.27 20.18 -32.49
N HIS B 13 -38.29 19.35 -32.40
CA HIS B 13 -39.17 19.06 -33.53
C HIS B 13 -40.57 19.65 -33.28
N PRO B 14 -41.37 19.75 -34.35
CA PRO B 14 -42.76 20.17 -34.21
C PRO B 14 -43.48 19.27 -33.21
N PRO B 15 -44.04 19.84 -32.16
CA PRO B 15 -44.63 19.03 -31.11
C PRO B 15 -45.92 18.40 -31.56
N GLU B 16 -46.12 17.16 -31.16
CA GLU B 16 -47.35 16.45 -31.38
C GLU B 16 -47.58 15.64 -30.10
N ASN B 17 -48.77 15.72 -29.51
CA ASN B 17 -49.08 14.97 -28.27
C ASN B 17 -48.88 13.49 -28.48
N GLY B 18 -48.14 12.87 -27.56
CA GLY B 18 -47.90 11.43 -27.57
C GLY B 18 -46.60 11.01 -28.21
N LYS B 19 -45.89 11.95 -28.85
CA LYS B 19 -44.70 11.67 -29.63
C LYS B 19 -43.40 12.12 -28.94
N PRO B 20 -42.49 11.18 -28.65
CA PRO B 20 -41.18 11.53 -28.09
C PRO B 20 -40.54 12.69 -28.83
N ASN B 21 -39.88 13.58 -28.12
CA ASN B 21 -39.30 14.82 -28.67
C ASN B 21 -38.12 15.21 -27.78
N ILE B 22 -37.56 16.40 -28.01
CA ILE B 22 -36.51 16.93 -27.19
C ILE B 22 -36.90 18.35 -26.82
N LEU B 23 -36.82 18.67 -25.54
CA LEU B 23 -37.15 20.00 -25.08
C LEU B 23 -35.85 20.67 -24.78
N ASN B 24 -35.70 21.88 -25.28
CA ASN B 24 -34.50 22.68 -25.07
C ASN B 24 -34.80 23.80 -24.13
N CYS B 25 -33.77 24.20 -23.41
CA CYS B 25 -33.76 25.47 -22.70
C CYS B 25 -32.46 26.16 -23.08
N TYR B 26 -32.56 27.24 -23.83
CA TYR B 26 -31.41 27.89 -24.41
C TYR B 26 -31.22 29.15 -23.66
N VAL B 27 -30.09 29.25 -22.98
CA VAL B 27 -29.77 30.38 -22.11
C VAL B 27 -28.54 31.11 -22.61
N THR B 28 -28.70 32.40 -22.91
CA THR B 28 -27.64 33.19 -23.50
C THR B 28 -27.36 34.51 -22.77
N GLN B 29 -26.30 35.17 -23.23
CA GLN B 29 -26.04 36.58 -22.91
C GLN B 29 -25.79 36.84 -21.41
N PHE B 30 -25.16 35.90 -20.71
CA PHE B 30 -24.93 36.07 -19.28
C PHE B 30 -23.46 36.15 -18.87
N HIS B 31 -23.21 36.72 -17.69
CA HIS B 31 -21.90 36.81 -17.07
C HIS B 31 -22.08 37.06 -15.55
N PRO B 32 -21.36 36.38 -14.66
CA PRO B 32 -20.26 35.43 -14.97
C PRO B 32 -20.75 34.08 -15.47
N PRO B 33 -19.83 33.22 -15.88
CA PRO B 33 -20.22 31.92 -16.45
C PRO B 33 -20.83 30.89 -15.48
N HIS B 34 -20.64 31.00 -14.18
CA HIS B 34 -21.36 30.16 -13.22
C HIS B 34 -22.86 30.38 -13.34
N ILE B 35 -23.62 29.30 -13.59
CA ILE B 35 -25.08 29.34 -13.67
C ILE B 35 -25.73 28.02 -13.24
N GLU B 36 -27.00 28.10 -12.85
CA GLU B 36 -27.82 26.95 -12.50
C GLU B 36 -29.07 26.92 -13.37
N ILE B 37 -29.29 25.79 -14.03
CA ILE B 37 -30.37 25.59 -14.98
C ILE B 37 -31.08 24.28 -14.65
N GLN B 38 -32.34 24.35 -14.21
CA GLN B 38 -33.19 23.15 -14.03
C GLN B 38 -34.27 23.19 -15.07
N MET B 39 -34.61 22.02 -15.60
CA MET B 39 -35.78 21.86 -16.43
C MET B 39 -36.84 21.23 -15.52
N LEU B 40 -38.10 21.58 -15.79
CA LEU B 40 -39.19 21.23 -14.90
C LEU B 40 -40.35 20.64 -15.67
N LYS B 41 -40.98 19.64 -15.06
CA LYS B 41 -42.23 19.10 -15.55
C LYS B 41 -43.16 19.21 -14.39
N ASN B 42 -44.31 19.86 -14.62
CA ASN B 42 -45.31 20.08 -13.58
C ASN B 42 -44.69 20.63 -12.26
N GLY B 43 -43.71 21.51 -12.39
CA GLY B 43 -43.13 22.19 -11.24
C GLY B 43 -41.95 21.47 -10.61
N LYS B 44 -41.68 20.24 -11.05
CA LYS B 44 -40.66 19.39 -10.46
C LYS B 44 -39.45 19.17 -11.40
N LYS B 45 -38.25 19.38 -10.85
CA LYS B 45 -36.97 19.02 -11.51
C LYS B 45 -37.01 17.66 -12.27
N ILE B 46 -36.73 17.74 -13.56
CA ILE B 46 -36.52 16.58 -14.39
C ILE B 46 -35.08 16.14 -14.11
N PRO B 47 -34.88 14.89 -13.66
CA PRO B 47 -33.55 14.37 -13.28
C PRO B 47 -32.47 14.23 -14.38
N LYS B 48 -32.76 13.65 -15.53
CA LYS B 48 -31.71 13.48 -16.56
C LYS B 48 -31.78 14.65 -17.55
N VAL B 49 -30.92 15.65 -17.39
CA VAL B 49 -30.91 16.84 -18.25
C VAL B 49 -29.48 17.04 -18.78
N GLU B 50 -29.37 17.13 -20.10
CA GLU B 50 -28.09 17.26 -20.78
C GLU B 50 -27.74 18.73 -20.89
N MET B 51 -26.45 18.99 -20.75
CA MET B 51 -25.94 20.34 -20.62
C MET B 51 -24.76 20.39 -21.59
N SER B 52 -24.89 21.20 -22.64
CA SER B 52 -23.80 21.40 -23.56
C SER B 52 -22.66 22.05 -22.76
N ASP B 53 -21.48 22.15 -23.37
CA ASP B 53 -20.29 22.74 -22.71
C ASP B 53 -20.28 24.29 -22.69
N MET B 54 -19.59 24.86 -21.70
CA MET B 54 -19.49 26.34 -21.55
C MET B 54 -18.93 26.90 -22.84
N SER B 55 -19.69 27.77 -23.52
CA SER B 55 -19.18 28.52 -24.68
C SER B 55 -19.48 30.02 -24.54
N PHE B 56 -18.69 30.87 -25.20
CA PHE B 56 -19.01 32.29 -25.24
C PHE B 56 -19.07 32.92 -26.62
N SER B 57 -19.90 33.96 -26.73
CA SER B 57 -20.06 34.74 -27.97
C SER B 57 -19.04 35.83 -28.16
N LYS B 58 -19.02 36.40 -29.36
CA LYS B 58 -18.01 37.36 -29.68
C LYS B 58 -18.21 38.70 -28.94
N ASP B 59 -19.33 38.88 -28.26
CA ASP B 59 -19.51 40.04 -27.34
C ASP B 59 -19.05 39.65 -25.91
N TRP B 60 -18.49 38.43 -25.78
CA TRP B 60 -17.85 37.90 -24.59
C TRP B 60 -18.80 37.17 -23.64
N SER B 61 -20.10 37.24 -23.92
CA SER B 61 -21.12 36.71 -23.04
C SER B 61 -21.29 35.22 -23.30
N PHE B 62 -21.63 34.49 -22.24
CA PHE B 62 -21.71 33.03 -22.28
C PHE B 62 -23.10 32.53 -22.67
N TYR B 63 -23.17 31.29 -23.10
CA TYR B 63 -24.42 30.66 -23.47
C TYR B 63 -24.35 29.16 -23.26
N ILE B 64 -25.52 28.58 -23.13
CA ILE B 64 -25.64 27.17 -22.85
C ILE B 64 -26.92 26.66 -23.40
N LEU B 65 -26.85 25.48 -23.99
CA LEU B 65 -28.05 24.72 -24.30
C LEU B 65 -28.24 23.55 -23.34
N ALA B 66 -29.39 23.51 -22.67
CA ALA B 66 -29.79 22.36 -21.86
C ALA B 66 -30.94 21.70 -22.58
N HIS B 67 -30.97 20.37 -22.55
CA HIS B 67 -32.05 19.63 -23.20
C HIS B 67 -32.40 18.31 -22.47
N THR B 68 -33.60 17.83 -22.74
CA THR B 68 -34.07 16.58 -22.18
C THR B 68 -35.09 15.93 -23.12
N GLU B 69 -35.17 14.60 -23.08
CA GLU B 69 -36.18 13.87 -23.80
C GLU B 69 -37.47 14.15 -23.11
N PHE B 70 -38.55 14.18 -23.88
CA PHE B 70 -39.88 14.40 -23.34
C PHE B 70 -40.97 14.03 -24.33
N THR B 71 -42.13 13.71 -23.78
CA THR B 71 -43.29 13.49 -24.61
C THR B 71 -44.33 14.50 -24.21
N PRO B 72 -44.60 15.46 -25.07
CA PRO B 72 -45.67 16.41 -24.81
C PRO B 72 -47.02 15.72 -24.71
N THR B 73 -47.85 16.23 -23.81
CA THR B 73 -49.27 15.88 -23.70
C THR B 73 -50.10 17.16 -23.66
N GLU B 74 -51.41 17.01 -23.58
CA GLU B 74 -52.32 18.14 -23.59
C GLU B 74 -52.21 18.92 -22.28
N THR B 75 -51.77 18.20 -21.25
CA THR B 75 -52.04 18.50 -19.87
C THR B 75 -50.77 18.85 -19.03
N ASP B 76 -49.64 18.17 -19.30
CA ASP B 76 -48.38 18.48 -18.62
C ASP B 76 -47.75 19.83 -19.08
N THR B 77 -47.15 20.55 -18.16
CA THR B 77 -46.45 21.74 -18.59
C THR B 77 -45.00 21.68 -18.18
N TYR B 78 -44.18 22.26 -19.06
CA TYR B 78 -42.73 22.18 -18.99
C TYR B 78 -42.22 23.58 -18.84
N ALA B 79 -41.07 23.70 -18.19
CA ALA B 79 -40.52 25.01 -17.92
C ALA B 79 -39.02 24.92 -17.70
N CYS B 80 -38.38 26.08 -17.57
CA CYS B 80 -36.97 26.12 -17.30
C CYS B 80 -36.80 27.17 -16.22
N ARG B 81 -36.04 26.83 -15.18
CA ARG B 81 -35.78 27.73 -14.07
C ARG B 81 -34.30 27.97 -14.03
N VAL B 82 -33.90 29.24 -14.03
CA VAL B 82 -32.51 29.65 -14.16
C VAL B 82 -32.13 30.50 -12.97
N LYS B 83 -31.08 30.11 -12.25
CA LYS B 83 -30.56 30.92 -11.17
C LYS B 83 -29.16 31.42 -11.56
N HIS B 84 -28.92 32.70 -11.32
CA HIS B 84 -27.69 33.37 -11.72
C HIS B 84 -27.54 34.64 -10.86
N ASP B 85 -26.29 35.06 -10.60
CA ASP B 85 -26.01 36.19 -9.70
C ASP B 85 -26.48 37.58 -10.23
N SER B 86 -26.82 37.68 -11.51
CA SER B 86 -27.45 38.88 -12.08
C SER B 86 -28.87 39.14 -11.55
N MET B 87 -29.50 38.12 -10.99
CA MET B 87 -30.91 38.15 -10.63
C MET B 87 -31.05 37.81 -9.16
N ALA B 88 -31.70 38.67 -8.41
CA ALA B 88 -31.94 38.38 -7.00
C ALA B 88 -32.75 37.09 -6.86
N GLU B 89 -33.72 36.86 -7.74
CA GLU B 89 -34.55 35.66 -7.70
C GLU B 89 -34.32 34.83 -8.96
N PRO B 90 -34.59 33.54 -8.91
CA PRO B 90 -34.61 32.72 -10.13
C PRO B 90 -35.62 33.23 -11.17
N LYS B 91 -35.45 32.77 -12.41
CA LYS B 91 -36.31 33.16 -13.52
C LYS B 91 -36.79 31.89 -14.18
N THR B 92 -38.09 31.84 -14.43
CA THR B 92 -38.78 30.64 -14.91
C THR B 92 -39.37 30.99 -16.25
N VAL B 93 -39.16 30.19 -17.26
CA VAL B 93 -40.00 30.36 -18.43
C VAL B 93 -40.66 29.03 -18.80
N TYR B 94 -41.90 29.19 -19.24
CA TYR B 94 -42.78 28.10 -19.57
C TYR B 94 -42.73 27.84 -21.05
N TRP B 95 -42.68 26.57 -21.38
CA TRP B 95 -42.84 26.09 -22.74
C TRP B 95 -44.22 26.44 -23.25
N ASP B 96 -44.23 27.11 -24.38
CA ASP B 96 -45.41 27.38 -25.15
C ASP B 96 -45.17 26.69 -26.50
N ARG B 97 -46.04 25.75 -26.87
CA ARG B 97 -45.84 24.93 -28.08
C ARG B 97 -45.85 25.71 -29.40
N ASP B 98 -46.35 26.95 -29.36
CA ASP B 98 -46.45 27.85 -30.50
C ASP B 98 -45.31 28.90 -30.59
N LYS C 1 -4.79 25.09 -34.89
CA LYS C 1 -3.40 25.11 -34.31
C LYS C 1 -3.29 26.23 -33.30
N ALA C 2 -3.13 25.88 -32.03
CA ALA C 2 -3.24 26.88 -30.96
C ALA C 2 -2.07 27.84 -30.90
N LEU C 3 -2.43 29.05 -30.57
CA LEU C 3 -1.52 30.13 -30.31
C LEU C 3 -0.88 29.92 -28.95
N TYR C 4 0.38 30.29 -28.83
CA TYR C 4 0.98 30.51 -27.53
C TYR C 4 1.16 32.02 -27.27
N ASN C 5 0.84 32.47 -26.06
CA ASN C 5 0.84 33.90 -25.81
C ASN C 5 2.28 34.38 -25.55
N PHE C 6 2.52 35.67 -25.68
CA PHE C 6 3.85 36.23 -25.46
C PHE C 6 3.88 36.64 -23.98
N ALA C 7 4.19 37.91 -23.72
CA ALA C 7 4.27 38.39 -22.37
C ALA C 7 2.92 38.33 -21.69
N THR C 8 2.97 38.06 -20.40
CA THR C 8 1.79 38.14 -19.58
C THR C 8 1.30 39.59 -19.43
N MET C 9 0.08 39.70 -18.96
CA MET C 9 -0.56 40.98 -18.78
C MET C 9 0.08 41.82 -17.70
N GLY D 1 35.25 15.80 12.30
CA GLY D 1 35.01 16.77 13.43
C GLY D 1 36.17 16.84 14.42
N PRO D 2 36.07 17.74 15.39
CA PRO D 2 37.11 17.89 16.43
C PRO D 2 37.18 16.71 17.40
N HIS D 3 38.24 16.69 18.20
CA HIS D 3 38.55 15.62 19.13
C HIS D 3 39.27 16.21 20.34
N SER D 4 39.19 15.54 21.46
CA SER D 4 39.82 16.01 22.69
C SER D 4 40.30 14.84 23.53
N MET D 5 41.24 15.08 24.43
CA MET D 5 41.59 14.13 25.47
C MET D 5 41.71 14.86 26.80
N ARG D 6 41.16 14.29 27.88
CA ARG D 6 41.28 14.86 29.21
C ARG D 6 41.63 13.82 30.28
N TYR D 7 42.42 14.24 31.27
CA TYR D 7 42.57 13.51 32.51
C TYR D 7 42.03 14.41 33.63
N PHE D 8 41.03 13.90 34.35
CA PHE D 8 40.46 14.56 35.51
C PHE D 8 40.89 13.84 36.77
N GLU D 9 41.61 14.55 37.63
CA GLU D 9 42.22 13.96 38.79
C GLU D 9 41.69 14.65 40.05
N THR D 10 41.47 13.84 41.09
CA THR D 10 40.93 14.27 42.37
C THR D 10 41.65 13.65 43.56
N ALA D 11 42.00 14.46 44.55
CA ALA D 11 42.41 13.94 45.86
C ALA D 11 41.58 14.55 46.94
N VAL D 12 41.05 13.69 47.81
CA VAL D 12 40.18 14.07 48.88
C VAL D 12 40.78 13.62 50.20
N SER D 13 40.95 14.55 51.14
CA SER D 13 41.44 14.25 52.47
C SER D 13 40.28 14.31 53.44
N ARG D 14 40.31 13.43 54.43
CA ARG D 14 39.32 13.39 55.50
C ARG D 14 39.98 13.33 56.88
N PRO D 15 39.26 13.77 57.93
CA PRO D 15 39.82 13.84 59.29
C PRO D 15 40.50 12.57 59.79
N GLY D 16 39.91 11.40 59.55
CA GLY D 16 40.41 10.15 60.11
C GLY D 16 41.67 9.56 59.49
N LEU D 17 41.52 8.47 58.71
CA LEU D 17 42.63 7.73 58.04
C LEU D 17 43.74 8.61 57.44
N GLU D 18 44.96 8.09 57.57
CA GLU D 18 46.18 8.84 57.28
C GLU D 18 46.31 9.32 55.79
N GLU D 19 45.60 8.69 54.85
CA GLU D 19 45.88 8.97 53.44
C GLU D 19 44.67 9.43 52.60
N PRO D 20 44.85 10.54 51.88
CA PRO D 20 43.87 10.98 50.87
C PRO D 20 43.50 9.86 49.91
N ARG D 21 42.33 9.96 49.35
CA ARG D 21 41.94 9.06 48.30
C ARG D 21 42.15 9.82 47.00
N TYR D 22 42.72 9.14 46.01
CA TYR D 22 43.12 9.72 44.74
C TYR D 22 42.51 8.94 43.56
N ILE D 23 41.80 9.67 42.71
CA ILE D 23 41.12 9.10 41.55
C ILE D 23 41.52 9.87 40.28
N SER D 24 41.95 9.13 39.27
CA SER D 24 42.18 9.70 37.96
C SER D 24 41.28 9.03 36.90
N VAL D 25 40.67 9.86 36.06
CA VAL D 25 39.82 9.43 34.96
C VAL D 25 40.28 10.08 33.67
N GLY D 26 40.51 9.26 32.67
CA GLY D 26 40.86 9.71 31.35
C GLY D 26 39.67 9.68 30.42
N TYR D 27 39.62 10.63 29.50
CA TYR D 27 38.57 10.72 28.50
C TYR D 27 39.14 11.00 27.13
N VAL D 28 38.62 10.31 26.13
CA VAL D 28 38.79 10.72 24.72
C VAL D 28 37.38 11.08 24.17
N ASP D 29 37.27 12.26 23.56
CA ASP D 29 36.01 12.80 23.01
C ASP D 29 34.87 12.72 24.04
N ASN D 30 35.22 13.05 25.28
CA ASN D 30 34.29 13.09 26.43
C ASN D 30 33.78 11.78 26.95
N LYS D 31 34.33 10.67 26.45
CA LYS D 31 33.92 9.35 26.88
C LYS D 31 35.09 8.78 27.70
N GLU D 32 34.74 8.30 28.88
CA GLU D 32 35.69 7.72 29.82
C GLU D 32 36.37 6.53 29.15
N PHE D 33 37.70 6.48 29.18
CA PHE D 33 38.44 5.36 28.61
C PHE D 33 39.43 4.69 29.58
N VAL D 34 39.90 5.40 30.60
CA VAL D 34 40.73 4.79 31.66
C VAL D 34 40.42 5.35 33.04
N ARG D 35 40.86 4.62 34.05
CA ARG D 35 40.54 4.99 35.42
C ARG D 35 41.46 4.36 36.43
N PHE D 36 41.89 5.16 37.40
CA PHE D 36 42.70 4.69 38.50
C PHE D 36 42.02 5.13 39.79
N ASP D 37 42.05 4.27 40.80
CA ASP D 37 41.43 4.56 42.07
C ASP D 37 42.19 3.93 43.23
N SER D 38 42.73 4.77 44.12
CA SER D 38 43.61 4.34 45.21
C SER D 38 42.92 3.49 46.25
N ASP D 39 41.59 3.44 46.23
CA ASP D 39 40.83 2.58 47.14
C ASP D 39 40.62 1.15 46.62
N ALA D 40 40.80 0.91 45.33
CA ALA D 40 40.67 -0.45 44.77
C ALA D 40 41.62 -1.39 45.51
N GLU D 41 41.23 -2.67 45.57
CA GLU D 41 42.04 -3.69 46.23
C GLU D 41 43.48 -3.66 45.68
N ASN D 42 43.61 -3.61 44.35
CA ASN D 42 44.91 -3.48 43.70
C ASN D 42 44.93 -2.21 42.81
N PRO D 43 45.37 -1.08 43.38
CA PRO D 43 45.29 0.20 42.68
C PRO D 43 46.04 0.13 41.39
N ARG D 44 45.39 0.56 40.33
CA ARG D 44 45.75 0.17 38.99
C ARG D 44 44.92 1.01 38.02
N TYR D 45 45.54 1.53 36.96
CA TYR D 45 44.78 2.04 35.81
C TYR D 45 44.13 0.83 35.11
N GLU D 46 42.84 0.91 34.84
CA GLU D 46 42.07 -0.16 34.22
C GLU D 46 41.36 0.40 32.98
N PRO D 47 41.22 -0.38 31.92
CA PRO D 47 40.52 0.10 30.74
C PRO D 47 39.04 0.31 31.07
N ARG D 48 38.42 1.30 30.45
CA ARG D 48 37.04 1.60 30.75
C ARG D 48 36.14 1.62 29.54
N ALA D 49 36.71 1.31 28.38
CA ALA D 49 36.00 1.04 27.14
C ALA D 49 36.64 -0.16 26.43
N PRO D 50 35.85 -0.93 25.68
CA PRO D 50 36.39 -2.15 25.05
C PRO D 50 37.55 -1.89 24.08
N TRP D 51 37.60 -0.73 23.45
CA TRP D 51 38.67 -0.47 22.47
C TRP D 51 40.05 -0.30 23.13
N MET D 52 40.09 -0.04 24.43
CA MET D 52 41.37 0.08 25.13
C MET D 52 41.97 -1.24 25.59
N GLU D 53 41.19 -2.30 25.54
CA GLU D 53 41.63 -3.61 26.04
C GLU D 53 42.78 -4.21 25.20
N GLN D 54 42.99 -3.72 23.97
CA GLN D 54 44.12 -4.20 23.14
C GLN D 54 45.46 -3.88 23.79
N GLU D 55 45.68 -2.59 24.14
CA GLU D 55 46.89 -2.12 24.83
C GLU D 55 47.47 -3.16 25.78
N GLY D 56 48.76 -3.46 25.65
CA GLY D 56 49.38 -4.51 26.44
C GLY D 56 49.81 -4.09 27.84
N PRO D 57 50.30 -5.06 28.62
CA PRO D 57 50.69 -4.78 30.02
C PRO D 57 51.76 -3.71 30.20
N GLU D 58 52.70 -3.51 29.25
CA GLU D 58 53.71 -2.46 29.44
C GLU D 58 53.05 -1.06 29.46
N TYR D 59 51.93 -0.93 28.75
CA TYR D 59 51.16 0.30 28.77
C TYR D 59 50.52 0.52 30.14
N TRP D 60 49.91 -0.52 30.72
CA TRP D 60 49.19 -0.35 31.98
C TRP D 60 50.11 -0.10 33.19
N GLU D 61 51.19 -0.86 33.28
CA GLU D 61 52.19 -0.71 34.34
C GLU D 61 52.77 0.67 34.38
N ARG D 62 53.14 1.19 33.22
CA ARG D 62 53.71 2.53 33.11
C ARG D 62 52.70 3.57 33.55
N GLU D 63 51.49 3.50 33.00
CA GLU D 63 50.44 4.46 33.39
C GLU D 63 50.18 4.39 34.89
N THR D 64 50.04 3.18 35.43
CA THR D 64 49.82 2.97 36.87
C THR D 64 50.86 3.63 37.75
N GLN D 65 52.10 3.58 37.25
CA GLN D 65 53.27 4.09 37.94
C GLN D 65 53.19 5.58 38.06
N LYS D 66 52.79 6.20 36.95
CA LYS D 66 52.52 7.61 36.89
C LYS D 66 51.45 7.96 37.91
N ALA D 67 50.38 7.17 37.98
CA ALA D 67 49.30 7.41 38.95
C ALA D 67 49.82 7.39 40.40
N LYS D 68 50.75 6.49 40.71
CA LYS D 68 51.29 6.47 42.05
C LYS D 68 52.13 7.75 42.33
N GLY D 69 52.79 8.30 41.32
CA GLY D 69 53.49 9.56 41.45
C GLY D 69 52.51 10.70 41.70
N GLN D 70 51.47 10.80 40.89
CA GLN D 70 50.46 11.85 41.05
C GLN D 70 49.88 11.84 42.46
N GLU D 71 49.54 10.66 42.96
CA GLU D 71 49.02 10.48 44.30
C GLU D 71 49.90 11.15 45.35
N GLN D 72 51.20 10.94 45.25
CA GLN D 72 52.11 11.55 46.21
C GLN D 72 52.18 13.07 45.96
N TRP D 73 52.12 13.47 44.70
CA TRP D 73 52.10 14.89 44.32
C TRP D 73 50.88 15.60 44.99
N PHE D 74 49.73 14.95 44.84
CA PHE D 74 48.49 15.45 45.37
C PHE D 74 48.54 15.53 46.90
N ARG D 75 49.18 14.55 47.52
CA ARG D 75 49.18 14.45 48.98
C ARG D 75 50.01 15.56 49.61
N VAL D 76 51.20 15.78 49.04
CA VAL D 76 52.05 16.91 49.39
C VAL D 76 51.40 18.28 49.14
N SER D 77 50.88 18.50 47.93
CA SER D 77 50.28 19.79 47.59
C SER D 77 49.10 20.13 48.55
N LEU D 78 48.31 19.12 48.88
CA LEU D 78 47.20 19.23 49.85
C LEU D 78 47.70 19.70 51.23
N ARG D 79 48.84 19.17 51.65
CA ARG D 79 49.44 19.48 52.93
C ARG D 79 49.89 20.95 52.84
N ASN D 80 50.42 21.31 51.68
CA ASN D 80 50.92 22.66 51.49
C ASN D 80 49.81 23.68 51.48
N LEU D 81 48.71 23.36 50.83
CA LEU D 81 47.57 24.27 50.74
C LEU D 81 46.94 24.54 52.11
N LEU D 82 47.02 23.56 52.99
CA LEU D 82 46.55 23.65 54.38
C LEU D 82 47.30 24.78 55.11
N GLY D 83 48.60 24.80 54.95
CA GLY D 83 49.36 25.94 55.43
C GLY D 83 49.01 27.27 54.76
N TYR D 84 48.95 27.30 53.44
CA TYR D 84 48.68 28.55 52.72
C TYR D 84 47.35 29.20 53.10
N TYR D 85 46.35 28.40 53.46
CA TYR D 85 45.00 28.89 53.81
C TYR D 85 44.78 29.01 55.30
N ASN D 86 45.83 28.77 56.08
CA ASN D 86 45.74 28.74 57.53
C ASN D 86 44.52 27.93 57.97
N GLN D 87 44.38 26.75 57.40
CA GLN D 87 43.33 25.81 57.77
C GLN D 87 43.91 24.88 58.81
N SER D 88 43.14 24.58 59.83
CA SER D 88 43.65 23.66 60.85
C SER D 88 43.33 22.23 60.48
N ALA D 89 43.66 21.31 61.36
CA ALA D 89 43.38 19.89 61.19
C ALA D 89 41.92 19.60 61.54
N GLY D 90 41.45 18.43 61.10
CA GLY D 90 40.08 18.00 61.41
C GLY D 90 39.04 18.49 60.40
N GLY D 91 39.46 18.76 59.15
CA GLY D 91 38.53 19.12 58.09
C GLY D 91 38.65 18.17 56.91
N SER D 92 37.78 18.32 55.92
CA SER D 92 38.02 17.63 54.65
C SER D 92 38.25 18.60 53.50
N HIS D 93 39.11 18.17 52.58
CA HIS D 93 39.62 19.06 51.55
C HIS D 93 39.72 18.35 50.24
N THR D 94 39.68 19.12 49.17
CA THR D 94 39.62 18.57 47.83
C THR D 94 40.59 19.30 46.92
N LEU D 95 41.36 18.53 46.15
CA LEU D 95 42.22 19.09 45.12
C LEU D 95 41.91 18.42 43.82
N GLN D 96 41.67 19.22 42.79
CA GLN D 96 41.28 18.68 41.49
C GLN D 96 42.17 19.29 40.43
N GLN D 97 42.33 18.54 39.34
CA GLN D 97 43.14 18.95 38.21
C GLN D 97 42.44 18.50 36.93
N MET D 98 42.48 19.34 35.91
CA MET D 98 42.04 18.94 34.55
C MET D 98 43.18 19.26 33.62
N SER D 99 43.61 18.31 32.82
CA SER D 99 44.54 18.61 31.73
C SER D 99 44.23 17.86 30.45
N GLY D 100 44.83 18.31 29.35
CA GLY D 100 44.59 17.71 28.08
C GLY D 100 44.58 18.70 26.93
N CYS D 101 44.14 18.19 25.77
CA CYS D 101 44.24 18.95 24.52
C CYS D 101 43.00 18.82 23.67
N ASP D 102 42.70 19.88 22.92
CA ASP D 102 41.68 19.86 21.87
C ASP D 102 42.40 19.82 20.52
N LEU D 103 42.01 18.89 19.68
CA LEU D 103 42.42 18.88 18.28
C LEU D 103 41.31 19.47 17.40
N GLY D 104 41.67 20.17 16.33
CA GLY D 104 40.70 20.57 15.33
C GLY D 104 40.43 19.37 14.43
N SER D 105 39.65 19.56 13.36
CA SER D 105 39.30 18.43 12.48
C SER D 105 40.46 18.02 11.54
N ASP D 106 41.52 18.83 11.49
CA ASP D 106 42.79 18.45 10.88
C ASP D 106 43.70 17.64 11.83
N TRP D 107 43.25 17.44 13.06
CA TRP D 107 44.01 16.72 14.09
C TRP D 107 45.22 17.48 14.64
N ARG D 108 45.33 18.77 14.29
CA ARG D 108 46.36 19.65 14.86
C ARG D 108 45.86 20.17 16.20
N LEU D 109 46.81 20.42 17.10
CA LEU D 109 46.55 21.07 18.38
C LEU D 109 45.90 22.43 18.20
N LEU D 110 44.73 22.58 18.79
CA LEU D 110 43.97 23.81 18.85
C LEU D 110 44.24 24.49 20.20
N ARG D 111 44.35 23.70 21.28
CA ARG D 111 44.48 24.26 22.60
C ARG D 111 44.90 23.23 23.67
N GLY D 112 45.79 23.65 24.56
CA GLY D 112 46.14 22.83 25.70
C GLY D 112 45.41 23.35 26.92
N TYR D 113 45.25 22.49 27.93
CA TYR D 113 44.55 22.81 29.15
C TYR D 113 45.25 22.24 30.37
N LEU D 114 45.23 23.04 31.44
CA LEU D 114 45.87 22.69 32.69
C LEU D 114 45.30 23.64 33.72
N GLN D 115 44.45 23.10 34.58
CA GLN D 115 43.76 23.92 35.58
C GLN D 115 43.71 23.11 36.86
N PHE D 116 43.84 23.81 37.99
CA PHE D 116 43.74 23.20 39.29
C PHE D 116 42.62 23.88 40.12
N ALA D 117 41.87 23.10 40.88
CA ALA D 117 40.92 23.65 41.86
C ALA D 117 41.20 23.09 43.26
N TYR D 118 41.00 23.95 44.26
CA TYR D 118 41.06 23.58 45.68
C TYR D 118 39.72 23.88 46.31
N GLU D 119 39.22 22.93 47.09
CA GLU D 119 37.88 23.00 47.63
C GLU D 119 36.82 23.28 46.58
N GLY D 120 37.04 22.86 45.32
CA GLY D 120 36.06 23.01 44.25
C GLY D 120 36.11 24.37 43.56
N ARG D 121 37.22 25.07 43.73
CA ARG D 121 37.33 26.45 43.37
C ARG D 121 38.65 26.71 42.68
N ASP D 122 38.62 27.49 41.60
CA ASP D 122 39.79 27.82 40.82
C ASP D 122 40.96 28.19 41.71
N TYR D 123 42.09 27.52 41.50
CA TYR D 123 43.29 27.77 42.27
C TYR D 123 44.35 28.42 41.38
N ILE D 124 44.77 27.67 40.37
CA ILE D 124 45.74 28.18 39.41
C ILE D 124 45.50 27.44 38.11
N ALA D 125 45.78 28.12 37.01
CA ALA D 125 45.61 27.55 35.69
C ALA D 125 46.72 28.05 34.79
N LEU D 126 47.14 27.20 33.88
CA LEU D 126 48.04 27.59 32.81
C LEU D 126 47.25 28.33 31.74
N ASN D 127 47.70 29.52 31.36
CA ASN D 127 47.05 30.28 30.29
C ASN D 127 47.16 29.57 28.90
N GLU D 128 46.36 29.99 27.93
CA GLU D 128 46.32 29.37 26.59
C GLU D 128 47.65 29.44 25.83
N ASP D 129 48.47 30.43 26.17
CA ASP D 129 49.84 30.58 25.64
C ASP D 129 50.80 29.52 26.17
N LEU D 130 50.40 28.79 27.21
CA LEU D 130 51.18 27.65 27.73
C LEU D 130 52.54 28.13 28.29
N LYS D 131 52.57 29.39 28.67
CA LYS D 131 53.76 30.07 29.15
C LYS D 131 53.49 30.77 30.47
N THR D 132 52.29 31.35 30.63
CA THR D 132 51.98 32.13 31.83
C THR D 132 50.87 31.48 32.67
N TRP D 133 50.82 31.87 33.94
CA TRP D 133 49.85 31.34 34.89
C TRP D 133 48.88 32.42 35.38
N THR D 134 47.63 32.01 35.56
CA THR D 134 46.56 32.77 36.22
C THR D 134 46.26 32.15 37.60
N ALA D 135 46.27 32.96 38.64
CA ALA D 135 46.01 32.52 40.00
C ALA D 135 45.30 33.65 40.73
N ALA D 136 44.04 33.47 41.10
CA ALA D 136 43.30 34.59 41.67
C ALA D 136 43.67 34.81 43.16
N ASP D 137 43.63 33.76 43.96
CA ASP D 137 43.71 33.91 45.40
C ASP D 137 45.06 34.45 45.85
N MET D 138 45.02 35.33 46.85
CA MET D 138 46.22 35.75 47.52
C MET D 138 47.08 34.56 47.95
N ALA D 139 46.43 33.52 48.47
CA ALA D 139 47.12 32.30 48.91
C ALA D 139 47.71 31.53 47.73
N ALA D 140 47.14 31.68 46.54
CA ALA D 140 47.63 30.97 45.37
C ALA D 140 48.92 31.56 44.77
N GLN D 141 49.29 32.78 45.19
CA GLN D 141 50.41 33.51 44.62
C GLN D 141 51.76 32.83 44.95
N ILE D 142 51.86 32.20 46.12
CA ILE D 142 53.02 31.42 46.52
C ILE D 142 53.31 30.32 45.48
N THR D 143 52.29 29.57 45.09
CA THR D 143 52.45 28.54 44.07
C THR D 143 52.77 29.15 42.70
N ARG D 144 52.10 30.25 42.36
CA ARG D 144 52.38 30.90 41.08
C ARG D 144 53.85 31.30 40.99
N ARG D 145 54.39 31.88 42.05
CA ARG D 145 55.79 32.37 42.05
C ARG D 145 56.72 31.18 41.96
N LYS D 146 56.42 30.12 42.71
CA LYS D 146 57.23 28.89 42.73
C LYS D 146 57.31 28.23 41.34
N TRP D 147 56.18 28.18 40.65
CA TRP D 147 56.08 27.52 39.35
C TRP D 147 56.66 28.36 38.21
N GLU D 148 56.60 29.69 38.36
CA GLU D 148 57.28 30.62 37.43
C GLU D 148 58.80 30.46 37.51
N GLN D 149 59.26 30.27 38.75
CA GLN D 149 60.68 30.24 39.12
C GLN D 149 61.33 28.95 38.63
N SER D 150 60.61 27.85 38.74
CA SER D 150 61.15 26.54 38.37
C SER D 150 60.93 26.20 36.89
N GLY D 151 60.33 27.08 36.09
CA GLY D 151 60.06 26.78 34.70
C GLY D 151 59.04 25.68 34.48
N ALA D 152 58.07 25.58 35.39
CA ALA D 152 57.09 24.50 35.36
C ALA D 152 56.22 24.55 34.10
N ALA D 153 55.97 25.73 33.58
CA ALA D 153 55.11 25.89 32.40
C ALA D 153 55.65 25.15 31.18
N GLU D 154 56.98 25.19 31.01
CA GLU D 154 57.64 24.50 29.91
C GLU D 154 57.41 22.97 29.92
N HIS D 155 57.36 22.37 31.11
CA HIS D 155 57.17 20.94 31.27
C HIS D 155 55.75 20.56 30.87
N TYR D 156 54.77 21.29 31.36
CA TYR D 156 53.38 21.03 31.00
C TYR D 156 53.11 21.24 29.51
N LYS D 157 53.73 22.25 28.91
CA LYS D 157 53.58 22.54 27.48
C LYS D 157 54.16 21.43 26.60
N ALA D 158 55.27 20.83 27.03
CA ALA D 158 55.87 19.71 26.29
C ALA D 158 54.88 18.53 26.29
N TYR D 159 54.31 18.21 27.46
CA TYR D 159 53.26 17.19 27.51
C TYR D 159 52.12 17.53 26.55
N LEU D 160 51.54 18.72 26.69
CA LEU D 160 50.31 19.08 25.98
C LEU D 160 50.40 19.12 24.46
N GLU D 161 51.58 19.50 23.95
CA GLU D 161 51.86 19.63 22.52
C GLU D 161 52.42 18.34 21.95
N GLY D 162 53.01 17.51 22.81
CA GLY D 162 53.73 16.32 22.39
C GLY D 162 52.91 15.08 22.72
N GLU D 163 53.19 14.48 23.86
CA GLU D 163 52.54 13.22 24.22
C GLU D 163 51.02 13.27 24.13
N CYS D 164 50.40 14.35 24.59
CA CYS D 164 48.93 14.43 24.59
C CYS D 164 48.37 14.35 23.18
N VAL D 165 49.00 15.07 22.26
CA VAL D 165 48.58 15.08 20.86
C VAL D 165 48.78 13.68 20.31
N GLU D 166 50.02 13.23 20.36
CA GLU D 166 50.41 12.01 19.68
C GLU D 166 49.62 10.82 20.19
N TRP D 167 49.36 10.78 21.49
CA TRP D 167 48.63 9.67 22.09
C TRP D 167 47.14 9.76 21.78
N LEU D 168 46.61 10.98 21.74
CA LEU D 168 45.26 11.13 21.22
C LEU D 168 45.19 10.60 19.78
N HIS D 169 46.16 10.93 18.91
CA HIS D 169 46.18 10.43 17.52
C HIS D 169 46.03 8.90 17.50
N ARG D 170 46.88 8.25 18.29
CA ARG D 170 46.91 6.79 18.41
C ARG D 170 45.60 6.18 18.93
N TYR D 171 44.91 6.85 19.85
CA TYR D 171 43.69 6.30 20.42
C TYR D 171 42.52 6.42 19.43
N LEU D 172 42.51 7.50 18.66
CA LEU D 172 41.46 7.72 17.68
C LEU D 172 41.56 6.66 16.57
N LYS D 173 42.79 6.36 16.14
CA LYS D 173 43.03 5.25 15.23
C LYS D 173 42.54 3.92 15.81
N ASN D 174 42.82 3.66 17.09
CA ASN D 174 42.55 2.36 17.72
C ASN D 174 41.06 2.02 17.92
N GLY D 175 40.24 3.04 18.14
CA GLY D 175 38.80 2.90 18.21
C GLY D 175 38.13 3.84 17.24
N ASN D 176 38.29 3.57 15.93
CA ASN D 176 37.73 4.43 14.87
C ASN D 176 36.22 4.20 14.64
N ALA D 177 35.75 2.97 14.89
CA ALA D 177 34.32 2.61 14.80
C ALA D 177 33.50 2.93 16.09
N THR D 178 34.18 3.19 17.21
CA THR D 178 33.52 3.51 18.49
C THR D 178 33.41 5.02 18.75
N LEU D 179 34.15 5.81 17.96
CA LEU D 179 34.29 7.27 18.15
C LEU D 179 33.83 8.11 16.94
N LEU D 180 33.66 7.49 15.77
CA LEU D 180 32.94 8.09 14.62
C LEU D 180 31.42 7.87 14.80
N ARG D 181 30.93 8.23 15.99
CA ARG D 181 29.55 7.97 16.42
C ARG D 181 28.94 9.25 16.96
N THR D 182 27.86 9.68 16.31
CA THR D 182 26.94 10.66 16.85
C THR D 182 25.56 10.12 16.56
N ASP D 183 24.84 9.77 17.63
CA ASP D 183 23.44 9.35 17.52
C ASP D 183 22.53 10.57 17.50
N SER D 184 21.68 10.65 16.50
CA SER D 184 20.79 11.78 16.35
C SER D 184 19.60 11.63 17.30
N PRO D 185 19.07 12.73 17.81
CA PRO D 185 17.87 12.69 18.64
C PRO D 185 16.62 12.25 17.88
N LYS D 186 15.77 11.50 18.54
CA LYS D 186 14.41 11.26 18.08
C LYS D 186 13.57 12.12 18.99
N ALA D 187 12.73 12.97 18.41
CA ALA D 187 11.92 13.87 19.21
C ALA D 187 10.47 13.53 19.00
N HIS D 188 9.71 13.65 20.07
CA HIS D 188 8.27 13.58 19.99
C HIS D 188 7.70 14.69 20.87
N VAL D 189 6.43 15.03 20.71
CA VAL D 189 5.78 15.94 21.63
C VAL D 189 4.64 15.20 22.37
N THR D 190 4.59 15.34 23.69
CA THR D 190 3.51 14.72 24.48
C THR D 190 2.59 15.83 24.97
N HIS D 191 1.34 15.45 25.23
CA HIS D 191 0.27 16.39 25.54
C HIS D 191 -0.22 16.10 26.94
N HIS D 192 -0.39 17.14 27.75
CA HIS D 192 -0.66 16.99 29.17
C HIS D 192 -1.66 18.00 29.69
N PRO D 193 -2.65 17.55 30.47
CA PRO D 193 -3.53 18.47 31.20
C PRO D 193 -2.73 19.44 32.07
N ARG D 194 -3.31 20.62 32.28
CA ARG D 194 -2.66 21.69 33.01
C ARG D 194 -3.70 22.77 33.06
N SER D 195 -4.16 23.20 34.23
CA SER D 195 -4.97 24.43 34.29
C SER D 195 -6.23 24.42 33.40
N LYS D 196 -7.17 25.33 33.68
CA LYS D 196 -8.38 25.50 32.86
C LYS D 196 -8.06 26.14 31.51
N GLY D 197 -8.42 25.47 30.42
CA GLY D 197 -8.23 25.95 29.05
C GLY D 197 -6.78 26.05 28.61
N GLU D 198 -5.91 25.24 29.23
CA GLU D 198 -4.46 25.24 28.96
C GLU D 198 -3.86 23.81 29.08
N VAL D 199 -2.90 23.51 28.23
CA VAL D 199 -2.21 22.22 28.26
C VAL D 199 -0.71 22.44 28.26
N THR D 200 0.04 21.45 28.75
CA THR D 200 1.50 21.46 28.66
C THR D 200 1.89 20.62 27.43
N LEU D 201 2.75 21.21 26.59
CA LEU D 201 3.39 20.53 25.48
C LEU D 201 4.85 20.28 25.86
N ARG D 202 5.26 19.03 25.86
CA ARG D 202 6.60 18.68 26.27
C ARG D 202 7.34 18.13 25.09
N CYS D 203 8.21 18.94 24.49
CA CYS D 203 9.13 18.48 23.47
C CYS D 203 10.24 17.64 24.11
N TRP D 204 10.26 16.35 23.76
CA TRP D 204 11.26 15.42 24.24
C TRP D 204 12.31 15.19 23.18
N ALA D 205 13.57 15.10 23.60
CA ALA D 205 14.63 14.60 22.73
C ALA D 205 15.24 13.39 23.40
N LEU D 206 15.32 12.27 22.67
CA LEU D 206 15.73 10.98 23.24
C LEU D 206 16.79 10.30 22.40
N GLY D 207 17.66 9.55 23.08
CA GLY D 207 18.62 8.66 22.43
C GLY D 207 19.71 9.34 21.62
N PHE D 208 20.13 10.54 22.03
CA PHE D 208 21.16 11.29 21.32
C PHE D 208 22.53 11.27 22.01
N TYR D 209 23.58 11.32 21.20
CA TYR D 209 24.93 11.46 21.69
C TYR D 209 25.68 12.29 20.64
N PRO D 210 26.49 13.26 21.04
CA PRO D 210 26.77 13.60 22.44
C PRO D 210 25.69 14.42 23.12
N ALA D 211 25.97 14.86 24.35
CA ALA D 211 24.97 15.44 25.26
C ALA D 211 24.54 16.88 24.90
N ASP D 212 25.38 17.59 24.17
CA ASP D 212 25.12 18.98 23.79
C ASP D 212 23.94 19.06 22.85
N ILE D 213 22.94 19.85 23.21
CA ILE D 213 21.72 19.91 22.43
C ILE D 213 20.97 21.18 22.78
N THR D 214 20.09 21.61 21.88
CA THR D 214 19.23 22.74 22.15
C THR D 214 17.79 22.50 21.68
N LEU D 215 16.86 22.88 22.55
CA LEU D 215 15.44 22.82 22.30
C LEU D 215 14.91 24.24 22.43
N THR D 216 14.07 24.62 21.48
CA THR D 216 13.35 25.90 21.52
C THR D 216 11.89 25.65 21.17
N TRP D 217 11.04 26.55 21.63
CA TRP D 217 9.65 26.54 21.21
C TRP D 217 9.33 27.85 20.46
N GLN D 218 8.46 27.77 19.45
CA GLN D 218 8.05 28.95 18.70
C GLN D 218 6.54 29.00 18.58
N LEU D 219 6.00 30.23 18.53
CA LEU D 219 4.59 30.46 18.19
C LEU D 219 4.47 31.57 17.17
N ASN D 220 3.42 31.50 16.36
CA ASN D 220 3.01 32.55 15.41
C ASN D 220 4.11 33.03 14.46
N GLY D 221 5.30 32.42 14.54
CA GLY D 221 6.48 32.99 13.89
C GLY D 221 7.82 32.58 14.47
N GLU D 222 8.16 33.05 15.68
CA GLU D 222 9.52 32.88 16.19
C GLU D 222 9.74 33.22 17.68
N GLU D 223 10.66 32.43 18.27
CA GLU D 223 11.22 32.59 19.63
C GLU D 223 10.19 32.50 20.76
N LEU D 224 10.65 32.08 21.93
CA LEU D 224 9.84 32.04 23.15
C LEU D 224 10.73 31.81 24.39
N THR D 225 11.54 32.83 24.70
CA THR D 225 12.58 32.79 25.73
C THR D 225 12.00 32.56 27.13
N GLN D 226 11.17 33.51 27.54
CA GLN D 226 10.71 33.62 28.92
C GLN D 226 9.71 32.51 29.27
N ASP D 227 9.89 31.91 30.45
CA ASP D 227 8.96 30.92 31.01
C ASP D 227 8.65 29.65 30.15
N MET D 228 9.57 29.29 29.26
CA MET D 228 9.65 27.91 28.78
C MET D 228 10.15 27.12 29.99
N GLU D 229 9.59 25.92 30.20
CA GLU D 229 10.14 24.96 31.16
C GLU D 229 11.20 24.09 30.45
N LEU D 230 12.29 23.79 31.15
CA LEU D 230 13.34 22.89 30.62
C LEU D 230 14.08 22.10 31.72
N VAL D 231 14.70 20.99 31.36
CA VAL D 231 15.58 20.25 32.28
C VAL D 231 17.01 20.23 31.80
N GLU D 232 17.90 19.98 32.75
CA GLU D 232 19.30 19.77 32.46
C GLU D 232 19.40 18.43 31.72
N THR D 233 20.31 18.35 30.79
CA THR D 233 20.52 17.16 29.99
C THR D 233 20.98 16.01 30.92
N ARG D 234 20.41 14.83 30.72
CA ARG D 234 20.50 13.71 31.67
C ARG D 234 20.87 12.40 30.94
N PRO D 235 21.72 11.58 31.54
CA PRO D 235 22.04 10.28 30.94
C PRO D 235 20.87 9.33 31.03
N ALA D 236 20.52 8.72 29.91
CA ALA D 236 19.63 7.55 29.90
C ALA D 236 20.26 6.42 30.71
N GLY D 237 21.58 6.31 30.62
CA GLY D 237 22.34 5.24 31.27
C GLY D 237 22.82 4.16 30.30
N ASP D 238 22.50 4.32 29.02
CA ASP D 238 22.88 3.33 27.99
C ASP D 238 23.95 3.89 27.06
N GLY D 239 24.57 5.01 27.45
CA GLY D 239 25.44 5.77 26.57
C GLY D 239 24.81 7.05 26.02
N THR D 240 23.48 7.08 25.85
CA THR D 240 22.76 8.24 25.31
C THR D 240 22.18 9.19 26.35
N PHE D 241 21.58 10.27 25.85
CA PHE D 241 21.14 11.38 26.69
C PHE D 241 19.70 11.81 26.39
N GLN D 242 19.09 12.45 27.39
CA GLN D 242 17.71 12.94 27.30
C GLN D 242 17.62 14.40 27.68
N LYS D 243 16.61 15.07 27.18
CA LYS D 243 16.30 16.43 27.58
C LYS D 243 14.89 16.70 27.12
N TRP D 244 14.20 17.57 27.83
CA TRP D 244 12.94 18.07 27.33
C TRP D 244 12.73 19.55 27.61
N ALA D 245 11.92 20.18 26.76
CA ALA D 245 11.45 21.53 26.96
C ALA D 245 9.95 21.52 26.84
N SER D 246 9.27 22.19 27.77
CA SER D 246 7.81 22.33 27.69
C SER D 246 7.32 23.78 27.72
N VAL D 247 6.06 23.96 27.35
CA VAL D 247 5.53 25.29 27.16
C VAL D 247 4.07 25.35 27.60
N VAL D 248 3.57 26.55 27.89
CA VAL D 248 2.17 26.72 28.33
C VAL D 248 1.29 27.36 27.24
N VAL D 249 0.30 26.58 26.77
CA VAL D 249 -0.46 26.88 25.55
C VAL D 249 -1.96 26.82 25.83
N PRO D 250 -2.77 27.63 25.15
CA PRO D 250 -4.22 27.45 25.19
C PRO D 250 -4.70 26.14 24.53
N LEU D 251 -5.62 25.42 25.17
CA LEU D 251 -6.31 24.28 24.56
C LEU D 251 -6.89 24.67 23.20
N GLY D 252 -6.68 23.83 22.19
CA GLY D 252 -7.26 24.07 20.86
C GLY D 252 -6.40 24.87 19.88
N LYS D 253 -5.42 25.62 20.40
CA LYS D 253 -4.52 26.47 19.58
C LYS D 253 -3.11 25.86 19.62
N GLU D 254 -3.09 24.53 19.56
CA GLU D 254 -1.91 23.73 19.84
C GLU D 254 -1.07 23.47 18.59
N GLN D 255 -1.74 23.44 17.44
CA GLN D 255 -1.06 23.21 16.16
C GLN D 255 -0.19 24.38 15.72
N ASN D 256 -0.39 25.57 16.29
CA ASN D 256 0.44 26.72 15.91
C ASN D 256 1.66 26.93 16.82
N TYR D 257 2.10 25.84 17.45
CA TYR D 257 3.31 25.85 18.27
C TYR D 257 4.28 24.77 17.79
N THR D 258 5.47 25.23 17.41
CA THR D 258 6.51 24.41 16.82
C THR D 258 7.73 24.21 17.75
N CYS D 259 8.22 22.98 17.82
CA CYS D 259 9.45 22.68 18.53
C CYS D 259 10.62 22.38 17.60
N ARG D 260 11.76 23.04 17.83
CA ARG D 260 12.97 22.79 17.06
C ARG D 260 14.09 22.19 17.94
N VAL D 261 14.71 21.11 17.45
CA VAL D 261 15.78 20.38 18.11
C VAL D 261 17.09 20.56 17.32
N TYR D 262 18.11 21.11 17.99
CA TYR D 262 19.41 21.34 17.35
C TYR D 262 20.45 20.40 17.99
N HIS D 263 21.08 19.60 17.14
CA HIS D 263 22.10 18.65 17.55
C HIS D 263 23.05 18.39 16.40
N GLU D 264 24.31 18.19 16.75
CA GLU D 264 25.36 18.03 15.77
C GLU D 264 25.22 16.83 14.83
N GLY D 265 24.40 15.87 15.18
CA GLY D 265 24.24 14.69 14.37
C GLY D 265 23.12 14.84 13.34
N LEU D 266 22.16 15.73 13.63
CA LEU D 266 21.13 16.09 12.65
C LEU D 266 21.73 16.68 11.35
N PRO D 267 21.15 16.31 10.20
CA PRO D 267 21.52 16.93 8.92
C PRO D 267 21.10 18.42 8.92
N GLU D 268 19.90 18.65 9.46
CA GLU D 268 19.34 19.98 9.70
C GLU D 268 18.55 19.89 11.00
N PRO D 269 18.27 21.02 11.64
CA PRO D 269 17.45 21.00 12.84
C PRO D 269 16.12 20.28 12.63
N LEU D 270 15.58 19.66 13.68
CA LEU D 270 14.27 19.02 13.60
C LEU D 270 13.22 20.07 13.87
N THR D 271 12.15 20.04 13.09
CA THR D 271 10.96 20.83 13.36
C THR D 271 9.84 19.82 13.58
N LEU D 272 8.99 20.06 14.58
CA LEU D 272 8.09 19.03 15.10
C LEU D 272 6.91 19.66 15.85
N ARG D 273 5.72 19.11 15.64
CA ARG D 273 4.52 19.57 16.33
C ARG D 273 3.86 18.45 17.12
N TRP D 274 2.94 18.84 17.99
CA TRP D 274 1.97 17.95 18.58
C TRP D 274 1.17 17.28 17.47
N GLU D 275 1.22 15.96 17.42
CA GLU D 275 0.53 15.18 16.41
C GLU D 275 -0.59 14.37 17.08
N PRO D 276 -1.83 14.87 17.03
CA PRO D 276 -2.95 14.20 17.73
C PRO D 276 -3.23 12.80 17.21
N ILE E 1 33.83 25.34 50.48
CA ILE E 1 32.37 25.46 50.86
C ILE E 1 31.47 24.74 49.85
N GLN E 2 30.26 24.45 50.28
CA GLN E 2 29.43 23.46 49.60
C GLN E 2 28.53 23.94 48.44
N LYS E 3 28.33 23.05 47.47
CA LYS E 3 27.38 23.25 46.37
C LYS E 3 26.25 22.21 46.54
N THR E 4 24.99 22.68 46.52
CA THR E 4 23.85 21.82 46.86
C THR E 4 23.43 20.95 45.63
N PRO E 5 23.19 19.67 45.85
CA PRO E 5 22.95 18.74 44.74
C PRO E 5 21.66 18.98 43.97
N GLN E 6 21.70 19.08 42.65
CA GLN E 6 20.49 19.04 41.84
C GLN E 6 20.15 17.60 41.56
N ILE E 7 18.85 17.29 41.52
CA ILE E 7 18.38 15.91 41.49
C ILE E 7 17.27 15.74 40.48
N GLN E 8 17.48 14.88 39.49
CA GLN E 8 16.37 14.35 38.68
C GLN E 8 16.16 12.83 38.88
N VAL E 9 14.92 12.41 38.88
CA VAL E 9 14.53 11.02 38.94
C VAL E 9 13.69 10.76 37.69
N TYR E 10 14.03 9.73 36.96
CA TYR E 10 13.37 9.50 35.68
C TYR E 10 13.77 8.14 35.16
N SER E 11 13.02 7.69 34.17
CA SER E 11 13.22 6.36 33.60
C SER E 11 14.02 6.47 32.32
N ARG E 12 14.75 5.39 32.06
CA ARG E 12 15.58 5.27 30.87
C ARG E 12 14.72 5.18 29.62
N HIS E 13 13.65 4.40 29.66
CA HIS E 13 12.78 4.24 28.49
C HIS E 13 11.43 4.89 28.80
N PRO E 14 10.65 5.22 27.78
CA PRO E 14 9.33 5.79 28.01
C PRO E 14 8.56 4.84 28.94
N PRO E 15 8.08 5.31 30.08
CA PRO E 15 7.44 4.42 31.05
C PRO E 15 6.15 3.85 30.49
N GLU E 16 5.77 2.70 31.04
CA GLU E 16 4.64 1.93 30.54
C GLU E 16 4.32 0.95 31.67
N ASN E 17 3.13 1.08 32.23
CA ASN E 17 2.77 0.24 33.37
C ASN E 17 2.88 -1.23 32.99
N GLY E 18 3.56 -2.01 33.85
CA GLY E 18 3.78 -3.44 33.62
C GLY E 18 5.10 -3.82 32.94
N LYS E 19 5.81 -2.83 32.40
CA LYS E 19 6.97 -3.05 31.53
C LYS E 19 8.31 -2.78 32.25
N PRO E 20 9.13 -3.80 32.45
CA PRO E 20 10.53 -3.63 32.90
C PRO E 20 11.28 -2.45 32.31
N ASN E 21 11.86 -1.66 33.18
CA ASN E 21 12.44 -0.36 32.80
C ASN E 21 13.59 -0.11 33.74
N ILE E 22 14.25 1.02 33.62
CA ILE E 22 15.32 1.37 34.55
C ILE E 22 14.99 2.71 35.13
N LEU E 23 15.02 2.82 36.45
CA LEU E 23 14.82 4.11 37.12
C LEU E 23 16.16 4.69 37.51
N ASN E 24 16.37 5.92 37.05
CA ASN E 24 17.56 6.69 37.27
C ASN E 24 17.37 7.76 38.36
N CYS E 25 18.44 8.05 39.09
CA CYS E 25 18.48 9.17 40.01
C CYS E 25 19.83 9.83 39.74
N TYR E 26 19.79 10.96 39.07
CA TYR E 26 20.92 11.67 38.53
C TYR E 26 21.12 12.83 39.47
N VAL E 27 22.29 12.89 40.10
CA VAL E 27 22.59 13.88 41.13
C VAL E 27 23.80 14.66 40.69
N THR E 28 23.65 15.95 40.45
CA THR E 28 24.73 16.79 39.89
C THR E 28 25.06 18.00 40.76
N GLN E 29 26.14 18.70 40.40
CA GLN E 29 26.37 20.07 40.90
C GLN E 29 26.69 20.14 42.38
N PHE E 30 27.28 19.09 42.95
CA PHE E 30 27.51 19.03 44.38
C PHE E 30 28.99 19.06 44.83
N HIS E 31 29.19 19.53 46.06
CA HIS E 31 30.50 19.62 46.68
C HIS E 31 30.31 19.76 48.20
N PRO E 32 31.10 19.06 49.01
CA PRO E 32 32.19 18.14 48.62
C PRO E 32 31.67 16.80 48.00
N PRO E 33 32.57 15.97 47.49
CA PRO E 33 32.17 14.78 46.72
C PRO E 33 31.53 13.62 47.53
N HIS E 34 31.65 13.61 48.86
CA HIS E 34 30.96 12.63 49.70
C HIS E 34 29.46 12.90 49.67
N ILE E 35 28.68 11.86 49.33
CA ILE E 35 27.23 11.93 49.23
C ILE E 35 26.63 10.53 49.50
N GLU E 36 25.41 10.49 50.05
CA GLU E 36 24.65 9.24 50.23
C GLU E 36 23.36 9.28 49.43
N ILE E 37 23.10 8.22 48.69
CA ILE E 37 21.96 8.19 47.78
C ILE E 37 21.17 6.89 47.97
N GLN E 38 19.85 7.02 48.15
CA GLN E 38 18.92 5.90 48.33
C GLN E 38 17.78 6.01 47.34
N MET E 39 17.37 4.90 46.74
CA MET E 39 16.17 4.87 45.94
C MET E 39 15.13 4.04 46.69
N LEU E 40 13.86 4.46 46.60
CA LEU E 40 12.78 3.89 47.42
C LEU E 40 11.60 3.43 46.58
N LYS E 41 11.01 2.30 46.95
CA LYS E 41 9.78 1.84 46.34
C LYS E 41 8.78 1.79 47.49
N ASN E 42 7.74 2.61 47.37
CA ASN E 42 6.76 2.74 48.43
C ASN E 42 7.38 2.94 49.82
N GLY E 43 8.46 3.74 49.85
CA GLY E 43 9.09 4.17 51.09
C GLY E 43 10.08 3.18 51.66
N LYS E 44 10.30 2.08 50.92
CA LYS E 44 11.27 1.02 51.25
C LYS E 44 12.50 1.21 50.37
N LYS E 45 13.67 1.12 51.00
CA LYS E 45 14.97 1.20 50.33
C LYS E 45 15.10 0.04 49.34
N ILE E 46 15.23 0.33 48.04
CA ILE E 46 15.40 -0.70 47.02
C ILE E 46 16.78 -1.31 47.24
N PRO E 47 16.86 -2.63 47.45
CA PRO E 47 18.12 -3.28 47.88
C PRO E 47 19.35 -3.22 46.94
N LYS E 48 19.20 -3.46 45.64
CA LYS E 48 20.37 -3.45 44.75
C LYS E 48 20.24 -2.24 43.84
N VAL E 49 21.13 -1.27 44.04
CA VAL E 49 21.09 -0.01 43.32
C VAL E 49 22.49 0.18 42.77
N GLU E 50 22.61 0.28 41.45
CA GLU E 50 23.89 0.45 40.79
C GLU E 50 24.32 1.91 40.94
N MET E 51 25.57 2.13 41.34
CA MET E 51 26.09 3.47 41.60
C MET E 51 27.30 3.72 40.66
N SER E 52 27.17 4.65 39.72
CA SER E 52 28.29 5.04 38.88
C SER E 52 29.42 5.60 39.77
N ASP E 53 30.64 5.58 39.26
CA ASP E 53 31.79 6.04 40.04
C ASP E 53 31.86 7.55 40.15
N MET E 54 32.70 8.05 41.04
CA MET E 54 32.89 9.50 41.26
C MET E 54 33.35 10.17 39.96
N SER E 55 32.59 11.14 39.46
CA SER E 55 33.07 12.01 38.38
C SER E 55 32.81 13.49 38.69
N PHE E 56 33.49 14.38 37.96
CA PHE E 56 33.22 15.81 38.05
C PHE E 56 33.18 16.51 36.70
N SER E 57 32.51 17.66 36.65
CA SER E 57 32.32 18.42 35.43
C SER E 57 33.38 19.47 35.31
N LYS E 58 33.38 20.16 34.18
CA LYS E 58 34.40 21.14 33.91
C LYS E 58 34.24 22.40 34.75
N ASP E 59 33.12 22.53 35.46
CA ASP E 59 32.97 23.59 36.46
C ASP E 59 33.37 23.12 37.89
N TRP E 60 33.98 21.93 37.99
CA TRP E 60 34.59 21.36 39.20
C TRP E 60 33.60 20.54 40.05
N SER E 61 32.30 20.67 39.79
CA SER E 61 31.28 20.05 40.61
C SER E 61 31.11 18.59 40.25
N PHE E 62 30.72 17.80 41.25
CA PHE E 62 30.64 16.35 41.11
C PHE E 62 29.24 15.93 40.72
N TYR E 63 29.17 14.80 40.03
CA TYR E 63 27.92 14.15 39.66
C TYR E 63 28.03 12.65 39.78
N ILE E 64 26.86 12.04 39.89
CA ILE E 64 26.76 10.61 40.08
C ILE E 64 25.40 10.16 39.55
N LEU E 65 25.35 8.99 38.95
CA LEU E 65 24.10 8.39 38.49
C LEU E 65 23.86 7.11 39.28
N ALA E 66 22.80 7.08 40.06
CA ALA E 66 22.28 5.86 40.66
C ALA E 66 21.22 5.31 39.73
N HIS E 67 21.12 4.00 39.59
CA HIS E 67 20.01 3.40 38.84
C HIS E 67 19.58 2.02 39.40
N THR E 68 18.38 1.59 39.08
CA THR E 68 17.93 0.25 39.49
C THR E 68 16.87 -0.26 38.53
N GLU E 69 16.77 -1.58 38.44
CA GLU E 69 15.65 -2.20 37.72
C GLU E 69 14.35 -1.85 38.41
N PHE E 70 13.31 -1.62 37.64
CA PHE E 70 11.97 -1.50 38.20
C PHE E 70 10.92 -1.65 37.15
N THR E 71 9.73 -2.01 37.62
CA THR E 71 8.56 -2.12 36.77
C THR E 71 7.50 -1.17 37.27
N PRO E 72 7.29 -0.06 36.59
CA PRO E 72 6.30 0.91 37.05
C PRO E 72 4.89 0.34 37.04
N THR E 73 4.09 0.82 37.97
CA THR E 73 2.66 0.54 37.96
C THR E 73 1.95 1.86 38.17
N GLU E 74 0.64 1.82 38.27
CA GLU E 74 -0.14 3.04 38.46
C GLU E 74 -0.05 3.52 39.90
N THR E 75 0.21 2.57 40.79
CA THR E 75 0.08 2.70 42.24
C THR E 75 1.39 2.90 42.99
N ASP E 76 2.46 2.22 42.53
CA ASP E 76 3.74 2.29 43.24
C ASP E 76 4.40 3.66 43.10
N THR E 77 4.86 4.23 44.21
CA THR E 77 5.60 5.47 44.14
C THR E 77 7.08 5.21 44.29
N TYR E 78 7.87 5.85 43.42
CA TYR E 78 9.30 5.75 43.49
C TYR E 78 9.88 7.08 43.83
N ALA E 79 10.97 7.04 44.57
CA ALA E 79 11.63 8.25 45.04
C ALA E 79 13.15 8.06 45.10
N CYS E 80 13.83 9.18 45.21
CA CYS E 80 15.24 9.17 45.42
C CYS E 80 15.49 10.12 46.57
N ARG E 81 16.35 9.72 47.49
CA ARG E 81 16.61 10.43 48.74
C ARG E 81 18.09 10.64 48.90
N VAL E 82 18.49 11.90 49.05
CA VAL E 82 19.88 12.28 48.98
C VAL E 82 20.33 12.99 50.25
N LYS E 83 21.39 12.50 50.86
CA LYS E 83 21.96 13.10 52.05
C LYS E 83 23.30 13.66 51.65
N HIS E 84 23.49 14.93 51.92
CA HIS E 84 24.73 15.60 51.60
C HIS E 84 24.92 16.71 52.61
N ASP E 85 26.18 17.06 52.91
CA ASP E 85 26.48 18.07 53.92
C ASP E 85 25.92 19.47 53.60
N SER E 86 25.59 19.76 52.32
CA SER E 86 24.98 21.05 51.93
C SER E 86 23.61 21.28 52.49
N MET E 87 22.96 20.19 52.89
CA MET E 87 21.60 20.22 53.37
C MET E 87 21.53 19.71 54.78
N ALA E 88 20.71 20.36 55.60
CA ALA E 88 20.54 19.95 57.00
C ALA E 88 19.80 18.64 57.06
N GLU E 89 18.85 18.44 56.14
CA GLU E 89 18.11 17.17 56.08
C GLU E 89 18.14 16.57 54.68
N PRO E 90 18.08 15.24 54.60
CA PRO E 90 18.04 14.58 53.29
C PRO E 90 16.85 15.09 52.48
N LYS E 91 17.07 15.18 51.18
CA LYS E 91 16.08 15.68 50.24
C LYS E 91 15.56 14.48 49.45
N THR E 92 14.27 14.47 49.24
CA THR E 92 13.56 13.37 48.62
C THR E 92 12.91 13.92 47.40
N VAL E 93 13.19 13.38 46.23
CA VAL E 93 12.41 13.75 45.06
C VAL E 93 11.76 12.51 44.47
N TYR E 94 10.49 12.69 44.14
CA TYR E 94 9.63 11.65 43.64
C TYR E 94 9.63 11.61 42.14
N TRP E 95 9.55 10.40 41.62
CA TRP E 95 9.43 10.17 40.20
C TRP E 95 8.06 10.57 39.72
N ASP E 96 8.07 11.30 38.62
CA ASP E 96 6.90 11.72 37.90
C ASP E 96 7.03 11.12 36.49
N ARG E 97 6.09 10.30 36.07
CA ARG E 97 6.22 9.60 34.78
C ARG E 97 6.31 10.56 33.59
N ASP E 98 5.76 11.77 33.72
CA ASP E 98 5.97 12.83 32.74
C ASP E 98 7.39 13.44 32.96
N MET E 99 7.51 14.60 33.60
CA MET E 99 8.80 15.14 34.03
C MET E 99 9.83 14.00 34.15
N LYS F 1 47.41 8.79 27.24
CA LYS F 1 48.66 8.79 28.06
C LYS F 1 48.60 9.95 29.08
N ALA F 2 48.63 9.59 30.36
CA ALA F 2 48.54 10.56 31.45
C ALA F 2 49.77 11.47 31.58
N LEU F 3 49.52 12.62 32.16
CA LEU F 3 50.53 13.59 32.47
C LEU F 3 51.09 13.18 33.81
N TYR F 4 52.35 13.52 34.00
CA TYR F 4 52.92 13.60 35.33
C TYR F 4 53.26 15.06 35.66
N ASN F 5 53.03 15.46 36.92
CA ASN F 5 53.15 16.88 37.28
C ASN F 5 54.58 17.20 37.60
N PHE F 6 54.88 18.48 37.64
CA PHE F 6 56.21 18.99 37.91
C PHE F 6 56.31 19.29 39.44
N ALA F 7 56.69 20.50 39.79
CA ALA F 7 56.79 20.93 41.19
C ALA F 7 55.44 20.90 41.91
N THR F 8 55.49 20.53 43.18
CA THR F 8 54.29 20.53 44.01
C THR F 8 53.86 21.97 44.24
N MET F 9 52.67 22.14 44.80
CA MET F 9 52.10 23.46 44.97
C MET F 9 52.75 24.20 46.12
N GLY G 1 -22.44 -51.36 33.79
CA GLY G 1 -22.69 -52.82 33.95
C GLY G 1 -22.33 -53.61 32.69
N PRO G 2 -23.32 -54.21 32.03
CA PRO G 2 -23.05 -54.97 30.79
C PRO G 2 -22.54 -54.06 29.66
N HIS G 3 -21.87 -54.64 28.68
CA HIS G 3 -21.37 -53.89 27.53
C HIS G 3 -21.35 -54.78 26.32
N SER G 4 -21.19 -54.16 25.16
CA SER G 4 -21.21 -54.91 23.90
C SER G 4 -20.56 -54.11 22.76
N MET G 5 -20.11 -54.81 21.74
CA MET G 5 -19.79 -54.20 20.47
C MET G 5 -20.53 -54.94 19.35
N ARG G 6 -20.96 -54.22 18.34
CA ARG G 6 -21.44 -54.84 17.12
C ARG G 6 -20.98 -54.10 15.87
N TYR G 7 -20.81 -54.86 14.79
CA TYR G 7 -20.72 -54.33 13.44
C TYR G 7 -21.89 -54.87 12.63
N PHE G 8 -22.68 -53.95 12.08
CA PHE G 8 -23.85 -54.27 11.23
C PHE G 8 -23.47 -53.89 9.83
N GLU G 9 -23.38 -54.87 8.94
CA GLU G 9 -22.88 -54.66 7.59
C GLU G 9 -23.98 -54.98 6.60
N THR G 10 -24.07 -54.20 5.52
CA THR G 10 -25.15 -54.36 4.54
C THR G 10 -24.57 -54.22 3.17
N ALA G 11 -25.01 -55.04 2.23
CA ALA G 11 -24.74 -54.77 0.82
C ALA G 11 -26.07 -54.84 0.08
N VAL G 12 -26.34 -53.85 -0.76
CA VAL G 12 -27.59 -53.76 -1.49
C VAL G 12 -27.33 -53.66 -2.98
N SER G 13 -28.01 -54.48 -3.76
CA SER G 13 -28.07 -54.34 -5.19
C SER G 13 -29.43 -53.83 -5.62
N ARG G 14 -29.45 -53.00 -6.66
CA ARG G 14 -30.67 -52.49 -7.27
C ARG G 14 -30.62 -52.70 -8.79
N PRO G 15 -31.74 -53.01 -9.43
CA PRO G 15 -31.75 -53.16 -10.89
C PRO G 15 -31.13 -51.92 -11.55
N GLY G 16 -30.21 -52.19 -12.48
CA GLY G 16 -29.60 -51.15 -13.30
C GLY G 16 -28.50 -50.36 -12.60
N LEU G 17 -28.11 -50.75 -11.39
CA LEU G 17 -26.92 -50.17 -10.73
C LEU G 17 -25.79 -51.18 -10.90
N GLU G 18 -24.69 -50.71 -11.45
CA GLU G 18 -23.55 -51.56 -11.77
C GLU G 18 -23.18 -52.45 -10.59
N GLU G 19 -22.89 -51.81 -9.45
CA GLU G 19 -22.34 -52.45 -8.26
C GLU G 19 -23.22 -52.20 -7.04
N PRO G 20 -23.22 -53.14 -6.09
CA PRO G 20 -23.99 -52.92 -4.85
C PRO G 20 -23.30 -51.91 -3.93
N ARG G 21 -24.08 -51.26 -3.08
CA ARG G 21 -23.56 -50.35 -2.08
C ARG G 21 -23.32 -51.10 -0.76
N TYR G 22 -22.15 -50.91 -0.17
CA TYR G 22 -21.75 -51.54 1.04
C TYR G 22 -21.62 -50.50 2.14
N ILE G 23 -22.34 -50.72 3.23
CA ILE G 23 -22.26 -49.88 4.43
C ILE G 23 -21.93 -50.75 5.61
N SER G 24 -21.01 -50.29 6.45
CA SER G 24 -20.75 -50.90 7.74
C SER G 24 -20.95 -49.88 8.81
N VAL G 25 -21.62 -50.28 9.89
CA VAL G 25 -21.79 -49.43 11.06
C VAL G 25 -21.32 -50.19 12.30
N GLY G 26 -20.47 -49.56 13.10
CA GLY G 26 -20.02 -50.14 14.36
C GLY G 26 -20.73 -49.48 15.53
N TYR G 27 -21.06 -50.28 16.55
CA TYR G 27 -21.67 -49.78 17.78
C TYR G 27 -20.93 -50.27 19.02
N VAL G 28 -20.84 -49.41 20.03
CA VAL G 28 -20.37 -49.78 21.37
C VAL G 28 -21.48 -49.41 22.35
N ASP G 29 -21.95 -50.38 23.14
CA ASP G 29 -23.12 -50.20 24.01
C ASP G 29 -24.29 -49.57 23.22
N ASN G 30 -24.54 -50.13 22.04
CA ASN G 30 -25.71 -49.81 21.20
C ASN G 30 -25.72 -48.39 20.63
N LYS G 31 -24.54 -47.79 20.57
CA LYS G 31 -24.37 -46.40 20.20
C LYS G 31 -23.38 -46.33 19.05
N GLU G 32 -23.75 -45.66 17.98
CA GLU G 32 -22.95 -45.69 16.78
C GLU G 32 -21.59 -45.06 17.05
N PHE G 33 -20.52 -45.66 16.55
CA PHE G 33 -19.16 -45.14 16.78
C PHE G 33 -18.24 -45.06 15.56
N VAL G 34 -18.39 -45.94 14.58
CA VAL G 34 -17.68 -45.82 13.30
C VAL G 34 -18.60 -46.15 12.13
N ARG G 35 -18.20 -45.74 10.93
CA ARG G 35 -19.09 -45.92 9.78
C ARG G 35 -18.31 -45.86 8.45
N PHE G 36 -18.58 -46.81 7.56
CA PHE G 36 -18.01 -46.84 6.22
C PHE G 36 -19.15 -46.92 5.25
N ASP G 37 -19.04 -46.20 4.14
CA ASP G 37 -20.08 -46.14 3.13
C ASP G 37 -19.47 -45.98 1.73
N SER G 38 -19.67 -47.00 0.89
CA SER G 38 -19.04 -47.08 -0.43
C SER G 38 -19.56 -46.01 -1.39
N ASP G 39 -20.75 -45.49 -1.10
CA ASP G 39 -21.32 -44.38 -1.88
C ASP G 39 -20.59 -43.04 -1.74
N ALA G 40 -19.81 -42.84 -0.68
CA ALA G 40 -19.08 -41.58 -0.46
C ALA G 40 -17.96 -41.40 -1.50
N GLU G 41 -17.52 -40.15 -1.65
CA GLU G 41 -16.51 -39.84 -2.68
C GLU G 41 -15.16 -40.46 -2.29
N ASN G 42 -14.84 -40.33 -1.00
CA ASN G 42 -13.62 -40.89 -0.41
C ASN G 42 -14.01 -42.02 0.55
N PRO G 43 -14.30 -43.22 0.02
CA PRO G 43 -14.82 -44.27 0.87
C PRO G 43 -13.84 -44.50 2.03
N ARG G 44 -14.29 -44.27 3.26
CA ARG G 44 -13.44 -44.32 4.46
C ARG G 44 -14.29 -44.72 5.67
N TYR G 45 -13.70 -45.49 6.56
CA TYR G 45 -14.28 -45.63 7.89
C TYR G 45 -14.07 -44.27 8.54
N GLU G 46 -15.15 -43.64 8.99
CA GLU G 46 -15.11 -42.36 9.67
C GLU G 46 -15.53 -42.53 11.15
N PRO G 47 -14.97 -41.72 12.04
CA PRO G 47 -15.43 -41.70 13.43
C PRO G 47 -16.82 -41.05 13.48
N ARG G 48 -17.67 -41.50 14.38
CA ARG G 48 -19.07 -41.07 14.43
C ARG G 48 -19.48 -40.58 15.81
N ALA G 49 -18.48 -40.49 16.69
CA ALA G 49 -18.61 -39.93 18.02
C ALA G 49 -17.24 -39.34 18.38
N PRO G 50 -17.19 -38.26 19.16
CA PRO G 50 -15.96 -37.48 19.30
C PRO G 50 -14.79 -38.28 19.90
N TRP G 51 -15.09 -39.19 20.83
CA TRP G 51 -14.03 -39.90 21.57
C TRP G 51 -13.17 -40.75 20.65
N MET G 52 -13.70 -41.12 19.48
CA MET G 52 -13.03 -42.00 18.54
C MET G 52 -11.97 -41.32 17.67
N GLU G 53 -11.89 -39.99 17.69
CA GLU G 53 -10.80 -39.26 16.99
C GLU G 53 -9.42 -39.43 17.66
N GLN G 54 -9.39 -40.08 18.82
CA GLN G 54 -8.13 -40.46 19.50
C GLN G 54 -7.27 -41.43 18.67
N GLU G 55 -7.87 -42.10 17.67
CA GLU G 55 -7.14 -43.10 16.90
C GLU G 55 -6.34 -42.46 15.78
N GLY G 56 -5.07 -42.86 15.67
CA GLY G 56 -4.18 -42.33 14.65
C GLY G 56 -4.53 -42.78 13.23
N PRO G 57 -3.83 -42.22 12.25
CA PRO G 57 -4.08 -42.57 10.85
C PRO G 57 -3.92 -44.07 10.54
N GLU G 58 -3.04 -44.80 11.24
CA GLU G 58 -2.79 -46.23 10.96
C GLU G 58 -4.04 -47.07 11.26
N TYR G 59 -4.76 -46.70 12.32
CA TYR G 59 -6.04 -47.32 12.63
C TYR G 59 -7.06 -47.11 11.47
N TRP G 60 -7.22 -45.87 10.98
CA TRP G 60 -8.23 -45.62 9.94
C TRP G 60 -7.85 -46.21 8.57
N GLU G 61 -6.59 -46.11 8.20
CA GLU G 61 -6.08 -46.72 6.97
C GLU G 61 -6.37 -48.24 6.99
N ARG G 62 -6.23 -48.86 8.16
CA ARG G 62 -6.29 -50.32 8.28
C ARG G 62 -7.72 -50.84 8.35
N GLU G 63 -8.60 -50.12 9.07
CA GLU G 63 -10.02 -50.45 9.09
C GLU G 63 -10.59 -50.25 7.67
N THR G 64 -10.25 -49.12 7.06
CA THR G 64 -10.70 -48.84 5.71
C THR G 64 -10.37 -49.98 4.76
N GLN G 65 -9.14 -50.52 4.81
CA GLN G 65 -8.77 -51.67 3.96
C GLN G 65 -9.61 -52.92 4.30
N LYS G 66 -9.90 -53.12 5.58
CA LYS G 66 -10.90 -54.10 6.01
C LYS G 66 -12.21 -53.92 5.25
N ALA G 67 -12.74 -52.70 5.29
CA ALA G 67 -14.02 -52.38 4.65
C ALA G 67 -13.98 -52.64 3.15
N LYS G 68 -12.91 -52.23 2.47
CA LYS G 68 -12.73 -52.52 1.05
C LYS G 68 -12.67 -54.02 0.75
N GLY G 69 -12.10 -54.82 1.66
CA GLY G 69 -12.11 -56.26 1.54
C GLY G 69 -13.50 -56.84 1.78
N GLN G 70 -14.21 -56.30 2.78
CA GLN G 70 -15.57 -56.71 3.05
C GLN G 70 -16.49 -56.40 1.85
N GLU G 71 -16.36 -55.22 1.30
CA GLU G 71 -17.13 -54.84 0.14
C GLU G 71 -17.01 -55.93 -0.95
N GLN G 72 -15.80 -56.41 -1.19
CA GLN G 72 -15.60 -57.46 -2.21
C GLN G 72 -16.25 -58.79 -1.82
N TRP G 73 -16.09 -59.15 -0.56
CA TRP G 73 -16.68 -60.33 0.02
C TRP G 73 -18.18 -60.32 -0.20
N PHE G 74 -18.81 -59.19 0.10
CA PHE G 74 -20.28 -59.05 -0.03
C PHE G 74 -20.68 -59.11 -1.48
N ARG G 75 -19.89 -58.46 -2.31
CA ARG G 75 -20.09 -58.46 -3.73
C ARG G 75 -20.11 -59.88 -4.31
N VAL G 76 -19.14 -60.71 -3.93
CA VAL G 76 -19.02 -62.07 -4.48
C VAL G 76 -20.11 -62.97 -3.92
N SER G 77 -20.42 -62.81 -2.65
CA SER G 77 -21.54 -63.53 -2.04
C SER G 77 -22.89 -63.24 -2.67
N LEU G 78 -23.16 -61.97 -2.88
CA LEU G 78 -24.42 -61.54 -3.54
C LEU G 78 -24.61 -62.27 -4.87
N ARG G 79 -23.52 -62.34 -5.64
CA ARG G 79 -23.48 -63.02 -6.93
C ARG G 79 -23.75 -64.50 -6.77
N ASN G 80 -23.10 -65.12 -5.80
CA ASN G 80 -23.35 -66.52 -5.53
C ASN G 80 -24.80 -66.77 -5.15
N LEU G 81 -25.30 -65.96 -4.22
CA LEU G 81 -26.67 -66.12 -3.73
C LEU G 81 -27.72 -66.04 -4.84
N LEU G 82 -27.48 -65.22 -5.85
CA LEU G 82 -28.36 -65.16 -7.03
C LEU G 82 -28.52 -66.55 -7.63
N GLY G 83 -27.39 -67.23 -7.82
CA GLY G 83 -27.41 -68.57 -8.36
C GLY G 83 -28.04 -69.61 -7.42
N TYR G 84 -27.58 -69.62 -6.18
CA TYR G 84 -28.11 -70.50 -5.16
C TYR G 84 -29.65 -70.45 -5.15
N TYR G 85 -30.24 -69.25 -5.28
CA TYR G 85 -31.68 -69.12 -5.28
C TYR G 85 -32.32 -69.02 -6.67
N ASN G 86 -31.55 -69.20 -7.73
CA ASN G 86 -32.08 -69.17 -9.10
C ASN G 86 -32.91 -67.90 -9.34
N GLN G 87 -32.37 -66.78 -8.91
CA GLN G 87 -32.97 -65.47 -9.05
C GLN G 87 -32.44 -64.82 -10.32
N SER G 88 -33.30 -64.20 -11.10
CA SER G 88 -32.83 -63.64 -12.36
C SER G 88 -32.37 -62.19 -12.11
N ALA G 89 -32.14 -61.46 -13.20
CA ALA G 89 -31.72 -60.08 -13.18
C ALA G 89 -32.94 -59.17 -13.15
N GLY G 90 -32.76 -57.97 -12.60
CA GLY G 90 -33.84 -56.98 -12.52
C GLY G 90 -34.50 -56.99 -11.15
N GLY G 91 -33.83 -57.54 -10.15
CA GLY G 91 -34.33 -57.51 -8.78
C GLY G 91 -33.43 -56.71 -7.86
N SER G 92 -33.98 -56.32 -6.71
CA SER G 92 -33.20 -55.79 -5.62
C SER G 92 -32.93 -56.89 -4.64
N HIS G 93 -31.72 -56.89 -4.11
CA HIS G 93 -31.23 -57.88 -3.15
C HIS G 93 -30.42 -57.26 -2.01
N THR G 94 -30.48 -57.93 -0.87
CA THR G 94 -29.84 -57.44 0.33
C THR G 94 -29.12 -58.56 1.04
N LEU G 95 -27.87 -58.29 1.39
CA LEU G 95 -27.13 -59.16 2.29
C LEU G 95 -26.74 -58.39 3.57
N GLN G 96 -27.09 -58.90 4.73
CA GLN G 96 -26.75 -58.26 5.99
C GLN G 96 -25.98 -59.24 6.88
N GLN G 97 -25.24 -58.66 7.84
CA GLN G 97 -24.44 -59.38 8.80
C GLN G 97 -24.48 -58.63 10.12
N MET G 98 -24.52 -59.35 11.23
CA MET G 98 -24.29 -58.79 12.55
C MET G 98 -23.23 -59.58 13.25
N SER G 99 -22.22 -58.89 13.76
CA SER G 99 -21.11 -59.53 14.42
C SER G 99 -20.77 -58.75 15.65
N GLY G 100 -20.26 -59.44 16.67
CA GLY G 100 -19.68 -58.78 17.80
C GLY G 100 -19.81 -59.55 19.10
N CYS G 101 -19.56 -58.88 20.21
CA CYS G 101 -19.52 -59.56 21.50
C CYS G 101 -20.30 -58.85 22.61
N ASP G 102 -20.72 -59.64 23.59
CA ASP G 102 -21.39 -59.16 24.76
C ASP G 102 -20.52 -59.45 25.97
N LEU G 103 -20.25 -58.44 26.77
CA LEU G 103 -19.55 -58.62 28.04
C LEU G 103 -20.50 -58.43 29.20
N GLY G 104 -20.29 -59.22 30.23
CA GLY G 104 -20.96 -58.94 31.50
C GLY G 104 -20.36 -57.71 32.15
N SER G 105 -20.87 -57.36 33.33
CA SER G 105 -20.36 -56.21 34.07
C SER G 105 -18.97 -56.47 34.67
N ASP G 106 -18.51 -57.71 34.64
CA ASP G 106 -17.13 -58.06 34.99
C ASP G 106 -16.17 -57.89 33.80
N TRP G 107 -16.71 -57.52 32.64
CA TRP G 107 -15.95 -57.29 31.38
C TRP G 107 -15.46 -58.56 30.67
N ARG G 108 -16.04 -59.68 31.09
CA ARG G 108 -15.71 -60.98 30.51
C ARG G 108 -16.70 -61.30 29.44
N LEU G 109 -16.21 -62.02 28.44
CA LEU G 109 -17.05 -62.45 27.33
C LEU G 109 -18.22 -63.26 27.88
N LEU G 110 -19.41 -62.84 27.50
CA LEU G 110 -20.66 -63.52 27.83
C LEU G 110 -21.07 -64.28 26.57
N ARG G 111 -21.03 -63.63 25.41
CA ARG G 111 -21.59 -64.23 24.16
C ARG G 111 -20.95 -63.65 22.91
N GLY G 112 -20.59 -64.51 21.97
CA GLY G 112 -20.20 -64.09 20.63
C GLY G 112 -21.39 -64.16 19.70
N TYR G 113 -21.42 -63.27 18.69
CA TYR G 113 -22.50 -63.23 17.70
C TYR G 113 -21.95 -63.19 16.27
N LEU G 114 -22.51 -64.04 15.42
CA LEU G 114 -22.23 -63.98 13.99
C LEU G 114 -23.47 -64.45 13.24
N GLN G 115 -24.19 -63.53 12.59
CA GLN G 115 -25.44 -63.91 11.92
C GLN G 115 -25.54 -63.24 10.56
N PHE G 116 -26.15 -63.93 9.61
CA PHE G 116 -26.27 -63.39 8.26
C PHE G 116 -27.70 -63.51 7.78
N ALA G 117 -28.12 -62.57 6.97
CA ALA G 117 -29.43 -62.55 6.40
C ALA G 117 -29.36 -62.17 4.95
N TYR G 118 -30.20 -62.83 4.16
CA TYR G 118 -30.38 -62.53 2.76
C TYR G 118 -31.84 -62.20 2.55
N GLU G 119 -32.09 -61.14 1.78
CA GLU G 119 -33.44 -60.60 1.56
C GLU G 119 -34.18 -60.33 2.87
N GLY G 120 -33.46 -59.91 3.90
CA GLY G 120 -34.06 -59.63 5.21
C GLY G 120 -34.47 -60.85 6.04
N ARG G 121 -34.02 -62.04 5.62
CA ARG G 121 -34.33 -63.33 6.29
C ARG G 121 -33.08 -64.11 6.66
N ASP G 122 -33.11 -64.78 7.80
CA ASP G 122 -31.96 -65.55 8.30
C ASP G 122 -31.43 -66.49 7.25
N TYR G 123 -30.13 -66.46 7.04
CA TYR G 123 -29.48 -67.30 6.03
C TYR G 123 -28.62 -68.35 6.72
N ILE G 124 -27.59 -67.90 7.41
CA ILE G 124 -26.72 -68.75 8.22
C ILE G 124 -26.28 -67.98 9.48
N ALA G 125 -26.13 -68.65 10.61
CA ALA G 125 -25.61 -68.01 11.83
C ALA G 125 -24.67 -68.94 12.53
N LEU G 126 -23.62 -68.41 13.13
CA LEU G 126 -22.77 -69.18 14.03
C LEU G 126 -23.53 -69.41 15.33
N ASN G 127 -23.74 -70.66 15.72
CA ASN G 127 -24.31 -70.97 17.04
C ASN G 127 -23.48 -70.44 18.21
N GLU G 128 -24.08 -70.39 19.40
CA GLU G 128 -23.48 -69.81 20.60
C GLU G 128 -22.18 -70.52 21.09
N ASP G 129 -22.08 -71.83 20.82
CA ASP G 129 -20.82 -72.58 20.99
C ASP G 129 -19.64 -72.02 20.14
N LEU G 130 -19.92 -71.13 19.21
CA LEU G 130 -18.91 -70.65 18.24
C LEU G 130 -18.15 -71.79 17.52
N LYS G 131 -18.82 -72.93 17.34
CA LYS G 131 -18.29 -74.09 16.64
C LYS G 131 -19.14 -74.56 15.46
N THR G 132 -20.46 -74.49 15.60
CA THR G 132 -21.37 -75.04 14.60
C THR G 132 -22.31 -73.99 13.99
N TRP G 133 -22.90 -74.34 12.85
CA TRP G 133 -23.71 -73.44 12.07
C TRP G 133 -25.20 -73.82 12.03
N THR G 134 -26.07 -72.83 12.11
CA THR G 134 -27.50 -73.02 11.81
C THR G 134 -27.80 -72.38 10.44
N ALA G 135 -28.51 -73.11 9.58
CA ALA G 135 -28.87 -72.62 8.26
C ALA G 135 -30.08 -73.41 7.87
N ALA G 136 -31.20 -72.71 7.86
CA ALA G 136 -32.47 -73.33 7.55
C ALA G 136 -32.64 -73.70 6.09
N ASP G 137 -32.30 -72.79 5.18
CA ASP G 137 -32.77 -72.90 3.78
C ASP G 137 -32.08 -74.05 3.03
N MET G 138 -32.76 -74.68 2.06
CA MET G 138 -32.08 -75.68 1.26
C MET G 138 -30.93 -75.05 0.46
N ALA G 139 -31.09 -73.80 0.01
CA ALA G 139 -30.06 -73.07 -0.69
C ALA G 139 -28.87 -72.74 0.20
N ALA G 140 -29.09 -72.62 1.52
CA ALA G 140 -28.06 -72.20 2.46
C ALA G 140 -27.13 -73.35 2.86
N GLN G 141 -27.56 -74.60 2.60
CA GLN G 141 -26.76 -75.79 2.92
C GLN G 141 -25.42 -75.76 2.19
N ILE G 142 -25.40 -75.22 0.98
CA ILE G 142 -24.15 -75.11 0.20
C ILE G 142 -23.14 -74.31 1.05
N THR G 143 -23.55 -73.12 1.51
CA THR G 143 -22.71 -72.30 2.38
C THR G 143 -22.27 -73.00 3.67
N ARG G 144 -23.21 -73.67 4.34
CA ARG G 144 -22.91 -74.40 5.57
C ARG G 144 -21.75 -75.36 5.35
N ARG G 145 -21.86 -76.20 4.32
CA ARG G 145 -20.79 -77.16 3.96
C ARG G 145 -19.50 -76.43 3.59
N LYS G 146 -19.55 -75.42 2.73
CA LYS G 146 -18.33 -74.69 2.32
C LYS G 146 -17.63 -74.20 3.62
N TRP G 147 -18.42 -73.75 4.60
CA TRP G 147 -17.88 -73.11 5.81
C TRP G 147 -17.44 -74.11 6.90
N GLU G 148 -18.09 -75.26 6.94
CA GLU G 148 -17.62 -76.38 7.77
C GLU G 148 -16.31 -76.94 7.24
N GLN G 149 -16.24 -77.18 5.94
CA GLN G 149 -15.06 -77.86 5.36
C GLN G 149 -13.80 -76.97 5.46
N SER G 150 -14.00 -75.66 5.59
CA SER G 150 -12.89 -74.68 5.55
C SER G 150 -12.50 -74.17 6.93
N GLY G 151 -13.18 -74.65 7.98
CA GLY G 151 -12.93 -74.23 9.34
C GLY G 151 -13.18 -72.75 9.57
N ALA G 152 -14.23 -72.21 8.96
CA ALA G 152 -14.60 -70.81 9.14
C ALA G 152 -14.90 -70.45 10.59
N ALA G 153 -15.63 -71.32 11.29
CA ALA G 153 -16.09 -71.06 12.65
C ALA G 153 -14.92 -70.76 13.55
N GLU G 154 -13.88 -71.57 13.41
CA GLU G 154 -12.65 -71.42 14.16
C GLU G 154 -12.11 -70.01 14.03
N HIS G 155 -12.01 -69.52 12.80
CA HIS G 155 -11.51 -68.15 12.55
C HIS G 155 -12.43 -67.06 13.12
N TYR G 156 -13.76 -67.21 13.03
CA TYR G 156 -14.67 -66.21 13.62
C TYR G 156 -14.64 -66.26 15.15
N LYS G 157 -14.56 -67.47 15.69
CA LYS G 157 -14.44 -67.64 17.12
C LYS G 157 -13.18 -66.92 17.63
N ALA G 158 -12.10 -66.94 16.84
CA ALA G 158 -10.88 -66.26 17.23
C ALA G 158 -11.11 -64.75 17.24
N TYR G 159 -11.80 -64.21 16.25
CA TYR G 159 -12.09 -62.78 16.30
C TYR G 159 -12.98 -62.45 17.52
N LEU G 160 -14.04 -63.19 17.70
CA LEU G 160 -15.09 -62.86 18.66
C LEU G 160 -14.56 -62.88 20.11
N GLU G 161 -13.71 -63.86 20.44
CA GLU G 161 -13.17 -64.05 21.79
C GLU G 161 -11.90 -63.26 22.06
N GLY G 162 -11.24 -62.84 21.00
CA GLY G 162 -9.95 -62.18 21.05
C GLY G 162 -10.13 -60.72 20.71
N GLU G 163 -9.89 -60.36 19.45
CA GLU G 163 -9.96 -58.96 18.98
C GLU G 163 -11.20 -58.20 19.42
N CYS G 164 -12.38 -58.81 19.24
CA CYS G 164 -13.63 -58.12 19.55
C CYS G 164 -13.62 -57.72 21.01
N VAL G 165 -13.23 -58.64 21.90
CA VAL G 165 -13.18 -58.34 23.32
C VAL G 165 -12.11 -57.27 23.62
N GLU G 166 -10.89 -57.50 23.16
CA GLU G 166 -9.74 -56.64 23.42
C GLU G 166 -10.00 -55.22 23.01
N TRP G 167 -10.53 -55.04 21.81
CA TRP G 167 -10.82 -53.72 21.30
C TRP G 167 -11.99 -53.06 22.03
N LEU G 168 -13.02 -53.82 22.38
CA LEU G 168 -14.10 -53.25 23.15
C LEU G 168 -13.61 -52.74 24.53
N HIS G 169 -12.81 -53.56 25.25
CA HIS G 169 -12.16 -53.08 26.47
C HIS G 169 -11.50 -51.73 26.19
N ARG G 170 -10.72 -51.67 25.11
CA ARG G 170 -9.97 -50.50 24.72
C ARG G 170 -10.88 -49.29 24.47
N TYR G 171 -11.99 -49.52 23.79
CA TYR G 171 -12.93 -48.46 23.48
C TYR G 171 -13.63 -47.96 24.75
N LEU G 172 -13.84 -48.86 25.70
CA LEU G 172 -14.56 -48.52 26.93
C LEU G 172 -13.74 -47.63 27.85
N LYS G 173 -12.43 -47.87 27.88
CA LYS G 173 -11.51 -46.97 28.56
C LYS G 173 -11.45 -45.62 27.80
N ASN G 174 -11.13 -45.68 26.51
CA ASN G 174 -11.00 -44.49 25.65
C ASN G 174 -12.22 -43.57 25.59
N GLY G 175 -13.33 -43.94 26.22
CA GLY G 175 -14.45 -43.04 26.39
C GLY G 175 -15.32 -43.43 27.56
N ASN G 176 -14.72 -43.46 28.77
CA ASN G 176 -15.42 -43.74 30.04
C ASN G 176 -15.93 -42.38 30.61
N ALA G 177 -16.93 -41.83 29.92
CA ALA G 177 -17.61 -40.57 30.27
C ALA G 177 -18.94 -40.30 29.48
N THR G 178 -19.16 -41.01 28.37
CA THR G 178 -20.41 -40.92 27.57
C THR G 178 -21.15 -42.28 27.37
N LEU G 179 -20.58 -43.38 27.89
CA LEU G 179 -21.30 -44.67 28.07
C LEU G 179 -21.42 -45.06 29.57
N LEU G 180 -20.90 -44.20 30.47
CA LEU G 180 -21.10 -44.29 31.93
C LEU G 180 -22.34 -43.46 32.34
N ARG G 181 -23.24 -43.22 31.38
CA ARG G 181 -24.42 -42.38 31.54
C ARG G 181 -25.68 -43.15 31.10
N THR G 182 -26.67 -43.16 31.99
CA THR G 182 -28.04 -43.46 31.62
C THR G 182 -28.87 -42.26 32.06
N ASP G 183 -29.85 -41.88 31.24
CA ASP G 183 -30.76 -40.80 31.57
C ASP G 183 -32.08 -41.36 32.05
N SER G 184 -32.49 -40.95 33.24
CA SER G 184 -33.78 -41.36 33.77
C SER G 184 -34.92 -40.70 33.00
N PRO G 185 -36.00 -41.44 32.80
CA PRO G 185 -37.21 -40.84 32.23
C PRO G 185 -37.88 -39.88 33.21
N LYS G 186 -38.39 -38.76 32.69
CA LYS G 186 -39.27 -37.86 33.44
C LYS G 186 -40.66 -38.13 32.91
N ALA G 187 -41.59 -38.43 33.81
CA ALA G 187 -42.91 -38.91 33.42
C ALA G 187 -44.01 -37.99 33.90
N HIS G 188 -45.10 -37.95 33.13
CA HIS G 188 -46.29 -37.18 33.49
C HIS G 188 -47.50 -37.68 32.67
N VAL G 189 -48.71 -37.38 33.14
CA VAL G 189 -49.95 -37.78 32.46
C VAL G 189 -50.73 -36.56 31.95
N THR G 190 -51.43 -36.75 30.82
CA THR G 190 -52.26 -35.70 30.21
C THR G 190 -53.72 -36.15 30.06
N HIS G 191 -54.63 -35.16 30.02
CA HIS G 191 -56.07 -35.38 29.99
C HIS G 191 -56.62 -35.04 28.61
N HIS G 192 -57.55 -35.87 28.12
CA HIS G 192 -58.14 -35.68 26.78
C HIS G 192 -59.58 -36.17 26.72
N PRO G 193 -60.57 -35.30 26.93
CA PRO G 193 -61.98 -35.71 26.84
C PRO G 193 -62.36 -36.30 25.49
N ARG G 194 -63.18 -37.36 25.50
CA ARG G 194 -63.70 -38.01 24.29
C ARG G 194 -65.23 -37.94 24.29
N SER G 195 -65.86 -38.47 23.23
CA SER G 195 -67.31 -38.42 23.10
C SER G 195 -68.06 -39.01 24.30
N LYS G 196 -68.78 -38.15 25.01
CA LYS G 196 -69.72 -38.54 26.07
C LYS G 196 -69.19 -39.55 27.11
N GLY G 197 -68.79 -39.03 28.26
CA GLY G 197 -68.52 -39.85 29.43
C GLY G 197 -67.08 -40.30 29.61
N GLU G 198 -66.38 -40.57 28.51
CA GLU G 198 -65.07 -41.19 28.56
C GLU G 198 -63.95 -40.19 28.31
N VAL G 199 -62.78 -40.47 28.92
CA VAL G 199 -61.55 -39.70 28.67
C VAL G 199 -60.33 -40.61 28.51
N THR G 200 -59.36 -40.14 27.74
CA THR G 200 -58.10 -40.83 27.54
C THR G 200 -57.05 -40.23 28.49
N LEU G 201 -56.45 -41.09 29.30
CA LEU G 201 -55.28 -40.74 30.09
C LEU G 201 -54.05 -41.22 29.33
N ARG G 202 -53.13 -40.30 29.01
CA ARG G 202 -51.91 -40.62 28.27
C ARG G 202 -50.63 -40.41 29.11
N CYS G 203 -49.98 -41.51 29.49
CA CYS G 203 -48.74 -41.48 30.26
C CYS G 203 -47.47 -41.32 29.39
N TRP G 204 -46.72 -40.25 29.62
CA TRP G 204 -45.56 -39.92 28.81
C TRP G 204 -44.30 -40.27 29.56
N ALA G 205 -43.29 -40.75 28.83
CA ALA G 205 -41.94 -40.89 29.37
C ALA G 205 -41.03 -40.17 28.42
N LEU G 206 -40.23 -39.25 28.93
CA LEU G 206 -39.39 -38.41 28.09
C LEU G 206 -37.96 -38.36 28.60
N GLY G 207 -37.04 -38.06 27.69
CA GLY G 207 -35.65 -37.79 28.00
C GLY G 207 -34.85 -38.96 28.55
N PHE G 208 -35.25 -40.19 28.23
CA PHE G 208 -34.53 -41.35 28.75
C PHE G 208 -33.54 -42.00 27.77
N TYR G 209 -32.50 -42.62 28.31
CA TYR G 209 -31.52 -43.42 27.57
C TYR G 209 -30.99 -44.48 28.57
N PRO G 210 -30.76 -45.74 28.16
CA PRO G 210 -31.08 -46.28 26.83
C PRO G 210 -32.56 -46.35 26.51
N ALA G 211 -32.88 -46.97 25.38
CA ALA G 211 -34.22 -46.96 24.82
C ALA G 211 -35.20 -47.89 25.54
N ASP G 212 -34.73 -49.03 26.07
CA ASP G 212 -35.65 -50.03 26.64
C ASP G 212 -36.36 -49.43 27.84
N ILE G 213 -37.66 -49.61 27.87
CA ILE G 213 -38.52 -48.99 28.89
C ILE G 213 -39.90 -49.68 28.90
N THR G 214 -40.62 -49.59 30.01
CA THR G 214 -41.93 -50.23 30.11
C THR G 214 -42.90 -49.31 30.82
N LEU G 215 -44.06 -49.08 30.19
CA LEU G 215 -45.11 -48.28 30.78
C LEU G 215 -46.33 -49.18 31.02
N THR G 216 -46.84 -49.19 32.25
CA THR G 216 -48.06 -49.94 32.57
C THR G 216 -49.15 -49.01 33.09
N TRP G 217 -50.39 -49.48 33.04
CA TRP G 217 -51.49 -48.78 33.69
C TRP G 217 -52.19 -49.73 34.67
N GLN G 218 -52.06 -49.44 35.96
CA GLN G 218 -52.83 -50.16 36.98
C GLN G 218 -54.25 -49.60 37.06
N LEU G 219 -55.15 -50.37 37.68
CA LEU G 219 -56.51 -49.92 37.98
C LEU G 219 -56.81 -50.33 39.41
N ASN G 220 -56.33 -49.54 40.37
CA ASN G 220 -56.50 -49.87 41.80
C ASN G 220 -56.09 -51.34 42.06
N GLY G 221 -55.31 -51.88 41.14
CA GLY G 221 -55.16 -53.32 40.99
C GLY G 221 -53.73 -53.64 40.65
N GLU G 222 -53.53 -54.40 39.58
CA GLU G 222 -52.19 -54.95 39.30
C GLU G 222 -51.87 -55.21 37.82
N GLU G 223 -52.58 -54.56 36.88
CA GLU G 223 -52.35 -54.72 35.43
C GLU G 223 -53.52 -54.20 34.58
N LEU G 224 -53.24 -53.97 33.29
CA LEU G 224 -54.28 -53.76 32.29
C LEU G 224 -53.91 -54.36 30.92
N THR G 225 -54.43 -55.56 30.66
CA THR G 225 -54.36 -56.21 29.34
C THR G 225 -55.28 -55.50 28.34
N GLN G 226 -56.58 -55.45 28.71
CA GLN G 226 -57.63 -54.87 27.87
C GLN G 226 -57.13 -53.64 27.10
N ASP G 227 -56.85 -53.85 25.81
CA ASP G 227 -56.19 -52.88 24.95
C ASP G 227 -55.81 -51.55 25.62
N MET G 228 -54.78 -51.60 26.46
CA MET G 228 -54.02 -50.41 26.74
C MET G 228 -53.45 -49.97 25.38
N GLU G 229 -53.56 -48.69 25.04
CA GLU G 229 -52.94 -48.17 23.83
C GLU G 229 -51.51 -47.66 24.10
N LEU G 230 -50.62 -47.84 23.13
CA LEU G 230 -49.25 -47.36 23.27
C LEU G 230 -48.61 -47.01 21.91
N VAL G 231 -47.37 -46.50 21.96
CA VAL G 231 -46.54 -46.32 20.75
C VAL G 231 -45.18 -46.95 20.91
N GLU G 232 -44.57 -47.32 19.79
CA GLU G 232 -43.22 -47.83 19.81
C GLU G 232 -42.34 -46.69 20.28
N THR G 233 -41.30 -47.08 21.02
CA THR G 233 -40.29 -46.18 21.50
C THR G 233 -39.58 -45.49 20.32
N ARG G 234 -39.41 -44.18 20.44
CA ARG G 234 -39.01 -43.31 19.32
C ARG G 234 -37.83 -42.42 19.74
N PRO G 235 -36.94 -42.13 18.82
CA PRO G 235 -35.88 -41.14 19.12
C PRO G 235 -36.41 -39.70 19.13
N ALA G 236 -36.07 -38.97 20.18
CA ALA G 236 -36.30 -37.54 20.24
C ALA G 236 -35.38 -36.79 19.25
N GLY G 237 -34.22 -37.39 18.93
CA GLY G 237 -33.28 -36.80 17.98
C GLY G 237 -32.03 -36.21 18.61
N ASP G 238 -32.01 -36.13 19.94
CA ASP G 238 -30.91 -35.58 20.72
C ASP G 238 -30.17 -36.69 21.45
N GLY G 239 -30.41 -37.94 21.05
CA GLY G 239 -29.83 -39.10 21.71
C GLY G 239 -30.69 -39.76 22.79
N THR G 240 -31.77 -39.09 23.22
CA THR G 240 -32.77 -39.67 24.14
C THR G 240 -34.01 -40.17 23.39
N PHE G 241 -34.92 -40.77 24.13
CA PHE G 241 -36.06 -41.46 23.55
C PHE G 241 -37.34 -41.05 24.26
N GLN G 242 -38.47 -41.28 23.58
CA GLN G 242 -39.80 -40.95 24.08
C GLN G 242 -40.71 -42.17 24.01
N LYS G 243 -41.79 -42.14 24.78
CA LYS G 243 -42.81 -43.20 24.73
C LYS G 243 -44.05 -42.78 25.53
N TRP G 244 -45.21 -43.20 25.06
CA TRP G 244 -46.43 -43.06 25.83
C TRP G 244 -47.29 -44.27 25.78
N ALA G 245 -48.17 -44.36 26.77
CA ALA G 245 -49.14 -45.45 26.92
C ALA G 245 -50.41 -44.84 27.47
N SER G 246 -51.51 -44.98 26.75
CA SER G 246 -52.78 -44.44 27.19
C SER G 246 -53.76 -45.54 27.54
N VAL G 247 -54.64 -45.25 28.48
CA VAL G 247 -55.74 -46.15 28.80
C VAL G 247 -57.05 -45.33 28.79
N VAL G 248 -58.19 -46.01 28.73
CA VAL G 248 -59.50 -45.35 28.71
C VAL G 248 -60.28 -45.59 30.02
N VAL G 249 -61.07 -44.58 30.41
CA VAL G 249 -61.64 -44.49 31.76
C VAL G 249 -62.99 -43.77 31.80
N PRO G 250 -63.67 -43.76 32.96
CA PRO G 250 -64.77 -42.83 33.19
C PRO G 250 -64.26 -41.43 33.58
N LEU G 251 -65.11 -40.41 33.48
CA LEU G 251 -64.75 -39.05 33.90
C LEU G 251 -65.36 -38.80 35.28
N GLY G 252 -64.54 -38.30 36.21
CA GLY G 252 -64.97 -38.05 37.56
C GLY G 252 -64.41 -39.05 38.55
N LYS G 253 -64.04 -40.24 38.07
CA LYS G 253 -63.29 -41.20 38.85
C LYS G 253 -62.08 -41.64 38.00
N GLU G 254 -61.17 -40.69 37.76
CA GLU G 254 -59.93 -40.94 37.01
C GLU G 254 -58.68 -40.98 37.90
N GLN G 255 -58.86 -40.78 39.20
CA GLN G 255 -57.79 -40.97 40.19
C GLN G 255 -57.71 -42.44 40.65
N ASN G 256 -58.54 -43.31 40.08
CA ASN G 256 -58.43 -44.76 40.31
C ASN G 256 -57.24 -45.37 39.55
N TYR G 257 -56.68 -44.62 38.60
CA TYR G 257 -55.76 -45.16 37.62
C TYR G 257 -54.32 -44.66 37.78
N THR G 258 -53.38 -45.62 37.69
CA THR G 258 -51.99 -45.42 38.07
C THR G 258 -51.05 -45.83 36.95
N CYS G 259 -50.23 -44.89 36.49
CA CYS G 259 -49.17 -45.18 35.54
C CYS G 259 -47.86 -45.59 36.25
N ARG G 260 -47.21 -46.63 35.73
CA ARG G 260 -45.88 -47.02 36.19
C ARG G 260 -44.86 -47.05 35.06
N VAL G 261 -43.67 -46.51 35.33
CA VAL G 261 -42.57 -46.42 34.35
C VAL G 261 -41.37 -47.22 34.88
N TYR G 262 -40.90 -48.18 34.09
CA TYR G 262 -39.78 -49.03 34.47
C TYR G 262 -38.61 -48.77 33.53
N HIS G 263 -37.50 -48.34 34.08
CA HIS G 263 -36.31 -48.02 33.31
C HIS G 263 -35.07 -48.21 34.18
N GLU G 264 -33.97 -48.60 33.54
CA GLU G 264 -32.77 -49.02 34.26
C GLU G 264 -32.00 -47.89 34.95
N GLY G 265 -32.17 -46.66 34.47
CA GLY G 265 -31.55 -45.50 35.10
C GLY G 265 -32.25 -45.06 36.38
N LEU G 266 -33.47 -45.54 36.59
CA LEU G 266 -34.26 -45.21 37.78
C LEU G 266 -33.70 -45.97 38.97
N PRO G 267 -33.73 -45.36 40.15
CA PRO G 267 -33.39 -46.08 41.39
C PRO G 267 -34.51 -47.05 41.76
N GLU G 268 -35.74 -46.68 41.43
CA GLU G 268 -36.89 -47.58 41.52
C GLU G 268 -37.97 -47.11 40.55
N PRO G 269 -38.92 -47.97 40.19
CA PRO G 269 -39.95 -47.58 39.23
C PRO G 269 -40.71 -46.30 39.64
N LEU G 270 -41.02 -45.45 38.65
CA LEU G 270 -41.86 -44.28 38.86
C LEU G 270 -43.30 -44.69 39.01
N THR G 271 -44.00 -44.06 39.96
CA THR G 271 -45.44 -44.21 40.07
C THR G 271 -46.08 -42.82 40.01
N LEU G 272 -47.20 -42.71 39.32
CA LEU G 272 -47.76 -41.39 39.05
C LEU G 272 -49.18 -41.47 38.49
N ARG G 273 -49.96 -40.42 38.74
CA ARG G 273 -51.35 -40.33 38.29
C ARG G 273 -51.64 -38.98 37.64
N TRP G 274 -52.89 -38.80 37.20
CA TRP G 274 -53.32 -37.52 36.63
C TRP G 274 -53.45 -36.46 37.73
N GLU G 275 -52.62 -35.42 37.63
CA GLU G 275 -52.55 -34.33 38.61
C GLU G 275 -53.31 -33.10 38.07
N PRO G 276 -54.57 -32.94 38.48
CA PRO G 276 -55.53 -32.08 37.76
C PRO G 276 -55.29 -30.57 37.91
N ILE H 1 -38.54 -60.70 0.45
CA ILE H 1 -39.94 -60.20 0.58
C ILE H 1 -40.09 -58.90 1.43
N GLN H 2 -41.13 -58.11 1.13
CA GLN H 2 -41.18 -56.77 1.66
C GLN H 2 -41.91 -56.62 3.03
N LYS H 3 -41.44 -55.63 3.78
CA LYS H 3 -41.99 -55.29 5.08
C LYS H 3 -42.35 -53.81 4.95
N THR H 4 -43.53 -53.42 5.43
CA THR H 4 -44.08 -52.08 5.17
C THR H 4 -43.71 -51.11 6.30
N PRO H 5 -43.25 -49.91 5.96
CA PRO H 5 -42.80 -48.95 6.99
C PRO H 5 -43.90 -48.56 7.98
N GLN H 6 -43.55 -48.61 9.26
CA GLN H 6 -44.32 -48.00 10.32
C GLN H 6 -43.79 -46.58 10.44
N ILE H 7 -44.69 -45.63 10.67
CA ILE H 7 -44.37 -44.23 10.68
C ILE H 7 -45.01 -43.51 11.89
N GLN H 8 -44.20 -42.69 12.56
CA GLN H 8 -44.66 -41.85 13.66
C GLN H 8 -44.19 -40.45 13.38
N VAL H 9 -45.05 -39.47 13.66
CA VAL H 9 -44.70 -38.09 13.44
C VAL H 9 -44.96 -37.35 14.72
N TYR H 10 -43.95 -36.63 15.22
CA TYR H 10 -43.95 -36.10 16.58
C TYR H 10 -42.84 -35.05 16.80
N SER H 11 -43.08 -34.14 17.71
CA SER H 11 -42.08 -33.12 18.01
C SER H 11 -41.07 -33.67 19.00
N ARG H 12 -39.85 -33.17 18.90
CA ARG H 12 -38.79 -33.48 19.85
C ARG H 12 -39.15 -33.02 21.28
N HIS H 13 -39.64 -31.78 21.40
CA HIS H 13 -39.91 -31.17 22.68
C HIS H 13 -41.41 -30.96 22.77
N PRO H 14 -41.95 -30.81 23.98
CA PRO H 14 -43.39 -30.54 24.14
C PRO H 14 -43.83 -29.34 23.31
N PRO H 15 -44.83 -29.52 22.45
CA PRO H 15 -45.24 -28.50 21.49
C PRO H 15 -45.96 -27.32 22.14
N GLU H 16 -45.42 -26.13 21.93
CA GLU H 16 -46.02 -24.88 22.36
C GLU H 16 -46.09 -23.96 21.14
N ASN H 17 -47.30 -23.56 20.76
CA ASN H 17 -47.52 -22.60 19.68
C ASN H 17 -46.65 -21.35 19.86
N GLY H 18 -45.92 -20.99 18.81
CA GLY H 18 -45.04 -19.83 18.82
C GLY H 18 -43.60 -20.10 19.25
N LYS H 19 -43.31 -21.34 19.64
CA LYS H 19 -42.00 -21.68 20.19
C LYS H 19 -41.27 -22.62 19.21
N PRO H 20 -40.13 -22.21 18.66
CA PRO H 20 -39.34 -23.10 17.78
C PRO H 20 -39.17 -24.50 18.37
N ASN H 21 -39.25 -25.52 17.53
CA ASN H 21 -39.17 -26.93 17.96
C ASN H 21 -38.47 -27.72 16.80
N ILE H 22 -38.48 -29.04 16.90
CA ILE H 22 -38.09 -29.94 15.82
C ILE H 22 -39.16 -31.00 15.61
N LEU H 23 -39.54 -31.20 14.33
CA LEU H 23 -40.52 -32.21 13.95
C LEU H 23 -39.81 -33.44 13.42
N ASN H 24 -40.18 -34.59 13.94
CA ASN H 24 -39.55 -35.84 13.58
C ASN H 24 -40.52 -36.68 12.76
N CYS H 25 -39.98 -37.35 11.75
CA CYS H 25 -40.65 -38.44 11.11
C CYS H 25 -39.76 -39.67 11.24
N TYR H 26 -40.25 -40.64 11.98
CA TYR H 26 -39.51 -41.84 12.34
C TYR H 26 -40.13 -43.02 11.61
N VAL H 27 -39.34 -43.64 10.73
CA VAL H 27 -39.83 -44.67 9.83
C VAL H 27 -39.04 -45.93 10.06
N THR H 28 -39.73 -46.98 10.50
CA THR H 28 -39.11 -48.23 10.91
C THR H 28 -39.71 -49.44 10.24
N GLN H 29 -39.08 -50.59 10.46
CA GLN H 29 -39.66 -51.89 10.14
C GLN H 29 -39.87 -52.15 8.65
N PHE H 30 -39.01 -51.55 7.81
CA PHE H 30 -39.17 -51.67 6.39
C PHE H 30 -38.06 -52.50 5.73
N HIS H 31 -38.36 -53.02 4.55
CA HIS H 31 -37.42 -53.81 3.75
C HIS H 31 -38.02 -53.90 2.37
N PRO H 32 -37.25 -53.69 1.30
CA PRO H 32 -35.79 -53.39 1.34
C PRO H 32 -35.45 -51.95 1.79
N PRO H 33 -34.17 -51.64 1.97
CA PRO H 33 -33.77 -50.34 2.53
C PRO H 33 -34.07 -49.07 1.68
N HIS H 34 -34.32 -49.22 0.38
CA HIS H 34 -34.64 -48.05 -0.46
C HIS H 34 -36.00 -47.43 -0.08
N ILE H 35 -35.99 -46.12 0.14
CA ILE H 35 -37.16 -45.42 0.58
C ILE H 35 -37.10 -43.92 0.24
N GLU H 36 -38.26 -43.31 0.07
CA GLU H 36 -38.35 -41.87 -0.09
C GLU H 36 -39.19 -41.31 1.02
N ILE H 37 -38.67 -40.30 1.69
CA ILE H 37 -39.34 -39.67 2.79
C ILE H 37 -39.42 -38.17 2.46
N GLN H 38 -40.63 -37.61 2.53
CA GLN H 38 -40.84 -36.18 2.58
C GLN H 38 -41.59 -35.73 3.87
N MET H 39 -41.28 -34.52 4.31
CA MET H 39 -42.05 -33.85 5.33
C MET H 39 -42.73 -32.67 4.67
N LEU H 40 -43.95 -32.41 5.09
CA LEU H 40 -44.78 -31.44 4.42
C LEU H 40 -45.45 -30.49 5.41
N LYS H 41 -45.53 -29.22 5.03
CA LYS H 41 -46.22 -28.21 5.77
C LYS H 41 -47.32 -27.70 4.85
N ASN H 42 -48.57 -27.87 5.29
CA ASN H 42 -49.73 -27.45 4.52
C ASN H 42 -49.68 -28.03 3.09
N GLY H 43 -49.41 -29.33 3.00
CA GLY H 43 -49.31 -30.04 1.73
C GLY H 43 -48.04 -29.83 0.89
N LYS H 44 -47.16 -28.90 1.28
CA LYS H 44 -46.01 -28.48 0.43
C LYS H 44 -44.70 -29.08 0.96
N LYS H 45 -43.81 -29.50 0.06
CA LYS H 45 -42.51 -30.07 0.45
C LYS H 45 -41.69 -29.09 1.31
N ILE H 46 -41.24 -29.54 2.49
CA ILE H 46 -40.38 -28.73 3.35
C ILE H 46 -38.99 -28.91 2.84
N PRO H 47 -38.30 -27.85 2.43
CA PRO H 47 -37.02 -28.01 1.73
C PRO H 47 -35.86 -28.60 2.52
N LYS H 48 -35.62 -28.22 3.76
CA LYS H 48 -34.34 -28.62 4.38
C LYS H 48 -34.49 -29.73 5.41
N VAL H 49 -34.87 -30.92 4.94
CA VAL H 49 -35.12 -32.02 5.84
C VAL H 49 -33.84 -32.79 6.04
N GLU H 50 -33.42 -32.85 7.29
CA GLU H 50 -32.26 -33.62 7.69
C GLU H 50 -32.66 -35.09 7.74
N MET H 51 -31.72 -35.97 7.38
CA MET H 51 -32.01 -37.38 7.18
C MET H 51 -30.87 -38.21 7.80
N SER H 52 -31.22 -39.03 8.81
CA SER H 52 -30.23 -39.91 9.43
C SER H 52 -29.73 -40.94 8.41
N ASP H 53 -28.59 -41.56 8.68
CA ASP H 53 -28.05 -42.58 7.80
C ASP H 53 -28.73 -43.95 7.96
N MET H 54 -28.73 -44.71 6.87
CA MET H 54 -29.42 -46.00 6.82
C MET H 54 -28.92 -46.91 7.96
N SER H 55 -29.82 -47.31 8.86
CA SER H 55 -29.52 -48.31 9.90
C SER H 55 -30.49 -49.51 9.94
N PHE H 56 -30.09 -50.60 10.58
CA PHE H 56 -30.99 -51.75 10.74
C PHE H 56 -31.00 -52.34 12.14
N SER H 57 -32.16 -52.85 12.54
CA SER H 57 -32.37 -53.42 13.87
C SER H 57 -32.01 -54.88 13.88
N LYS H 58 -32.00 -55.46 15.07
CA LYS H 58 -31.60 -56.85 15.19
C LYS H 58 -32.56 -57.88 14.54
N ASP H 59 -33.80 -57.45 14.22
CA ASP H 59 -34.73 -58.25 13.41
C ASP H 59 -34.50 -58.05 11.90
N TRP H 60 -33.42 -57.34 11.54
CA TRP H 60 -32.94 -57.16 10.18
C TRP H 60 -33.62 -56.02 9.40
N SER H 61 -34.78 -55.55 9.84
CA SER H 61 -35.56 -54.46 9.19
C SER H 61 -34.90 -53.11 9.33
N PHE H 62 -35.18 -52.19 8.42
CA PHE H 62 -34.46 -50.91 8.39
C PHE H 62 -35.20 -49.79 9.08
N TYR H 63 -34.48 -48.74 9.43
CA TYR H 63 -35.12 -47.55 10.05
C TYR H 63 -34.35 -46.28 9.75
N ILE H 64 -35.09 -45.17 9.77
CA ILE H 64 -34.59 -43.84 9.48
C ILE H 64 -35.35 -42.80 10.27
N LEU H 65 -34.61 -41.79 10.74
CA LEU H 65 -35.18 -40.59 11.35
C LEU H 65 -34.98 -39.43 10.39
N ALA H 66 -36.08 -38.75 10.11
CA ALA H 66 -36.07 -37.53 9.35
C ALA H 66 -36.54 -36.47 10.34
N HIS H 67 -35.95 -35.30 10.25
CA HIS H 67 -36.35 -34.21 11.11
C HIS H 67 -36.17 -32.86 10.45
N THR H 68 -36.85 -31.84 10.98
CA THR H 68 -36.77 -30.46 10.47
C THR H 68 -37.15 -29.47 11.57
N GLU H 69 -36.65 -28.23 11.46
CA GLU H 69 -37.00 -27.18 12.39
C GLU H 69 -38.45 -26.76 12.16
N PHE H 70 -39.17 -26.44 13.24
CA PHE H 70 -40.54 -25.97 13.09
C PHE H 70 -41.08 -25.13 14.26
N THR H 71 -41.97 -24.21 13.89
CA THR H 71 -42.67 -23.40 14.85
C THR H 71 -44.15 -23.65 14.64
N PRO H 72 -44.71 -24.54 15.45
CA PRO H 72 -46.14 -24.84 15.36
C PRO H 72 -47.04 -23.63 15.63
N THR H 73 -48.17 -23.61 14.93
CA THR H 73 -49.26 -22.68 15.17
C THR H 73 -50.54 -23.47 15.42
N GLU H 74 -51.65 -22.76 15.58
CA GLU H 74 -52.93 -23.43 15.74
C GLU H 74 -53.32 -24.22 14.47
N THR H 75 -52.92 -23.71 13.32
CA THR H 75 -53.54 -24.04 12.03
C THR H 75 -52.63 -24.80 11.02
N ASP H 76 -51.33 -24.60 11.10
CA ASP H 76 -50.39 -25.28 10.22
C ASP H 76 -50.46 -26.78 10.41
N THR H 77 -50.70 -27.50 9.33
CA THR H 77 -50.60 -28.95 9.38
C THR H 77 -49.24 -29.40 8.87
N TYR H 78 -48.72 -30.42 9.53
CA TYR H 78 -47.47 -31.03 9.14
C TYR H 78 -47.76 -32.51 8.93
N ALA H 79 -47.11 -33.08 7.92
CA ALA H 79 -47.24 -34.48 7.61
C ALA H 79 -45.88 -35.09 7.24
N CYS H 80 -45.88 -36.39 7.07
CA CYS H 80 -44.72 -37.10 6.56
C CYS H 80 -45.19 -38.06 5.50
N ARG H 81 -44.61 -37.99 4.31
CA ARG H 81 -45.04 -38.78 3.17
C ARG H 81 -43.94 -39.75 2.79
N VAL H 82 -44.29 -41.02 2.76
CA VAL H 82 -43.34 -42.10 2.59
C VAL H 82 -43.72 -42.95 1.38
N LYS H 83 -42.78 -43.17 0.46
CA LYS H 83 -42.98 -44.14 -0.61
C LYS H 83 -41.97 -45.27 -0.47
N HIS H 84 -42.49 -46.48 -0.55
CA HIS H 84 -41.69 -47.66 -0.43
C HIS H 84 -42.38 -48.73 -1.29
N ASP H 85 -41.62 -49.69 -1.81
CA ASP H 85 -42.17 -50.74 -2.69
C ASP H 85 -43.20 -51.66 -2.04
N SER H 86 -43.27 -51.72 -0.71
CA SER H 86 -44.33 -52.48 -0.01
C SER H 86 -45.73 -51.90 -0.24
N MET H 87 -45.78 -50.66 -0.71
CA MET H 87 -47.03 -49.89 -0.79
C MET H 87 -47.26 -49.50 -2.23
N ALA H 88 -48.47 -49.75 -2.70
CA ALA H 88 -48.87 -49.34 -4.03
C ALA H 88 -48.82 -47.82 -4.11
N GLU H 89 -49.24 -47.15 -3.03
CA GLU H 89 -49.31 -45.69 -2.99
C GLU H 89 -48.49 -45.11 -1.83
N PRO H 90 -47.96 -43.90 -2.01
CA PRO H 90 -47.32 -43.19 -0.90
C PRO H 90 -48.26 -43.14 0.29
N LYS H 91 -47.72 -43.26 1.49
CA LYS H 91 -48.49 -43.14 2.72
C LYS H 91 -48.15 -41.79 3.40
N THR H 92 -49.17 -40.99 3.64
CA THR H 92 -49.02 -39.73 4.33
C THR H 92 -49.49 -39.92 5.76
N VAL H 93 -48.71 -39.52 6.74
CA VAL H 93 -49.23 -39.52 8.12
C VAL H 93 -49.05 -38.14 8.78
N TYR H 94 -50.14 -37.70 9.41
CA TYR H 94 -50.25 -36.36 9.92
C TYR H 94 -49.73 -36.23 11.34
N TRP H 95 -49.03 -35.13 11.59
CA TRP H 95 -48.71 -34.75 12.95
C TRP H 95 -49.95 -34.50 13.78
N ASP H 96 -50.04 -35.22 14.89
CA ASP H 96 -51.01 -34.97 15.94
C ASP H 96 -50.27 -34.52 17.18
N ARG H 97 -50.51 -33.29 17.62
CA ARG H 97 -49.72 -32.70 18.71
C ARG H 97 -49.81 -33.37 20.10
N ASP H 98 -50.86 -34.15 20.34
CA ASP H 98 -51.08 -34.87 21.61
C ASP H 98 -50.62 -36.31 21.54
N MET H 99 -49.80 -36.66 20.57
CA MET H 99 -49.64 -38.06 20.15
C MET H 99 -48.17 -38.43 19.84
N LYS I 1 -13.18 -52.59 16.54
CA LYS I 1 -12.42 -52.94 15.33
C LYS I 1 -13.13 -54.06 14.59
N ALA I 2 -13.20 -53.91 13.28
CA ALA I 2 -14.09 -54.74 12.48
C ALA I 2 -13.47 -56.11 12.19
N LEU I 3 -14.12 -56.86 11.34
CA LEU I 3 -13.78 -58.24 11.04
C LEU I 3 -13.58 -58.42 9.52
N TYR I 4 -12.58 -59.19 9.15
CA TYR I 4 -12.46 -59.73 7.81
C TYR I 4 -13.25 -61.03 7.85
N ASN I 5 -14.15 -61.23 6.90
CA ASN I 5 -14.88 -62.47 6.82
C ASN I 5 -13.94 -63.49 6.19
N PHE I 6 -14.24 -64.76 6.37
CA PHE I 6 -13.45 -65.85 5.86
C PHE I 6 -13.99 -66.23 4.48
N ALA I 7 -14.35 -67.49 4.24
CA ALA I 7 -14.94 -67.87 2.97
C ALA I 7 -16.24 -67.15 2.68
N THR I 8 -16.50 -66.95 1.40
CA THR I 8 -17.72 -66.30 0.95
C THR I 8 -18.89 -67.26 0.98
N MET I 9 -20.11 -66.74 0.81
CA MET I 9 -21.33 -67.57 0.76
C MET I 9 -21.18 -68.59 -0.34
N GLY J 1 35.83 -1.73 0.11
CA GLY J 1 34.59 -1.60 -0.73
C GLY J 1 34.85 -2.21 -2.09
N PRO J 2 33.84 -2.80 -2.75
CA PRO J 2 34.07 -3.47 -4.03
C PRO J 2 34.56 -2.49 -5.09
N HIS J 3 35.24 -2.99 -6.12
CA HIS J 3 35.73 -2.14 -7.21
C HIS J 3 35.67 -2.92 -8.52
N SER J 4 35.78 -2.20 -9.64
CA SER J 4 35.76 -2.83 -10.95
C SER J 4 36.52 -2.03 -12.00
N MET J 5 36.88 -2.70 -13.08
CA MET J 5 37.32 -2.03 -14.30
C MET J 5 36.67 -2.70 -15.52
N ARG J 6 36.33 -1.89 -16.51
CA ARG J 6 35.77 -2.40 -17.76
C ARG J 6 36.30 -1.64 -18.96
N TYR J 7 36.41 -2.34 -20.08
CA TYR J 7 36.60 -1.69 -21.35
C TYR J 7 35.40 -2.12 -22.20
N PHE J 8 34.70 -1.12 -22.73
CA PHE J 8 33.57 -1.32 -23.62
C PHE J 8 34.05 -0.92 -25.03
N GLU J 9 34.10 -1.88 -25.94
CA GLU J 9 34.65 -1.64 -27.26
C GLU J 9 33.55 -1.86 -28.29
N THR J 10 33.60 -1.07 -29.34
CA THR J 10 32.54 -1.05 -30.35
C THR J 10 33.15 -0.84 -31.72
N ALA J 11 32.77 -1.67 -32.69
CA ALA J 11 33.11 -1.44 -34.08
C ALA J 11 31.83 -1.45 -34.91
N VAL J 12 31.60 -0.39 -35.66
CA VAL J 12 30.37 -0.22 -36.40
C VAL J 12 30.67 0.05 -37.87
N SER J 13 30.05 -0.74 -38.73
CA SER J 13 30.09 -0.52 -40.16
C SER J 13 28.76 0.07 -40.62
N ARG J 14 28.82 0.99 -41.58
CA ARG J 14 27.63 1.58 -42.20
C ARG J 14 27.85 1.54 -43.70
N PRO J 15 26.78 1.42 -44.48
CA PRO J 15 26.91 1.31 -45.95
C PRO J 15 27.66 2.52 -46.60
N GLY J 16 27.43 3.69 -46.02
CA GLY J 16 28.18 4.90 -46.35
C GLY J 16 29.72 4.83 -46.33
N LEU J 17 30.34 4.29 -45.26
CA LEU J 17 31.83 4.23 -45.23
C LEU J 17 32.46 2.90 -45.63
N GLU J 18 33.62 3.02 -46.27
CA GLU J 18 34.50 1.89 -46.56
C GLU J 18 34.86 1.15 -45.27
N GLU J 19 35.35 1.89 -44.26
CA GLU J 19 35.94 1.30 -43.05
C GLU J 19 35.09 1.52 -41.77
N PRO J 20 35.02 0.51 -40.92
CA PRO J 20 34.20 0.64 -39.71
C PRO J 20 34.80 1.66 -38.75
N ARG J 21 33.97 2.26 -37.91
CA ARG J 21 34.45 3.15 -36.88
C ARG J 21 34.62 2.32 -35.60
N TYR J 22 35.79 2.42 -34.96
CA TYR J 22 36.12 1.73 -33.73
C TYR J 22 36.22 2.69 -32.52
N ILE J 23 35.59 2.30 -31.41
CA ILE J 23 35.58 3.09 -30.19
C ILE J 23 35.78 2.22 -28.96
N SER J 24 36.63 2.69 -28.08
CA SER J 24 36.92 1.98 -26.85
C SER J 24 36.83 2.95 -25.69
N VAL J 25 36.23 2.49 -24.61
CA VAL J 25 35.97 3.30 -23.44
C VAL J 25 36.33 2.48 -22.21
N GLY J 26 37.24 3.01 -21.41
CA GLY J 26 37.62 2.38 -20.17
C GLY J 26 36.84 2.98 -19.03
N TYR J 27 36.42 2.11 -18.11
CA TYR J 27 35.79 2.55 -16.85
C TYR J 27 36.50 1.98 -15.64
N VAL J 28 36.56 2.79 -14.58
CA VAL J 28 36.94 2.32 -13.23
C VAL J 28 35.82 2.69 -12.25
N ASP J 29 35.31 1.69 -11.53
CA ASP J 29 34.10 1.83 -10.73
C ASP J 29 32.99 2.54 -11.51
N ASN J 30 32.68 1.97 -12.67
CA ASN J 30 31.68 2.53 -13.60
C ASN J 30 31.81 4.03 -14.00
N LYS J 31 32.98 4.63 -13.79
CA LYS J 31 33.23 6.00 -14.21
C LYS J 31 34.25 5.97 -15.35
N GLU J 32 33.93 6.66 -16.43
CA GLU J 32 34.77 6.70 -17.60
C GLU J 32 36.11 7.36 -17.28
N PHE J 33 37.20 6.74 -17.70
CA PHE J 33 38.55 7.24 -17.41
C PHE J 33 39.51 7.33 -18.61
N VAL J 34 39.26 6.54 -19.66
CA VAL J 34 40.01 6.65 -20.92
C VAL J 34 39.10 6.39 -22.10
N ARG J 35 39.54 6.83 -23.29
CA ARG J 35 38.70 6.75 -24.50
C ARG J 35 39.52 6.89 -25.79
N PHE J 36 39.33 5.94 -26.70
CA PHE J 36 39.89 5.98 -28.04
C PHE J 36 38.74 6.00 -29.05
N ASP J 37 38.84 6.83 -30.07
CA ASP J 37 37.82 6.97 -31.08
C ASP J 37 38.46 7.17 -32.47
N SER J 38 38.26 6.22 -33.36
CA SER J 38 38.99 6.17 -34.60
C SER J 38 38.60 7.27 -35.58
N ASP J 39 37.44 7.90 -35.39
CA ASP J 39 36.99 9.04 -36.21
C ASP J 39 37.70 10.35 -35.91
N ALA J 40 38.20 10.52 -34.69
CA ALA J 40 39.02 11.71 -34.37
C ALA J 40 40.16 11.89 -35.39
N GLU J 41 40.70 13.10 -35.46
CA GLU J 41 41.71 13.41 -36.48
C GLU J 41 43.05 12.80 -36.11
N ASN J 42 43.37 12.86 -34.82
CA ASN J 42 44.54 12.19 -34.27
C ASN J 42 44.04 11.10 -33.29
N PRO J 43 43.65 9.92 -33.80
CA PRO J 43 43.06 8.91 -32.92
C PRO J 43 44.10 8.52 -31.90
N ARG J 44 43.80 8.75 -30.62
CA ARG J 44 44.63 8.25 -29.55
C ARG J 44 43.76 7.86 -28.38
N TYR J 45 44.27 7.03 -27.50
CA TYR J 45 43.71 6.96 -26.15
C TYR J 45 43.99 8.33 -25.53
N GLU J 46 42.97 8.88 -24.89
CA GLU J 46 42.99 10.17 -24.21
C GLU J 46 42.42 9.98 -22.80
N PRO J 47 42.95 10.69 -21.81
CA PRO J 47 42.37 10.62 -20.46
C PRO J 47 40.99 11.25 -20.45
N ARG J 48 40.15 10.77 -19.56
CA ARG J 48 38.79 11.26 -19.43
C ARG J 48 38.40 11.63 -18.00
N ALA J 49 39.34 11.50 -17.06
CA ALA J 49 39.18 12.02 -15.71
C ALA J 49 40.46 12.76 -15.30
N PRO J 50 40.33 13.77 -14.46
CA PRO J 50 41.50 14.54 -14.01
C PRO J 50 42.65 13.64 -13.53
N TRP J 51 42.34 12.64 -12.71
CA TRP J 51 43.35 11.78 -12.11
C TRP J 51 44.28 11.00 -13.09
N MET J 52 43.89 10.88 -14.36
CA MET J 52 44.67 10.09 -15.34
C MET J 52 45.74 10.88 -16.12
N GLU J 53 45.91 12.17 -15.81
CA GLU J 53 46.95 12.97 -16.46
C GLU J 53 48.32 12.64 -15.86
N GLN J 54 48.30 11.92 -14.73
CA GLN J 54 49.48 11.34 -14.09
C GLN J 54 50.31 10.38 -14.96
N GLU J 55 49.69 9.68 -15.90
CA GLU J 55 50.43 8.75 -16.77
C GLU J 55 51.29 9.55 -17.77
N GLY J 56 52.52 9.09 -17.96
CA GLY J 56 53.45 9.73 -18.87
C GLY J 56 53.21 9.30 -20.30
N PRO J 57 53.85 9.98 -21.25
CA PRO J 57 53.69 9.67 -22.68
C PRO J 57 53.79 8.17 -23.06
N GLU J 58 54.70 7.38 -22.46
CA GLU J 58 54.84 5.97 -22.85
C GLU J 58 53.51 5.21 -22.68
N TYR J 59 52.80 5.51 -21.60
CA TYR J 59 51.51 4.93 -21.36
C TYR J 59 50.52 5.17 -22.52
N TRP J 60 50.36 6.44 -22.93
CA TRP J 60 49.42 6.80 -24.00
C TRP J 60 49.78 6.27 -25.41
N GLU J 61 51.07 6.27 -25.75
CA GLU J 61 51.53 5.79 -27.05
C GLU J 61 51.35 4.27 -27.14
N ARG J 62 51.58 3.57 -26.04
CA ARG J 62 51.49 2.11 -26.03
C ARG J 62 50.05 1.68 -26.09
N GLU J 63 49.21 2.34 -25.29
CA GLU J 63 47.79 2.00 -25.29
C GLU J 63 47.20 2.40 -26.62
N THR J 64 47.66 3.51 -27.19
CA THR J 64 47.17 3.92 -28.51
C THR J 64 47.48 2.85 -29.57
N GLN J 65 48.70 2.34 -29.52
CA GLN J 65 49.14 1.28 -30.42
C GLN J 65 48.30 0.01 -30.19
N LYS J 66 47.97 -0.28 -28.94
CA LYS J 66 47.10 -1.39 -28.61
C LYS J 66 45.73 -1.19 -29.27
N ALA J 67 45.18 0.02 -29.16
CA ALA J 67 43.89 0.33 -29.72
C ALA J 67 43.88 0.11 -31.22
N LYS J 68 44.98 0.40 -31.89
CA LYS J 68 45.07 0.32 -33.33
C LYS J 68 45.09 -1.14 -33.75
N GLY J 69 45.69 -1.99 -32.92
CA GLY J 69 45.62 -3.43 -33.13
C GLY J 69 44.21 -3.98 -32.94
N GLN J 70 43.54 -3.48 -31.91
CA GLN J 70 42.14 -3.82 -31.66
C GLN J 70 41.26 -3.42 -32.83
N GLU J 71 41.51 -2.25 -33.40
CA GLU J 71 40.75 -1.78 -34.53
C GLU J 71 40.82 -2.79 -35.67
N GLN J 72 42.02 -3.26 -35.98
CA GLN J 72 42.18 -4.22 -37.08
C GLN J 72 41.51 -5.55 -36.74
N TRP J 73 41.57 -5.96 -35.48
CA TRP J 73 40.94 -7.18 -35.00
C TRP J 73 39.45 -7.11 -35.23
N PHE J 74 38.85 -5.96 -34.93
CA PHE J 74 37.43 -5.76 -35.11
C PHE J 74 37.06 -5.73 -36.59
N ARG J 75 37.93 -5.13 -37.38
CA ARG J 75 37.73 -5.03 -38.81
C ARG J 75 37.58 -6.44 -39.38
N VAL J 76 38.53 -7.29 -39.04
CA VAL J 76 38.60 -8.61 -39.58
C VAL J 76 37.47 -9.48 -39.03
N SER J 77 37.23 -9.37 -37.74
CA SER J 77 36.12 -10.08 -37.10
C SER J 77 34.82 -9.73 -37.81
N LEU J 78 34.61 -8.45 -38.10
CA LEU J 78 33.38 -7.98 -38.75
C LEU J 78 33.22 -8.63 -40.13
N ARG J 79 34.32 -8.70 -40.87
CA ARG J 79 34.32 -9.32 -42.19
C ARG J 79 33.98 -10.80 -42.04
N ASN J 80 34.62 -11.47 -41.10
CA ASN J 80 34.35 -12.89 -40.86
C ASN J 80 32.86 -13.16 -40.53
N LEU J 81 32.28 -12.34 -39.66
CA LEU J 81 30.88 -12.54 -39.18
C LEU J 81 29.85 -12.41 -40.31
N LEU J 82 30.17 -11.52 -41.21
CA LEU J 82 29.41 -11.30 -42.41
C LEU J 82 29.28 -12.59 -43.20
N GLY J 83 30.42 -13.28 -43.37
CA GLY J 83 30.44 -14.60 -43.98
C GLY J 83 29.68 -15.62 -43.17
N TYR J 84 29.87 -15.64 -41.85
CA TYR J 84 29.22 -16.65 -41.02
C TYR J 84 27.71 -16.53 -41.11
N TYR J 85 27.20 -15.32 -41.29
CA TYR J 85 25.76 -15.08 -41.27
C TYR J 85 25.17 -14.93 -42.65
N ASN J 86 26.01 -15.10 -43.68
CA ASN J 86 25.59 -14.95 -45.08
C ASN J 86 24.84 -13.65 -45.34
N GLN J 87 25.35 -12.57 -44.77
CA GLN J 87 24.82 -11.22 -44.94
C GLN J 87 25.54 -10.62 -46.14
N SER J 88 24.87 -9.85 -46.94
CA SER J 88 25.61 -9.39 -48.11
C SER J 88 26.25 -8.01 -47.83
N ALA J 89 26.46 -7.22 -48.88
CA ALA J 89 27.18 -5.96 -48.78
C ALA J 89 26.23 -4.86 -48.38
N GLY J 90 26.72 -3.94 -47.54
CA GLY J 90 26.06 -2.66 -47.37
C GLY J 90 24.78 -2.72 -46.55
N GLY J 91 24.99 -3.14 -45.30
CA GLY J 91 24.02 -2.99 -44.24
C GLY J 91 24.75 -2.25 -43.15
N SER J 92 24.19 -2.23 -41.97
CA SER J 92 24.96 -1.79 -40.82
C SER J 92 25.17 -2.99 -39.96
N HIS J 93 26.40 -3.09 -39.47
CA HIS J 93 26.74 -4.14 -38.55
C HIS J 93 27.48 -3.53 -37.38
N THR J 94 27.41 -4.25 -36.27
CA THR J 94 27.97 -3.81 -35.01
C THR J 94 28.61 -5.02 -34.35
N LEU J 95 29.82 -4.85 -33.88
CA LEU J 95 30.49 -5.81 -33.02
C LEU J 95 30.84 -5.10 -31.72
N GLN J 96 30.42 -5.67 -30.58
CA GLN J 96 30.68 -5.10 -29.28
C GLN J 96 31.41 -6.08 -28.38
N GLN J 97 32.14 -5.53 -27.39
CA GLN J 97 32.88 -6.28 -26.40
C GLN J 97 32.82 -5.62 -25.03
N MET J 98 32.65 -6.42 -23.99
CA MET J 98 32.85 -5.95 -22.64
C MET J 98 33.89 -6.83 -22.04
N SER J 99 34.86 -6.23 -21.37
CA SER J 99 35.86 -7.04 -20.74
C SER J 99 36.36 -6.32 -19.52
N GLY J 100 36.70 -7.08 -18.48
CA GLY J 100 37.30 -6.50 -17.29
C GLY J 100 37.16 -7.36 -16.04
N CYS J 101 37.39 -6.73 -14.88
CA CYS J 101 37.43 -7.43 -13.60
C CYS J 101 36.60 -6.77 -12.49
N ASP J 102 36.08 -7.59 -11.59
CA ASP J 102 35.45 -7.15 -10.36
C ASP J 102 36.39 -7.54 -9.23
N LEU J 103 36.71 -6.62 -8.33
CA LEU J 103 37.37 -7.00 -7.08
C LEU J 103 36.41 -6.82 -5.91
N GLY J 104 36.56 -7.66 -4.88
CA GLY J 104 35.84 -7.50 -3.64
C GLY J 104 36.45 -6.40 -2.81
N SER J 105 35.89 -6.12 -1.63
CA SER J 105 36.47 -5.18 -0.63
C SER J 105 37.93 -5.45 -0.25
N ASP J 106 38.33 -6.72 -0.27
CA ASP J 106 39.72 -7.13 -0.04
C ASP J 106 40.67 -6.85 -1.25
N TRP J 107 40.11 -6.30 -2.32
CA TRP J 107 40.84 -6.03 -3.57
C TRP J 107 41.29 -7.28 -4.35
N ARG J 108 40.84 -8.46 -3.96
CA ARG J 108 41.14 -9.67 -4.72
C ARG J 108 40.11 -9.88 -5.78
N LEU J 109 40.52 -10.51 -6.88
CA LEU J 109 39.60 -10.80 -7.98
C LEU J 109 38.40 -11.59 -7.47
N LEU J 110 37.22 -11.14 -7.87
CA LEU J 110 35.98 -11.87 -7.64
C LEU J 110 35.60 -12.56 -8.96
N ARG J 111 35.82 -11.88 -10.07
CA ARG J 111 35.26 -12.32 -11.33
C ARG J 111 35.85 -11.61 -12.55
N GLY J 112 36.33 -12.38 -13.50
CA GLY J 112 36.62 -11.87 -14.83
C GLY J 112 35.38 -11.83 -15.73
N TYR J 113 35.37 -10.89 -16.68
CA TYR J 113 34.34 -10.79 -17.69
C TYR J 113 34.93 -10.66 -19.10
N LEU J 114 34.35 -11.41 -20.02
CA LEU J 114 34.67 -11.33 -21.42
C LEU J 114 33.43 -11.80 -22.22
N GLN J 115 32.73 -10.85 -22.82
CA GLN J 115 31.53 -11.13 -23.61
C GLN J 115 31.55 -10.31 -24.88
N PHE J 116 30.96 -10.87 -25.93
CA PHE J 116 30.88 -10.21 -27.22
C PHE J 116 29.44 -10.28 -27.69
N ALA J 117 29.02 -9.24 -28.43
CA ALA J 117 27.73 -9.18 -29.11
C ALA J 117 27.92 -8.83 -30.57
N TYR J 118 27.14 -9.50 -31.42
CA TYR J 118 26.99 -9.12 -32.83
C TYR J 118 25.55 -8.68 -33.08
N GLU J 119 25.44 -7.52 -33.72
CA GLU J 119 24.16 -6.86 -34.01
C GLU J 119 23.35 -6.55 -32.77
N GLY J 120 24.04 -6.37 -31.65
CA GLY J 120 23.42 -6.11 -30.35
C GLY J 120 22.94 -7.34 -29.61
N ARG J 121 23.48 -8.50 -30.00
CA ARG J 121 22.96 -9.81 -29.58
C ARG J 121 24.12 -10.67 -29.13
N ASP J 122 23.92 -11.38 -28.02
CA ASP J 122 24.93 -12.26 -27.47
C ASP J 122 25.54 -13.17 -28.51
N TYR J 123 26.85 -13.11 -28.64
CA TYR J 123 27.52 -13.93 -29.62
C TYR J 123 28.35 -15.03 -28.96
N ILE J 124 29.31 -14.64 -28.14
CA ILE J 124 30.14 -15.58 -27.41
C ILE J 124 30.61 -14.91 -26.15
N ALA J 125 30.64 -15.66 -25.06
CA ALA J 125 31.12 -15.14 -23.80
C ALA J 125 31.98 -16.17 -23.12
N LEU J 126 32.95 -15.68 -22.38
CA LEU J 126 33.79 -16.50 -21.54
C LEU J 126 33.05 -16.73 -20.24
N ASN J 127 32.88 -18.00 -19.92
CA ASN J 127 32.28 -18.39 -18.66
C ASN J 127 33.12 -17.91 -17.47
N GLU J 128 32.47 -17.88 -16.30
CA GLU J 128 33.07 -17.40 -15.04
C GLU J 128 34.36 -18.14 -14.64
N ASP J 129 34.41 -19.44 -14.97
CA ASP J 129 35.58 -20.29 -14.81
C ASP J 129 36.78 -19.82 -15.62
N LEU J 130 36.59 -18.94 -16.58
CA LEU J 130 37.67 -18.40 -17.41
C LEU J 130 38.38 -19.47 -18.23
N LYS J 131 37.67 -20.61 -18.45
CA LYS J 131 38.19 -21.75 -19.23
C LYS J 131 37.28 -22.19 -20.37
N THR J 132 35.96 -22.05 -20.21
CA THR J 132 35.02 -22.49 -21.25
C THR J 132 34.16 -21.35 -21.77
N TRP J 133 33.58 -21.59 -22.96
CA TRP J 133 32.85 -20.57 -23.72
C TRP J 133 31.39 -20.90 -23.80
N THR J 134 30.53 -19.89 -23.78
CA THR J 134 29.10 -20.02 -24.06
C THR J 134 28.84 -19.33 -25.41
N ALA J 135 28.23 -20.05 -26.36
CA ALA J 135 27.87 -19.52 -27.68
C ALA J 135 26.60 -20.19 -28.12
N ALA J 136 25.52 -19.42 -28.18
CA ALA J 136 24.23 -19.97 -28.56
C ALA J 136 24.15 -20.22 -30.08
N ASP J 137 24.49 -19.23 -30.89
CA ASP J 137 24.14 -19.29 -32.32
C ASP J 137 24.90 -20.42 -33.04
N MET J 138 24.26 -20.98 -34.06
CA MET J 138 24.88 -22.01 -34.89
C MET J 138 26.12 -21.44 -35.54
N ALA J 139 26.01 -20.21 -36.06
CA ALA J 139 27.16 -19.50 -36.63
C ALA J 139 28.24 -19.28 -35.63
N ALA J 140 27.87 -19.04 -34.38
CA ALA J 140 28.85 -18.73 -33.33
C ALA J 140 29.67 -19.96 -32.91
N GLN J 141 29.22 -21.17 -33.27
CA GLN J 141 29.95 -22.40 -32.99
C GLN J 141 31.28 -22.44 -33.71
N ILE J 142 31.33 -21.82 -34.88
CA ILE J 142 32.53 -21.71 -35.66
C ILE J 142 33.53 -20.93 -34.85
N THR J 143 33.11 -19.79 -34.32
CA THR J 143 34.01 -19.01 -33.49
C THR J 143 34.45 -19.82 -32.28
N ARG J 144 33.52 -20.52 -31.65
CA ARG J 144 33.79 -21.25 -30.42
C ARG J 144 34.82 -22.36 -30.63
N ARG J 145 34.67 -23.16 -31.69
CA ARG J 145 35.60 -24.24 -32.01
C ARG J 145 37.01 -23.66 -32.31
N LYS J 146 37.05 -22.57 -33.04
CA LYS J 146 38.27 -21.83 -33.40
C LYS J 146 39.02 -21.31 -32.16
N TRP J 147 38.29 -20.77 -31.20
CA TRP J 147 38.88 -20.25 -29.95
C TRP J 147 39.28 -21.35 -28.94
N GLU J 148 38.58 -22.48 -28.95
CA GLU J 148 38.93 -23.61 -28.08
C GLU J 148 40.22 -24.24 -28.60
N GLN J 149 40.33 -24.42 -29.91
CA GLN J 149 41.49 -25.04 -30.54
C GLN J 149 42.78 -24.25 -30.32
N SER J 150 42.69 -22.93 -30.31
CA SER J 150 43.85 -22.04 -30.23
C SER J 150 44.25 -21.65 -28.81
N GLY J 151 43.43 -22.03 -27.82
CA GLY J 151 43.72 -21.73 -26.43
C GLY J 151 43.48 -20.27 -26.09
N ALA J 152 42.44 -19.70 -26.71
CA ALA J 152 42.12 -18.31 -26.51
C ALA J 152 41.78 -18.04 -25.06
N ALA J 153 40.97 -18.90 -24.44
CA ALA J 153 40.56 -18.66 -23.06
C ALA J 153 41.75 -18.39 -22.16
N GLU J 154 42.81 -19.18 -22.31
CA GLU J 154 43.95 -19.09 -21.41
C GLU J 154 44.56 -17.70 -21.56
N HIS J 155 44.55 -17.18 -22.79
CA HIS J 155 45.13 -15.84 -23.01
C HIS J 155 44.34 -14.75 -22.31
N TYR J 156 43.02 -14.78 -22.45
CA TYR J 156 42.18 -13.84 -21.77
C TYR J 156 42.25 -13.96 -20.25
N LYS J 157 42.24 -15.18 -19.74
CA LYS J 157 42.33 -15.44 -18.30
C LYS J 157 43.61 -14.86 -17.63
N ALA J 158 44.73 -14.93 -18.35
CA ALA J 158 45.97 -14.31 -17.87
C ALA J 158 45.80 -12.80 -17.79
N TYR J 159 45.14 -12.21 -18.77
CA TYR J 159 44.84 -10.78 -18.71
C TYR J 159 43.91 -10.47 -17.53
N LEU J 160 42.80 -11.22 -17.40
CA LEU J 160 41.80 -10.93 -16.37
C LEU J 160 42.32 -11.10 -14.94
N GLU J 161 43.09 -12.16 -14.70
CA GLU J 161 43.70 -12.45 -13.39
C GLU J 161 44.95 -11.62 -13.11
N GLY J 162 45.53 -11.08 -14.18
CA GLY J 162 46.84 -10.46 -14.09
C GLY J 162 46.75 -8.98 -14.30
N GLU J 163 46.99 -8.51 -15.53
CA GLU J 163 47.06 -7.09 -15.84
C GLU J 163 45.81 -6.31 -15.41
N CYS J 164 44.63 -6.86 -15.70
CA CYS J 164 43.41 -6.19 -15.32
C CYS J 164 43.46 -5.85 -13.83
N VAL J 165 43.85 -6.81 -13.00
CA VAL J 165 43.89 -6.59 -11.55
C VAL J 165 44.99 -5.60 -11.18
N GLU J 166 46.20 -5.94 -11.61
CA GLU J 166 47.38 -5.12 -11.35
C GLU J 166 47.13 -3.65 -11.73
N TRP J 167 46.60 -3.38 -12.91
CA TRP J 167 46.39 -1.99 -13.33
C TRP J 167 45.24 -1.32 -12.62
N LEU J 168 44.19 -2.08 -12.30
CA LEU J 168 43.09 -1.54 -11.50
C LEU J 168 43.59 -1.08 -10.12
N HIS J 169 44.43 -1.90 -9.48
CA HIS J 169 45.06 -1.54 -8.20
C HIS J 169 45.80 -0.22 -8.31
N ARG J 170 46.59 -0.09 -9.36
CA ARG J 170 47.33 1.13 -9.65
C ARG J 170 46.40 2.33 -9.88
N TYR J 171 45.31 2.14 -10.62
CA TYR J 171 44.39 3.26 -10.83
C TYR J 171 43.67 3.67 -9.55
N LEU J 172 43.40 2.74 -8.65
CA LEU J 172 42.64 3.05 -7.44
C LEU J 172 43.54 3.76 -6.42
N LYS J 173 44.83 3.43 -6.39
CA LYS J 173 45.78 4.15 -5.56
C LYS J 173 45.88 5.62 -6.02
N ASN J 174 45.82 5.83 -7.34
CA ASN J 174 46.01 7.17 -7.93
C ASN J 174 44.87 8.14 -7.54
N GLY J 175 43.75 8.11 -8.26
CA GLY J 175 42.62 8.95 -7.88
C GLY J 175 41.78 8.29 -6.80
N ASN J 176 42.12 8.49 -5.53
CA ASN J 176 41.39 7.89 -4.39
C ASN J 176 40.46 8.87 -3.64
N ALA J 177 40.79 10.16 -3.66
CA ALA J 177 39.88 11.20 -3.16
C ALA J 177 38.78 11.60 -4.20
N THR J 178 38.39 10.65 -5.04
CA THR J 178 37.19 10.75 -5.92
C THR J 178 36.37 9.44 -5.91
N LEU J 179 36.97 8.31 -6.35
CA LEU J 179 36.22 7.04 -6.63
C LEU J 179 35.59 6.32 -5.40
N LEU J 180 35.74 6.88 -4.20
CA LEU J 180 35.28 6.30 -2.93
C LEU J 180 34.01 6.99 -2.34
N ARG J 181 32.94 7.13 -3.13
CA ARG J 181 31.71 7.75 -2.61
C ARG J 181 30.41 7.42 -3.38
N THR J 182 29.29 7.57 -2.66
CA THR J 182 27.95 7.38 -3.21
C THR J 182 26.96 8.31 -2.51
N ASP J 183 25.97 8.82 -3.26
CA ASP J 183 24.97 9.77 -2.74
C ASP J 183 23.60 9.17 -2.48
N SER J 184 23.03 9.52 -1.34
CA SER J 184 21.72 9.03 -0.98
C SER J 184 20.68 9.81 -1.72
N PRO J 185 19.55 9.20 -2.03
CA PRO J 185 18.43 9.96 -2.56
C PRO J 185 17.73 10.81 -1.48
N LYS J 186 17.32 12.01 -1.86
CA LYS J 186 16.33 12.75 -1.10
C LYS J 186 15.02 12.48 -1.80
N ALA J 187 14.03 12.02 -1.05
CA ALA J 187 12.72 11.67 -1.60
C ALA J 187 11.65 12.58 -1.06
N HIS J 188 10.58 12.74 -1.82
CA HIS J 188 9.42 13.51 -1.39
C HIS J 188 8.20 13.14 -2.22
N VAL J 189 7.02 13.43 -1.66
CA VAL J 189 5.75 13.11 -2.30
C VAL J 189 5.02 14.38 -2.76
N THR J 190 4.52 14.38 -4.00
CA THR J 190 3.69 15.46 -4.54
C THR J 190 2.23 15.00 -4.67
N HIS J 191 1.33 15.97 -4.72
CA HIS J 191 -0.11 15.74 -4.85
C HIS J 191 -0.59 16.28 -6.20
N HIS J 192 -1.22 15.43 -7.01
CA HIS J 192 -1.76 15.82 -8.31
C HIS J 192 -3.21 15.34 -8.46
N PRO J 193 -4.16 15.99 -7.78
CA PRO J 193 -5.55 15.52 -7.73
C PRO J 193 -6.21 15.36 -9.09
N ARG J 194 -6.86 14.22 -9.33
CA ARG J 194 -7.61 13.98 -10.55
C ARG J 194 -9.11 14.12 -10.28
N SER J 195 -9.89 14.31 -11.34
CA SER J 195 -11.31 14.62 -11.20
C SER J 195 -12.05 13.60 -10.34
N LYS J 196 -13.05 14.09 -9.60
CA LYS J 196 -13.89 13.31 -8.67
C LYS J 196 -13.35 11.95 -8.16
N GLY J 197 -13.01 11.90 -6.86
CA GLY J 197 -12.70 10.66 -6.19
C GLY J 197 -11.22 10.38 -6.04
N GLU J 198 -10.53 10.23 -7.17
CA GLU J 198 -9.16 9.73 -7.19
C GLU J 198 -8.12 10.84 -7.33
N VAL J 199 -6.95 10.62 -6.71
CA VAL J 199 -5.75 11.45 -6.92
C VAL J 199 -4.54 10.57 -7.24
N THR J 200 -3.43 11.19 -7.67
CA THR J 200 -2.16 10.48 -7.87
C THR J 200 -1.09 11.03 -6.91
N LEU J 201 -0.37 10.11 -6.25
CA LEU J 201 0.73 10.47 -5.35
C LEU J 201 2.05 10.06 -5.97
N ARG J 202 2.83 11.05 -6.41
CA ARG J 202 4.15 10.82 -6.99
C ARG J 202 5.19 10.66 -5.88
N CYS J 203 6.00 9.62 -5.95
CA CYS J 203 7.16 9.50 -5.08
C CYS J 203 8.45 9.69 -5.89
N TRP J 204 9.05 10.86 -5.77
CA TRP J 204 10.32 11.17 -6.41
C TRP J 204 11.49 10.72 -5.52
N ALA J 205 12.56 10.28 -6.19
CA ALA J 205 13.89 10.11 -5.62
C ALA J 205 14.83 10.92 -6.50
N LEU J 206 15.68 11.74 -5.87
CA LEU J 206 16.58 12.63 -6.59
C LEU J 206 17.95 12.67 -5.91
N GLY J 207 18.95 13.07 -6.68
CA GLY J 207 20.30 13.24 -6.18
C GLY J 207 21.08 11.98 -5.81
N PHE J 208 20.65 10.82 -6.30
CA PHE J 208 21.30 9.56 -5.87
C PHE J 208 22.34 9.06 -6.84
N TYR J 209 23.29 8.30 -6.31
CA TYR J 209 24.35 7.71 -7.10
C TYR J 209 24.89 6.51 -6.32
N PRO J 210 25.12 5.36 -6.97
CA PRO J 210 24.81 5.11 -8.39
C PRO J 210 23.31 4.98 -8.78
N ALA J 211 23.06 4.62 -10.04
CA ALA J 211 21.70 4.62 -10.58
C ALA J 211 20.78 3.56 -9.96
N ASP J 212 21.35 2.42 -9.60
CA ASP J 212 20.56 1.35 -9.01
C ASP J 212 19.78 1.85 -7.78
N ILE J 213 18.45 1.78 -7.90
CA ILE J 213 17.48 2.18 -6.86
C ILE J 213 16.22 1.36 -7.05
N THR J 214 15.40 1.27 -6.01
CA THR J 214 14.11 0.60 -6.11
C THR J 214 13.08 1.45 -5.41
N LEU J 215 11.99 1.79 -6.11
CA LEU J 215 10.90 2.55 -5.48
C LEU J 215 9.62 1.69 -5.34
N THR J 216 9.02 1.68 -4.14
CA THR J 216 7.83 0.85 -3.88
C THR J 216 6.70 1.57 -3.13
N TRP J 217 5.48 1.31 -3.56
CA TRP J 217 4.30 1.83 -2.88
C TRP J 217 3.59 0.73 -2.10
N GLN J 218 3.23 1.02 -0.85
CA GLN J 218 2.43 0.11 -0.03
C GLN J 218 1.17 0.82 0.46
N LEU J 219 0.18 0.02 0.90
CA LEU J 219 -1.04 0.54 1.52
C LEU J 219 -0.95 0.19 3.01
N ASN J 220 0.15 0.63 3.63
CA ASN J 220 0.57 0.13 4.95
C ASN J 220 0.42 -1.40 4.99
N GLY J 221 0.65 -2.01 3.83
CA GLY J 221 0.22 -3.37 3.57
C GLY J 221 1.38 -4.30 3.27
N GLU J 222 1.11 -5.30 2.44
CA GLU J 222 2.04 -6.41 2.24
C GLU J 222 2.88 -6.21 0.96
N GLU J 223 2.50 -5.20 0.16
CA GLU J 223 3.01 -4.95 -1.20
C GLU J 223 1.96 -4.16 -1.99
N LEU J 224 2.33 -3.68 -3.18
CA LEU J 224 1.37 -3.34 -4.26
C LEU J 224 2.06 -2.74 -5.49
N THR J 225 1.93 -3.43 -6.61
CA THR J 225 2.23 -2.86 -7.93
C THR J 225 0.96 -2.81 -8.79
N GLN J 226 -0.20 -2.73 -8.12
CA GLN J 226 -1.52 -2.65 -8.78
C GLN J 226 -1.64 -1.38 -9.63
N ASP J 227 -1.06 -1.45 -10.83
CA ASP J 227 -0.96 -0.34 -11.78
C ASP J 227 -0.13 0.86 -11.26
N MET J 228 0.89 0.58 -10.45
CA MET J 228 1.86 1.60 -10.06
C MET J 228 2.59 2.08 -11.33
N GLU J 229 2.52 3.39 -11.60
CA GLU J 229 3.23 4.01 -12.73
C GLU J 229 4.65 4.39 -12.34
N LEU J 230 5.57 4.41 -13.31
CA LEU J 230 6.94 4.88 -13.07
C LEU J 230 7.65 5.37 -14.34
N VAL J 231 8.89 5.83 -14.16
CA VAL J 231 9.81 6.14 -15.26
C VAL J 231 11.10 5.35 -15.08
N GLU J 232 11.77 5.04 -16.19
CA GLU J 232 13.12 4.48 -16.15
C GLU J 232 14.07 5.51 -15.53
N THR J 233 14.96 5.02 -14.67
CA THR J 233 16.00 5.83 -14.06
C THR J 233 16.80 6.62 -15.09
N ARG J 234 17.05 7.88 -14.77
CA ARG J 234 17.59 8.84 -15.74
C ARG J 234 18.68 9.67 -15.07
N PRO J 235 19.66 10.11 -15.81
CA PRO J 235 20.66 11.02 -15.26
C PRO J 235 20.18 12.46 -15.16
N ALA J 236 20.35 13.05 -13.99
CA ALA J 236 20.17 14.50 -13.85
C ALA J 236 21.05 15.32 -14.79
N GLY J 237 22.19 14.74 -15.20
CA GLY J 237 23.21 15.44 -15.97
C GLY J 237 24.37 16.00 -15.12
N ASP J 238 24.22 15.95 -13.80
CA ASP J 238 25.26 16.45 -12.87
C ASP J 238 26.01 15.31 -12.16
N GLY J 239 25.97 14.09 -12.73
CA GLY J 239 26.50 12.90 -12.08
C GLY J 239 25.50 12.04 -11.27
N THR J 240 24.32 12.55 -10.94
CA THR J 240 23.30 11.81 -10.18
C THR J 240 22.10 11.45 -11.04
N PHE J 241 21.18 10.74 -10.40
CA PHE J 241 20.09 10.09 -11.09
C PHE J 241 18.73 10.39 -10.42
N GLN J 242 17.67 10.22 -11.20
CA GLN J 242 16.31 10.53 -10.80
C GLN J 242 15.42 9.38 -11.21
N LYS J 243 14.37 9.16 -10.41
CA LYS J 243 13.34 8.20 -10.70
C LYS J 243 12.06 8.61 -9.94
N TRP J 244 10.90 8.18 -10.43
CA TRP J 244 9.70 8.32 -9.65
C TRP J 244 8.72 7.20 -9.91
N ALA J 245 7.75 7.09 -9.01
CA ALA J 245 6.72 6.09 -9.06
C ALA J 245 5.47 6.66 -8.40
N SER J 246 4.35 6.61 -9.11
CA SER J 246 3.08 7.11 -8.63
C SER J 246 2.01 6.03 -8.63
N VAL J 247 0.82 6.38 -8.15
CA VAL J 247 -0.26 5.40 -8.05
C VAL J 247 -1.58 6.13 -7.76
N VAL J 248 -2.71 5.45 -7.97
CA VAL J 248 -4.04 6.00 -7.66
C VAL J 248 -4.50 5.66 -6.23
N VAL J 249 -5.47 6.42 -5.71
CA VAL J 249 -5.76 6.47 -4.26
C VAL J 249 -7.17 7.08 -3.92
N PRO J 250 -7.72 6.78 -2.73
CA PRO J 250 -8.88 7.51 -2.19
C PRO J 250 -8.50 8.70 -1.28
N LEU J 251 -8.80 9.93 -1.74
CA LEU J 251 -8.55 11.18 -0.99
C LEU J 251 -9.25 11.23 0.39
N GLY J 252 -8.89 12.21 1.23
CA GLY J 252 -9.65 12.52 2.44
C GLY J 252 -9.34 11.64 3.65
N LYS J 253 -8.33 10.78 3.47
CA LYS J 253 -7.82 9.84 4.48
C LYS J 253 -6.79 8.96 3.75
N GLU J 254 -5.76 9.60 3.19
CA GLU J 254 -4.78 8.93 2.33
C GLU J 254 -3.33 9.01 2.82
N GLN J 255 -3.15 9.14 4.13
CA GLN J 255 -1.84 9.06 4.76
C GLN J 255 -1.50 7.61 5.11
N ASN J 256 -2.40 6.67 4.77
CA ASN J 256 -2.12 5.24 4.86
C ASN J 256 -1.50 4.68 3.56
N TYR J 257 -0.70 5.52 2.88
CA TYR J 257 0.12 5.08 1.76
C TYR J 257 1.58 5.43 2.04
N THR J 258 2.44 4.42 1.98
CA THR J 258 3.86 4.57 2.30
C THR J 258 4.78 4.24 1.11
N CYS J 259 5.38 5.28 0.55
CA CYS J 259 6.49 5.10 -0.39
C CYS J 259 7.73 4.58 0.35
N ARG J 260 8.47 3.68 -0.31
CA ARG J 260 9.74 3.17 0.23
C ARG J 260 10.84 3.29 -0.82
N VAL J 261 12.03 3.69 -0.38
CA VAL J 261 13.17 3.86 -1.26
C VAL J 261 14.32 3.00 -0.76
N TYR J 262 14.79 2.10 -1.63
CA TYR J 262 15.94 1.26 -1.32
C TYR J 262 17.11 1.66 -2.23
N HIS J 263 18.23 2.01 -1.59
CA HIS J 263 19.43 2.45 -2.29
C HIS J 263 20.64 2.19 -1.40
N GLU J 264 21.77 1.86 -2.01
CA GLU J 264 22.97 1.44 -1.28
C GLU J 264 23.61 2.51 -0.37
N GLY J 265 23.50 3.78 -0.73
CA GLY J 265 24.00 4.86 0.13
C GLY J 265 23.21 5.10 1.41
N LEU J 266 21.95 4.65 1.45
CA LEU J 266 21.09 4.84 2.63
C LEU J 266 21.55 3.98 3.85
N PRO J 267 21.55 4.56 5.05
CA PRO J 267 21.77 3.77 6.28
C PRO J 267 20.66 2.71 6.46
N GLU J 268 19.46 3.05 5.99
CA GLU J 268 18.34 2.11 5.87
C GLU J 268 17.28 2.63 4.88
N PRO J 269 16.43 1.75 4.37
CA PRO J 269 15.37 2.17 3.45
C PRO J 269 14.58 3.38 3.94
N LEU J 270 14.40 4.39 3.08
CA LEU J 270 13.54 5.52 3.39
C LEU J 270 12.07 5.12 3.36
N THR J 271 11.30 5.69 4.28
CA THR J 271 9.85 5.53 4.32
C THR J 271 9.21 6.90 4.52
N LEU J 272 8.26 7.22 3.64
CA LEU J 272 7.71 8.56 3.53
C LEU J 272 6.28 8.54 2.94
N ARG J 273 5.47 9.54 3.34
CA ARG J 273 4.12 9.71 2.80
C ARG J 273 3.85 11.18 2.46
N TRP J 274 2.66 11.48 1.97
CA TRP J 274 2.29 12.87 1.64
C TRP J 274 2.37 13.69 2.93
N GLU J 275 3.36 14.58 2.97
CA GLU J 275 3.60 15.44 4.14
C GLU J 275 2.84 16.77 3.90
N PRO J 276 1.69 16.96 4.54
CA PRO J 276 0.81 18.09 4.21
C PRO J 276 1.30 19.41 4.79
N ILE K 1 19.29 -6.87 -34.75
CA ILE K 1 18.17 -6.09 -35.34
C ILE K 1 17.93 -4.72 -34.67
N GLN K 2 17.00 -3.97 -35.24
CA GLN K 2 16.70 -2.61 -34.81
C GLN K 2 15.94 -2.63 -33.47
N LYS K 3 16.45 -1.83 -32.54
CA LYS K 3 15.79 -1.57 -31.27
C LYS K 3 15.44 -0.10 -31.31
N THR K 4 14.19 0.23 -31.00
CA THR K 4 13.70 1.59 -31.22
C THR K 4 13.92 2.48 -29.98
N PRO K 5 14.42 3.70 -30.16
CA PRO K 5 14.81 4.51 -29.00
C PRO K 5 13.66 4.88 -28.08
N GLN K 6 13.95 4.86 -26.80
CA GLN K 6 13.05 5.29 -25.75
C GLN K 6 13.56 6.64 -25.35
N ILE K 7 12.64 7.55 -25.03
CA ILE K 7 12.93 8.97 -24.95
C ILE K 7 12.20 9.56 -23.77
N GLN K 8 12.94 10.24 -22.90
CA GLN K 8 12.38 11.05 -21.81
C GLN K 8 12.93 12.46 -21.97
N VAL K 9 12.07 13.45 -21.74
CA VAL K 9 12.44 14.84 -21.81
C VAL K 9 12.05 15.41 -20.46
N TYR K 10 13.02 15.97 -19.73
CA TYR K 10 12.76 16.40 -18.37
C TYR K 10 13.82 17.41 -17.98
N SER K 11 13.50 18.23 -16.99
CA SER K 11 14.42 19.19 -16.46
C SER K 11 15.18 18.53 -15.32
N ARG K 12 16.45 18.91 -15.17
CA ARG K 12 17.30 18.46 -14.08
C ARG K 12 16.74 18.87 -12.73
N HIS K 13 16.27 20.12 -12.64
CA HIS K 13 15.70 20.65 -11.42
C HIS K 13 14.19 20.78 -11.67
N PRO K 14 13.43 20.88 -10.58
CA PRO K 14 11.98 21.11 -10.70
C PRO K 14 11.73 22.45 -11.41
N PRO K 15 10.89 22.46 -12.45
CA PRO K 15 10.79 23.63 -13.32
C PRO K 15 9.98 24.77 -12.68
N GLU K 16 10.48 25.99 -12.86
CA GLU K 16 9.88 27.21 -12.32
C GLU K 16 10.04 28.33 -13.34
N ASN K 17 8.97 29.02 -13.69
CA ASN K 17 9.07 30.05 -14.72
C ASN K 17 10.00 31.19 -14.27
N GLY K 18 10.79 31.70 -15.22
CA GLY K 18 11.79 32.72 -14.94
C GLY K 18 13.08 32.26 -14.26
N LYS K 19 13.23 30.94 -14.04
CA LYS K 19 14.38 30.45 -13.28
C LYS K 19 15.24 29.49 -14.10
N PRO K 20 16.52 29.82 -14.30
CA PRO K 20 17.44 28.95 -15.06
C PRO K 20 17.43 27.51 -14.63
N ASN K 21 17.63 26.63 -15.62
CA ASN K 21 17.52 25.20 -15.46
C ASN K 21 18.30 24.55 -16.62
N ILE K 22 18.23 23.23 -16.72
CA ILE K 22 18.72 22.49 -17.87
C ILE K 22 17.59 21.58 -18.27
N LEU K 23 17.42 21.40 -19.57
CA LEU K 23 16.44 20.47 -20.11
C LEU K 23 17.19 19.33 -20.70
N ASN K 24 16.70 18.12 -20.42
CA ASN K 24 17.38 16.89 -20.81
C ASN K 24 16.56 16.13 -21.80
N CYS K 25 17.23 15.56 -22.79
CA CYS K 25 16.65 14.52 -23.61
C CYS K 25 17.52 13.28 -23.50
N TYR K 26 16.99 12.27 -22.82
CA TYR K 26 17.70 11.06 -22.52
C TYR K 26 17.18 9.96 -23.45
N VAL K 27 18.04 9.47 -24.36
CA VAL K 27 17.60 8.53 -25.39
C VAL K 27 18.30 7.18 -25.13
N THR K 28 17.54 6.14 -24.89
CA THR K 28 18.07 4.84 -24.50
C THR K 28 17.55 3.71 -25.33
N GLN K 29 18.17 2.55 -25.12
CA GLN K 29 17.63 1.28 -25.59
C GLN K 29 17.63 1.16 -27.10
N PHE K 30 18.52 1.84 -27.79
CA PHE K 30 18.46 1.78 -29.25
C PHE K 30 19.63 1.03 -29.93
N HIS K 31 19.39 0.63 -31.18
CA HIS K 31 20.38 -0.08 -31.99
C HIS K 31 19.93 -0.04 -33.45
N PRO K 32 20.83 0.24 -34.39
CA PRO K 32 22.27 0.44 -34.16
C PRO K 32 22.59 1.83 -33.52
N PRO K 33 23.86 2.12 -33.27
CA PRO K 33 24.26 3.39 -32.60
C PRO K 33 24.13 4.71 -33.40
N HIS K 34 24.08 4.69 -34.72
CA HIS K 34 23.80 5.92 -35.46
C HIS K 34 22.41 6.52 -35.13
N ILE K 35 22.41 7.77 -34.70
CA ILE K 35 21.18 8.47 -34.34
C ILE K 35 21.38 9.97 -34.52
N GLU K 36 20.30 10.70 -34.78
CA GLU K 36 20.35 12.15 -34.74
C GLU K 36 19.34 12.65 -33.72
N ILE K 37 19.77 13.54 -32.86
CA ILE K 37 18.93 14.09 -31.83
C ILE K 37 18.98 15.59 -31.92
N GLN K 38 17.83 16.20 -31.72
CA GLN K 38 17.62 17.63 -31.97
C GLN K 38 16.64 18.11 -30.92
N MET K 39 16.96 19.20 -30.25
CA MET K 39 16.08 19.79 -29.26
C MET K 39 15.45 21.05 -29.85
N LEU K 40 14.14 21.18 -29.65
CA LEU K 40 13.30 22.22 -30.26
C LEU K 40 12.61 23.09 -29.18
N LYS K 41 12.55 24.40 -29.43
CA LYS K 41 11.87 25.34 -28.57
C LYS K 41 10.85 26.05 -29.45
N ASN K 42 9.56 25.91 -29.12
CA ASN K 42 8.51 26.50 -29.94
C ASN K 42 8.64 26.06 -31.40
N GLY K 43 9.02 24.80 -31.59
CA GLY K 43 9.15 24.17 -32.92
C GLY K 43 10.40 24.56 -33.72
N LYS K 44 11.30 25.35 -33.12
CA LYS K 44 12.56 25.78 -33.76
C LYS K 44 13.81 25.16 -33.04
N LYS K 45 14.71 24.59 -33.86
CA LYS K 45 16.02 24.07 -33.47
C LYS K 45 16.78 24.98 -32.51
N ILE K 46 17.07 24.47 -31.31
CA ILE K 46 17.92 25.15 -30.33
C ILE K 46 19.40 24.95 -30.78
N PRO K 47 20.11 26.05 -31.07
CA PRO K 47 21.43 25.98 -31.72
C PRO K 47 22.59 25.28 -30.98
N LYS K 48 22.64 25.35 -29.65
CA LYS K 48 23.81 24.80 -28.92
C LYS K 48 23.37 23.77 -27.88
N VAL K 49 23.37 22.53 -28.33
CA VAL K 49 22.84 21.43 -27.58
C VAL K 49 24.01 20.49 -27.29
N GLU K 50 24.23 20.25 -26.01
CA GLU K 50 25.32 19.42 -25.54
C GLU K 50 24.89 17.99 -25.79
N MET K 51 25.82 17.17 -26.26
CA MET K 51 25.57 15.77 -26.57
C MET K 51 26.68 14.93 -25.95
N SER K 52 26.32 13.96 -25.10
CA SER K 52 27.30 13.05 -24.51
C SER K 52 27.77 12.08 -25.59
N ASP K 53 28.83 11.34 -25.31
CA ASP K 53 29.46 10.47 -26.28
C ASP K 53 28.77 9.12 -26.30
N MET K 54 28.99 8.35 -27.36
CA MET K 54 28.23 7.12 -27.54
C MET K 54 28.68 6.13 -26.49
N SER K 55 27.70 5.61 -25.76
CA SER K 55 27.96 4.60 -24.72
C SER K 55 26.94 3.51 -24.81
N PHE K 56 27.26 2.34 -24.27
CA PHE K 56 26.29 1.29 -24.20
C PHE K 56 26.28 0.63 -22.80
N SER K 57 25.15 0.05 -22.43
CA SER K 57 24.97 -0.62 -21.14
C SER K 57 25.21 -2.09 -21.29
N LYS K 58 25.20 -2.78 -20.16
CA LYS K 58 25.49 -4.20 -20.09
C LYS K 58 24.52 -5.12 -20.84
N ASP K 59 23.36 -4.59 -21.24
CA ASP K 59 22.45 -5.33 -22.12
C ASP K 59 22.73 -5.07 -23.62
N TRP K 60 23.77 -4.27 -23.89
CA TRP K 60 24.33 -4.00 -25.24
C TRP K 60 23.69 -2.81 -25.95
N SER K 61 22.63 -2.29 -25.38
CA SER K 61 21.87 -1.22 -25.99
C SER K 61 22.55 0.13 -25.71
N PHE K 62 22.38 1.05 -26.64
CA PHE K 62 23.10 2.31 -26.62
C PHE K 62 22.25 3.37 -25.96
N TYR K 63 22.88 4.47 -25.59
CA TYR K 63 22.16 5.55 -24.88
C TYR K 63 22.94 6.83 -25.01
N ILE K 64 22.23 7.94 -24.95
CA ILE K 64 22.81 9.26 -25.11
C ILE K 64 22.01 10.24 -24.31
N LEU K 65 22.69 11.19 -23.72
CA LEU K 65 22.06 12.30 -23.02
C LEU K 65 22.33 13.59 -23.79
N ALA K 66 21.28 14.25 -24.25
CA ALA K 66 21.36 15.59 -24.80
C ALA K 66 20.84 16.58 -23.76
N HIS K 67 21.39 17.76 -23.72
CA HIS K 67 20.89 18.72 -22.77
C HIS K 67 21.21 20.11 -23.22
N THR K 68 20.45 21.06 -22.70
CA THR K 68 20.65 22.47 -23.01
C THR K 68 20.23 23.29 -21.82
N GLU K 69 20.94 24.39 -21.55
CA GLU K 69 20.53 25.36 -20.54
C GLU K 69 19.34 26.09 -21.08
N PHE K 70 18.40 26.42 -20.20
CA PHE K 70 17.22 27.16 -20.61
C PHE K 70 16.53 27.76 -19.41
N THR K 71 15.65 28.72 -19.70
CA THR K 71 14.86 29.37 -18.67
C THR K 71 13.40 29.27 -19.06
N PRO K 72 12.65 28.43 -18.39
CA PRO K 72 11.26 28.20 -18.78
C PRO K 72 10.39 29.43 -18.51
N THR K 73 9.44 29.62 -19.40
CA THR K 73 8.37 30.55 -19.18
C THR K 73 7.04 29.81 -19.23
N GLU K 74 6.02 30.46 -18.70
CA GLU K 74 4.63 30.04 -18.88
C GLU K 74 4.33 29.36 -20.24
N THR K 75 4.70 29.98 -21.35
CA THR K 75 4.15 29.69 -22.69
C THR K 75 5.06 28.87 -23.66
N ASP K 76 6.36 28.84 -23.40
CA ASP K 76 7.30 28.10 -24.26
C ASP K 76 7.08 26.61 -24.14
N THR K 77 7.07 25.92 -25.28
CA THR K 77 7.11 24.47 -25.27
C THR K 77 8.38 23.99 -25.94
N TYR K 78 8.80 22.78 -25.57
CA TYR K 78 10.06 22.20 -25.96
C TYR K 78 9.83 20.76 -26.34
N ALA K 79 10.64 20.25 -27.26
CA ALA K 79 10.60 18.86 -27.67
C ALA K 79 11.99 18.28 -27.97
N CYS K 80 12.03 16.96 -28.08
CA CYS K 80 13.20 16.27 -28.55
C CYS K 80 12.82 15.49 -29.80
N ARG K 81 13.57 15.70 -30.87
CA ARG K 81 13.30 15.05 -32.16
C ARG K 81 14.41 14.03 -32.45
N VAL K 82 14.02 12.78 -32.65
CA VAL K 82 14.96 11.69 -32.81
C VAL K 82 14.76 11.06 -34.18
N LYS K 83 15.80 11.08 -35.00
CA LYS K 83 15.90 10.32 -36.25
C LYS K 83 16.74 9.05 -36.00
N HIS K 84 16.14 7.91 -36.23
CA HIS K 84 16.82 6.61 -36.10
C HIS K 84 16.26 5.64 -37.16
N ASP K 85 17.05 4.65 -37.54
CA ASP K 85 16.69 3.76 -38.65
C ASP K 85 15.53 2.81 -38.30
N SER K 86 15.32 2.60 -36.99
CA SER K 86 14.16 1.88 -36.46
C SER K 86 12.81 2.53 -36.75
N MET K 87 12.80 3.77 -37.20
CA MET K 87 11.54 4.50 -37.45
C MET K 87 11.64 5.17 -38.80
N ALA K 88 10.62 4.94 -39.62
CA ALA K 88 10.51 5.60 -40.91
C ALA K 88 10.53 7.13 -40.79
N GLU K 89 9.88 7.69 -39.77
CA GLU K 89 9.90 9.14 -39.58
C GLU K 89 10.54 9.51 -38.28
N PRO K 90 10.98 10.76 -38.17
CA PRO K 90 11.48 11.26 -36.90
C PRO K 90 10.37 11.28 -35.86
N LYS K 91 10.71 10.91 -34.63
CA LYS K 91 9.78 10.89 -33.50
C LYS K 91 10.03 12.13 -32.66
N THR K 92 8.98 12.88 -32.35
CA THR K 92 9.08 14.07 -31.48
C THR K 92 8.36 13.82 -30.16
N VAL K 93 9.06 13.99 -29.04
CA VAL K 93 8.41 13.92 -27.74
C VAL K 93 8.56 15.28 -27.04
N TYR K 94 7.40 15.77 -26.65
CA TYR K 94 7.22 17.08 -26.05
C TYR K 94 7.51 16.96 -24.57
N TRP K 95 8.19 17.96 -24.05
CA TRP K 95 8.41 18.09 -22.63
C TRP K 95 7.08 18.27 -21.93
N ASP K 96 6.74 17.32 -21.07
CA ASP K 96 5.69 17.47 -20.07
C ASP K 96 6.38 17.85 -18.74
N ARG K 97 6.07 19.02 -18.20
CA ARG K 97 6.87 19.52 -17.05
C ARG K 97 6.62 18.82 -15.70
N ASP K 98 5.59 17.99 -15.62
CA ASP K 98 5.42 17.07 -14.50
C ASP K 98 6.27 15.81 -14.71
N MET K 99 6.34 15.39 -15.98
CA MET K 99 6.96 14.15 -16.49
C MET K 99 5.88 13.09 -16.80
N LYS L 1 44.68 -0.65 -17.88
CA LYS L 1 45.21 -1.02 -19.23
C LYS L 1 44.31 -2.04 -19.96
N ALA L 2 44.24 -1.89 -21.27
CA ALA L 2 43.25 -2.62 -22.05
C ALA L 2 43.83 -3.94 -22.51
N LEU L 3 43.01 -4.64 -23.27
CA LEU L 3 43.24 -6.00 -23.74
C LEU L 3 43.69 -5.96 -25.18
N TYR L 4 44.61 -6.84 -25.55
CA TYR L 4 44.71 -7.29 -26.94
C TYR L 4 43.89 -8.55 -27.03
N ASN L 5 43.00 -8.62 -27.99
CA ASN L 5 42.29 -9.85 -28.25
C ASN L 5 43.17 -10.88 -28.95
N PHE L 6 42.73 -12.14 -28.91
CA PHE L 6 43.49 -13.27 -29.44
C PHE L 6 43.00 -13.56 -30.85
N ALA L 7 42.40 -14.73 -31.04
CA ALA L 7 41.83 -15.12 -32.32
C ALA L 7 40.68 -14.20 -32.70
N THR L 8 40.58 -13.84 -33.97
CA THR L 8 39.40 -13.19 -34.48
C THR L 8 38.17 -14.10 -34.43
N MET L 9 37.01 -13.50 -34.60
CA MET L 9 35.76 -14.23 -34.69
C MET L 9 35.85 -15.34 -35.75
#